data_5I1W
#
_entry.id   5I1W
#
_cell.length_a   63.110
_cell.length_b   95.200
_cell.length_c   98.040
_cell.angle_alpha   94.730
_cell.angle_beta   96.560
_cell.angle_gamma   105.200
#
_symmetry.space_group_name_H-M   'P 1'
#
loop_
_entity.id
_entity.type
_entity.pdbx_description
1 polymer CrmK
2 non-polymer 'FLAVIN-ADENINE DINUCLEOTIDE'
3 non-polymer "6-(hydroxymethyl)[2,2'-bipyridin]-4-ol"
4 non-polymer "4-hydroxy[2,2'-bipyridine]-6-carbaldehyde"
5 water water
#
_entity_poly.entity_id   1
_entity_poly.type   'polypeptide(L)'
_entity_poly.pdbx_seq_one_letter_code
;MPTRAAVTVKPDDHRYDLLARADNYRFVAQPEYFRLPYSTAQVVEAVSEAVAAGKRLTVRSGGHCGEAFVASPDVDVIVD
LSSMSHVGYDEERGAFEVEAGATVGQIYRVLYKNYGVTFPGGFCMGVGAGGHISGGGYGPLSRLLGLTVDYLHAVEVVVV
DAEGVVSTVVATREEDDPNRDLWWAHTGGGGGNFGVITRYWLRSPDAVGDAPEEALPRPPASFHVARVSWSWAELTEADY
VRLVSNFLDWQLRNCTVDSPNIGLYALLECFHRSAGHLAMHAQIPVDVPDAEERMSWFLAELNEGVAVAPSLTRRRLPWL
ATSQLLAIPDVGPGAIGVRRKVKSADLRGPHTREQLAAAYRHLSRADYHCPSAAMEYIAYGGRVNTVDPAATAVPRGASL
KTFYMVAWTDPDEDEEHLRWIREIYRDIHSATGGVPTPDEVNTGAYINYPDIDLADPEWNTSGVPWHTIYYGDNYPRLQE
IKSRWDPRNVFRHAFSIRPR
;
_entity_poly.pdbx_strand_id   A,B,C,D
#
loop_
_chem_comp.id
_chem_comp.type
_chem_comp.name
_chem_comp.formula
67K non-polymer 4-hydroxy[2,2'-bipyridine]-6-carbaldehyde 'C11 H8 N2 O2'
67L non-polymer 6-(hydroxymethyl)[2,2'-bipyridin]-4-ol 'C11 H10 N2 O2'
FAD non-polymer 'FLAVIN-ADENINE DINUCLEOTIDE' 'C27 H33 N9 O15 P2'
#
# COMPACT_ATOMS: atom_id res chain seq x y z
N THR A 3 3.41 -21.29 -36.37
CA THR A 3 3.44 -22.18 -35.19
C THR A 3 4.83 -22.06 -34.54
N ARG A 4 4.84 -21.91 -33.23
CA ARG A 4 6.04 -22.11 -32.40
C ARG A 4 6.74 -23.47 -32.67
N ALA A 5 8.07 -23.47 -32.72
CA ALA A 5 8.85 -24.70 -32.87
C ALA A 5 8.67 -25.72 -31.71
N ALA A 6 8.81 -26.98 -32.05
CA ALA A 6 8.66 -28.09 -31.14
C ALA A 6 9.68 -27.95 -30.02
N VAL A 7 9.26 -28.33 -28.81
CA VAL A 7 10.12 -28.26 -27.62
C VAL A 7 10.86 -29.55 -27.48
N THR A 8 12.13 -29.47 -27.13
CA THR A 8 12.92 -30.65 -26.87
C THR A 8 13.36 -30.56 -25.42
N VAL A 9 13.17 -31.63 -24.65
CA VAL A 9 13.43 -31.58 -23.22
C VAL A 9 14.43 -32.67 -22.91
N LYS A 10 15.65 -32.27 -22.58
CA LYS A 10 16.73 -33.19 -22.29
C LYS A 10 16.90 -33.30 -20.79
N PRO A 11 17.67 -34.29 -20.34
CA PRO A 11 17.80 -34.55 -18.89
C PRO A 11 18.30 -33.43 -18.02
N ASP A 12 18.95 -32.44 -18.64
CA ASP A 12 19.40 -31.23 -17.94
C ASP A 12 18.33 -30.14 -17.77
N ASP A 13 17.20 -30.28 -18.45
CA ASP A 13 16.10 -29.32 -18.38
C ASP A 13 15.25 -29.68 -17.20
N HIS A 14 14.77 -28.67 -16.50
CA HIS A 14 14.05 -28.90 -15.28
C HIS A 14 12.78 -29.69 -15.50
N ARG A 15 12.19 -29.54 -16.69
CA ARG A 15 10.95 -30.28 -17.03
C ARG A 15 11.08 -31.78 -17.21
N TYR A 16 12.31 -32.26 -17.47
CA TYR A 16 12.50 -33.66 -17.83
C TYR A 16 11.94 -34.59 -16.75
N ASP A 17 12.26 -34.35 -15.49
CA ASP A 17 11.80 -35.26 -14.42
C ASP A 17 10.28 -35.27 -14.28
N LEU A 18 9.63 -34.19 -14.62
CA LEU A 18 8.16 -34.23 -14.59
C LEU A 18 7.58 -35.04 -15.75
N LEU A 19 8.06 -34.78 -16.96
CA LEU A 19 7.67 -35.55 -18.14
C LEU A 19 7.96 -37.06 -18.07
N ALA A 20 9.01 -37.42 -17.33
CA ALA A 20 9.31 -38.78 -17.08
C ALA A 20 8.24 -39.51 -16.25
N ARG A 21 7.35 -38.78 -15.60
CA ARG A 21 6.39 -39.36 -14.69
C ARG A 21 4.99 -39.20 -15.25
N ALA A 22 4.19 -40.26 -15.21
CA ALA A 22 2.78 -40.16 -15.59
C ALA A 22 1.91 -40.84 -14.52
N ASP A 23 0.76 -41.37 -14.93
CA ASP A 23 -0.21 -41.83 -13.97
C ASP A 23 0.27 -43.01 -13.11
N ASN A 24 1.19 -43.84 -13.64
CA ASN A 24 1.75 -44.96 -12.87
C ASN A 24 3.22 -44.69 -12.47
N TYR A 25 3.47 -44.40 -11.19
CA TYR A 25 4.82 -44.12 -10.69
C TYR A 25 5.74 -45.32 -10.63
N ARG A 26 5.27 -46.51 -10.89
CA ARG A 26 6.22 -47.60 -11.04
C ARG A 26 7.09 -47.48 -12.25
N PHE A 27 6.65 -46.72 -13.26
CA PHE A 27 7.38 -46.67 -14.51
C PHE A 27 7.80 -45.28 -14.77
N VAL A 28 9.08 -45.03 -14.63
CA VAL A 28 9.64 -43.72 -14.82
C VAL A 28 10.45 -43.83 -16.10
N ALA A 29 10.19 -42.93 -17.04
CA ALA A 29 10.79 -43.01 -18.38
C ALA A 29 12.16 -42.38 -18.31
N GLN A 30 13.11 -42.82 -19.12
CA GLN A 30 14.38 -42.10 -19.21
C GLN A 30 14.85 -41.94 -20.64
N PRO A 31 14.06 -41.30 -21.48
CA PRO A 31 14.58 -41.17 -22.84
C PRO A 31 15.77 -40.24 -22.99
N GLU A 32 16.36 -40.25 -24.18
CA GLU A 32 17.36 -39.24 -24.54
C GLU A 32 16.69 -37.85 -24.54
N TYR A 33 15.46 -37.74 -25.03
CA TYR A 33 14.68 -36.51 -24.86
C TYR A 33 13.20 -36.74 -25.04
N PHE A 34 12.42 -35.79 -24.53
CA PHE A 34 11.02 -35.68 -24.83
C PHE A 34 10.89 -34.63 -25.93
N ARG A 35 10.06 -34.93 -26.92
CA ARG A 35 9.70 -33.95 -27.95
C ARG A 35 8.23 -33.55 -27.76
N LEU A 36 7.95 -32.26 -27.62
CA LEU A 36 6.56 -31.78 -27.51
C LEU A 36 6.14 -31.02 -28.77
N PRO A 37 5.41 -31.66 -29.71
CA PRO A 37 5.07 -30.96 -30.94
C PRO A 37 3.71 -30.21 -30.87
N TYR A 38 3.56 -29.27 -31.80
CA TYR A 38 2.39 -28.37 -31.87
C TYR A 38 1.55 -28.62 -33.11
N SER A 39 2.06 -29.36 -34.09
CA SER A 39 1.34 -29.58 -35.30
C SER A 39 1.72 -30.92 -35.86
N THR A 40 0.91 -31.40 -36.79
CA THR A 40 1.17 -32.66 -37.45
C THR A 40 2.57 -32.73 -38.12
N ALA A 41 2.98 -31.63 -38.77
CA ALA A 41 4.27 -31.53 -39.44
C ALA A 41 5.39 -31.66 -38.42
N GLN A 42 5.20 -31.18 -37.20
CA GLN A 42 6.22 -31.44 -36.20
C GLN A 42 6.27 -32.87 -35.71
N VAL A 43 5.14 -33.59 -35.69
CA VAL A 43 5.16 -35.02 -35.41
C VAL A 43 5.92 -35.74 -36.52
N VAL A 44 5.66 -35.39 -37.77
CA VAL A 44 6.42 -35.94 -38.87
C VAL A 44 7.93 -35.84 -38.68
N GLU A 45 8.38 -34.63 -38.39
CA GLU A 45 9.78 -34.33 -38.18
C GLU A 45 10.31 -35.16 -37.02
N ALA A 46 9.57 -35.22 -35.91
CA ALA A 46 10.02 -36.03 -34.80
C ALA A 46 10.19 -37.49 -35.14
N VAL A 47 9.23 -38.08 -35.85
CA VAL A 47 9.33 -39.47 -36.18
C VAL A 47 10.42 -39.76 -37.21
N SER A 48 10.59 -38.85 -38.17
CA SER A 48 11.50 -39.10 -39.23
C SER A 48 12.95 -39.03 -38.67
N GLU A 49 13.26 -38.08 -37.78
CA GLU A 49 14.53 -38.09 -37.02
C GLU A 49 14.80 -39.40 -36.33
N ALA A 50 13.80 -39.92 -35.62
CA ALA A 50 14.00 -41.16 -34.87
C ALA A 50 14.20 -42.33 -35.80
N VAL A 51 13.43 -42.35 -36.88
CA VAL A 51 13.51 -43.42 -37.84
C VAL A 51 14.88 -43.43 -38.58
N ALA A 52 15.37 -42.26 -38.96
CA ALA A 52 16.63 -42.18 -39.72
C ALA A 52 17.75 -42.85 -38.90
N ALA A 53 17.81 -42.55 -37.62
CA ALA A 53 18.89 -43.05 -36.79
C ALA A 53 18.56 -44.32 -36.01
N GLY A 54 17.44 -44.97 -36.31
CA GLY A 54 17.13 -46.24 -35.69
C GLY A 54 16.68 -46.21 -34.25
N LYS A 55 16.25 -45.04 -33.79
CA LYS A 55 15.89 -44.82 -32.42
C LYS A 55 14.53 -45.34 -32.15
N ARG A 56 14.41 -45.88 -30.93
CA ARG A 56 13.19 -46.39 -30.40
C ARG A 56 12.33 -45.22 -29.89
N LEU A 57 11.15 -45.10 -30.52
CA LEU A 57 10.20 -44.02 -30.34
C LEU A 57 8.90 -44.54 -29.75
N THR A 58 8.34 -43.83 -28.79
CA THR A 58 6.98 -44.08 -28.34
C THR A 58 6.29 -42.77 -28.14
N VAL A 59 4.97 -42.83 -28.05
CA VAL A 59 4.10 -41.69 -27.93
C VAL A 59 3.33 -41.71 -26.66
N ARG A 60 3.13 -40.53 -26.11
CA ARG A 60 2.31 -40.39 -24.94
C ARG A 60 1.25 -39.35 -25.20
N SER A 61 0.02 -39.65 -24.85
CA SER A 61 -1.03 -38.66 -24.90
C SER A 61 -1.42 -38.27 -23.50
N GLY A 62 -2.21 -39.10 -22.85
CA GLY A 62 -2.62 -38.78 -21.48
C GLY A 62 -1.76 -39.38 -20.39
N GLY A 63 -0.84 -40.28 -20.69
CA GLY A 63 -0.05 -40.87 -19.63
C GLY A 63 -0.77 -41.92 -18.78
N HIS A 64 -1.93 -42.44 -19.22
CA HIS A 64 -2.65 -43.45 -18.42
C HIS A 64 -2.37 -44.92 -18.61
N CYS A 65 -1.34 -45.26 -19.42
CA CYS A 65 -1.04 -46.66 -19.65
C CYS A 65 -0.90 -47.40 -18.32
N GLY A 66 -1.54 -48.57 -18.27
CA GLY A 66 -1.45 -49.45 -17.10
C GLY A 66 -0.07 -50.08 -17.01
N GLU A 67 0.65 -50.17 -18.14
CA GLU A 67 1.99 -50.81 -18.13
C GLU A 67 3.09 -49.86 -18.60
N ALA A 68 4.29 -50.40 -18.83
CA ALA A 68 5.45 -49.63 -19.21
C ALA A 68 5.59 -49.46 -20.76
N PHE A 69 4.50 -49.37 -21.47
CA PHE A 69 4.54 -49.34 -22.93
C PHE A 69 5.22 -48.10 -23.48
N VAL A 70 4.93 -46.96 -22.89
CA VAL A 70 5.54 -45.72 -23.23
C VAL A 70 6.88 -45.56 -22.52
N ALA A 71 6.95 -45.96 -21.25
CA ALA A 71 8.02 -45.52 -20.34
C ALA A 71 9.13 -46.53 -20.08
N SER A 72 9.19 -47.59 -20.86
CA SER A 72 10.31 -48.52 -20.87
C SER A 72 11.70 -47.86 -20.84
N PRO A 73 12.62 -48.41 -20.05
CA PRO A 73 13.92 -47.77 -20.01
C PRO A 73 14.68 -47.86 -21.33
N ASP A 74 14.28 -48.75 -22.25
CA ASP A 74 14.96 -48.70 -23.55
C ASP A 74 14.31 -47.82 -24.59
N VAL A 75 13.38 -46.95 -24.20
CA VAL A 75 12.83 -45.99 -25.14
C VAL A 75 13.76 -44.81 -25.24
N ASP A 76 14.04 -44.34 -26.47
CA ASP A 76 15.06 -43.30 -26.69
C ASP A 76 14.42 -41.97 -26.83
N VAL A 77 13.28 -41.94 -27.49
CA VAL A 77 12.55 -40.73 -27.72
C VAL A 77 11.12 -40.90 -27.37
N ILE A 78 10.58 -39.95 -26.62
CA ILE A 78 9.18 -39.91 -26.30
C ILE A 78 8.54 -38.67 -26.83
N VAL A 79 7.55 -38.85 -27.69
CA VAL A 79 6.79 -37.75 -28.27
C VAL A 79 5.54 -37.56 -27.40
N ASP A 80 5.48 -36.45 -26.68
CA ASP A 80 4.37 -36.13 -25.79
C ASP A 80 3.44 -35.18 -26.53
N LEU A 81 2.18 -35.60 -26.70
CA LEU A 81 1.20 -34.85 -27.46
C LEU A 81 0.31 -33.96 -26.58
N SER A 82 0.70 -33.74 -25.34
CA SER A 82 -0.15 -32.98 -24.41
C SER A 82 -0.38 -31.56 -24.86
N SER A 83 0.46 -31.02 -25.71
CA SER A 83 0.19 -29.69 -26.28
C SER A 83 -0.60 -29.69 -27.59
N MET A 84 -1.08 -30.82 -28.04
CA MET A 84 -2.04 -30.83 -29.16
C MET A 84 -3.34 -31.34 -28.59
N SER A 85 -4.15 -30.40 -28.12
CA SER A 85 -5.39 -30.72 -27.39
C SER A 85 -6.63 -29.98 -27.93
N HIS A 86 -6.55 -29.42 -29.11
CA HIS A 86 -7.71 -28.78 -29.68
C HIS A 86 -8.90 -29.78 -29.85
N VAL A 87 -10.10 -29.26 -29.59
CA VAL A 87 -11.36 -29.94 -29.81
C VAL A 87 -12.25 -28.90 -30.48
N GLY A 88 -12.83 -29.21 -31.62
CA GLY A 88 -13.57 -28.25 -32.46
C GLY A 88 -14.40 -29.03 -33.48
N TYR A 89 -15.39 -28.42 -34.08
CA TYR A 89 -16.14 -29.06 -35.13
C TYR A 89 -15.45 -28.73 -36.43
N ASP A 90 -15.31 -29.73 -37.30
CA ASP A 90 -14.72 -29.56 -38.60
C ASP A 90 -15.86 -29.63 -39.65
N GLU A 91 -16.19 -28.47 -40.23
CA GLU A 91 -17.33 -28.33 -41.17
C GLU A 91 -17.08 -28.97 -42.50
N GLU A 92 -15.86 -28.99 -42.97
CA GLU A 92 -15.59 -29.68 -44.22
C GLU A 92 -16.00 -31.14 -44.09
N ARG A 93 -15.68 -31.77 -42.95
CA ARG A 93 -16.01 -33.20 -42.78
C ARG A 93 -17.31 -33.45 -42.08
N GLY A 94 -17.94 -32.46 -41.44
CA GLY A 94 -19.17 -32.75 -40.74
C GLY A 94 -18.88 -33.55 -39.46
N ALA A 95 -17.77 -33.28 -38.79
CA ALA A 95 -17.38 -34.12 -37.65
C ALA A 95 -16.56 -33.32 -36.70
N PHE A 96 -16.58 -33.73 -35.44
CA PHE A 96 -15.80 -33.12 -34.38
C PHE A 96 -14.37 -33.65 -34.45
N GLU A 97 -13.43 -32.75 -34.45
CA GLU A 97 -12.05 -33.07 -34.57
C GLU A 97 -11.48 -33.03 -33.16
N VAL A 98 -10.72 -34.04 -32.83
CA VAL A 98 -10.17 -34.21 -31.50
C VAL A 98 -8.69 -34.53 -31.61
N GLU A 99 -7.82 -33.59 -31.26
CA GLU A 99 -6.40 -33.86 -31.24
C GLU A 99 -6.09 -34.85 -30.15
N ALA A 100 -5.07 -35.66 -30.39
CA ALA A 100 -4.88 -36.84 -29.63
C ALA A 100 -4.51 -36.56 -28.18
N GLY A 101 -3.94 -35.41 -27.90
CA GLY A 101 -3.60 -35.04 -26.51
C GLY A 101 -4.72 -34.33 -25.77
N ALA A 102 -5.91 -34.29 -26.33
CA ALA A 102 -7.06 -33.85 -25.56
C ALA A 102 -7.39 -34.98 -24.54
N THR A 103 -7.80 -34.58 -23.36
CA THR A 103 -8.23 -35.52 -22.33
C THR A 103 -9.77 -35.62 -22.34
N VAL A 104 -10.28 -36.80 -22.00
CA VAL A 104 -11.74 -37.05 -22.04
C VAL A 104 -12.57 -36.00 -21.31
N GLY A 105 -12.11 -35.53 -20.17
CA GLY A 105 -12.88 -34.63 -19.34
C GLY A 105 -13.05 -33.30 -20.05
N GLN A 106 -12.02 -32.87 -20.73
CA GLN A 106 -12.08 -31.61 -21.43
C GLN A 106 -12.98 -31.79 -22.64
N ILE A 107 -12.85 -32.92 -23.31
CA ILE A 107 -13.66 -33.20 -24.49
C ILE A 107 -15.16 -33.14 -24.16
N TYR A 108 -15.58 -33.80 -23.06
CA TYR A 108 -16.95 -33.84 -22.71
C TYR A 108 -17.46 -32.44 -22.49
N ARG A 109 -16.65 -31.57 -21.85
CA ARG A 109 -17.10 -30.24 -21.48
C ARG A 109 -17.31 -29.42 -22.71
N VAL A 110 -16.34 -29.46 -23.61
CA VAL A 110 -16.40 -28.62 -24.80
C VAL A 110 -17.55 -29.07 -25.69
N LEU A 111 -17.67 -30.37 -25.97
CA LEU A 111 -18.74 -30.86 -26.84
C LEU A 111 -20.10 -30.53 -26.30
N TYR A 112 -20.26 -30.71 -24.98
CA TYR A 112 -21.54 -30.57 -24.39
C TYR A 112 -22.00 -29.13 -24.22
N LYS A 113 -21.19 -28.31 -23.56
CA LYS A 113 -21.54 -26.90 -23.39
C LYS A 113 -21.69 -26.17 -24.73
N ASN A 114 -20.84 -26.44 -25.68
CA ASN A 114 -20.87 -25.64 -26.91
C ASN A 114 -21.90 -26.14 -27.92
N TYR A 115 -22.17 -27.42 -27.90
CA TYR A 115 -23.01 -28.01 -28.92
C TYR A 115 -24.12 -28.86 -28.39
N GLY A 116 -24.09 -29.22 -27.11
CA GLY A 116 -25.11 -30.09 -26.52
C GLY A 116 -25.01 -31.57 -26.87
N VAL A 117 -23.85 -32.04 -27.30
CA VAL A 117 -23.68 -33.43 -27.67
C VAL A 117 -22.65 -34.11 -26.80
N THR A 118 -22.56 -35.42 -26.96
CA THR A 118 -21.53 -36.15 -26.36
C THR A 118 -21.19 -37.43 -27.14
N PHE A 119 -20.17 -38.13 -26.67
CA PHE A 119 -19.84 -39.47 -27.17
C PHE A 119 -19.45 -40.35 -25.98
N PRO A 120 -19.58 -41.67 -26.14
CA PRO A 120 -19.52 -42.55 -24.98
C PRO A 120 -18.15 -43.06 -24.55
N GLY A 121 -17.33 -42.20 -24.02
CA GLY A 121 -16.03 -42.61 -23.55
C GLY A 121 -16.05 -42.92 -22.08
N GLY A 122 -14.89 -42.93 -21.49
CA GLY A 122 -14.70 -43.38 -20.14
C GLY A 122 -14.95 -42.26 -19.15
N PHE A 123 -14.94 -42.65 -17.88
CA PHE A 123 -15.21 -41.73 -16.82
C PHE A 123 -13.93 -41.27 -16.11
N CYS A 124 -12.74 -41.56 -16.61
CA CYS A 124 -11.59 -40.98 -15.92
C CYS A 124 -11.09 -39.74 -16.66
N MET A 125 -10.78 -38.67 -15.91
CA MET A 125 -10.69 -37.29 -16.46
C MET A 125 -9.46 -36.91 -17.27
N GLY A 126 -8.30 -37.42 -16.82
CA GLY A 126 -7.00 -37.14 -17.45
C GLY A 126 -6.58 -38.14 -18.52
N VAL A 127 -7.48 -39.06 -18.87
CA VAL A 127 -7.26 -40.02 -19.90
C VAL A 127 -7.19 -39.33 -21.29
N GLY A 128 -6.20 -39.70 -22.10
CA GLY A 128 -5.91 -39.00 -23.35
C GLY A 128 -6.69 -39.68 -24.46
N ALA A 129 -7.04 -38.95 -25.52
CA ALA A 129 -7.82 -39.54 -26.56
C ALA A 129 -6.94 -40.55 -27.30
N GLY A 130 -5.66 -40.23 -27.40
CA GLY A 130 -4.71 -41.08 -28.09
C GLY A 130 -4.88 -42.56 -27.80
N GLY A 131 -4.66 -42.94 -26.54
CA GLY A 131 -4.78 -44.37 -26.17
C GLY A 131 -6.19 -44.88 -25.93
N HIS A 132 -7.04 -43.97 -25.46
CA HIS A 132 -8.36 -44.37 -25.11
C HIS A 132 -9.15 -44.80 -26.34
N ILE A 133 -9.26 -43.94 -27.38
CA ILE A 133 -10.20 -44.22 -28.47
C ILE A 133 -9.76 -45.45 -29.28
N SER A 134 -8.51 -45.46 -29.70
CA SER A 134 -7.96 -46.56 -30.49
C SER A 134 -8.12 -47.94 -29.89
N GLY A 135 -8.09 -48.02 -28.57
CA GLY A 135 -8.31 -49.31 -27.92
C GLY A 135 -9.72 -49.78 -27.68
N GLY A 136 -10.70 -48.99 -28.07
CA GLY A 136 -12.10 -49.36 -27.90
C GLY A 136 -12.76 -48.83 -26.63
N GLY A 137 -12.54 -47.55 -26.35
CA GLY A 137 -13.12 -46.82 -25.24
C GLY A 137 -14.60 -47.00 -24.95
N TYR A 138 -14.88 -47.29 -23.69
CA TYR A 138 -16.25 -47.42 -23.22
C TYR A 138 -16.47 -46.63 -21.91
N GLY A 139 -17.72 -46.40 -21.57
CA GLY A 139 -18.08 -45.95 -20.22
C GLY A 139 -19.56 -45.99 -20.01
N PRO A 140 -20.07 -45.17 -19.07
CA PRO A 140 -21.45 -45.27 -18.51
C PRO A 140 -22.55 -45.15 -19.53
N LEU A 141 -22.29 -44.46 -20.63
CA LEU A 141 -23.29 -44.34 -21.72
C LEU A 141 -23.19 -45.43 -22.81
N SER A 142 -22.27 -46.37 -22.65
CA SER A 142 -22.07 -47.36 -23.71
C SER A 142 -23.32 -48.25 -23.95
N ARG A 143 -24.01 -48.62 -22.87
CA ARG A 143 -25.24 -49.40 -22.99
C ARG A 143 -26.28 -48.75 -23.91
N LEU A 144 -26.37 -47.45 -23.91
CA LEU A 144 -27.30 -46.75 -24.73
C LEU A 144 -26.70 -46.33 -26.08
N LEU A 145 -25.39 -46.00 -26.11
CA LEU A 145 -24.77 -45.32 -27.29
C LEU A 145 -23.68 -46.14 -27.95
N GLY A 146 -23.30 -47.26 -27.34
CA GLY A 146 -22.19 -48.05 -27.86
C GLY A 146 -20.79 -47.61 -27.41
N LEU A 147 -19.79 -47.93 -28.24
CA LEU A 147 -18.39 -47.63 -27.92
C LEU A 147 -17.93 -46.37 -28.63
N THR A 148 -16.85 -45.78 -28.14
CA THR A 148 -16.31 -44.59 -28.76
C THR A 148 -16.06 -44.85 -30.23
N VAL A 149 -15.51 -46.02 -30.53
CA VAL A 149 -15.09 -46.33 -31.88
C VAL A 149 -16.27 -46.46 -32.87
N ASP A 150 -17.49 -46.57 -32.38
CA ASP A 150 -18.67 -46.63 -33.22
C ASP A 150 -18.96 -45.25 -33.77
N TYR A 151 -18.30 -44.22 -33.21
CA TYR A 151 -18.37 -42.88 -33.70
C TYR A 151 -17.14 -42.38 -34.43
N LEU A 152 -16.23 -43.26 -34.85
CA LEU A 152 -14.99 -42.84 -35.43
C LEU A 152 -15.12 -42.71 -36.94
N HIS A 153 -15.20 -41.48 -37.39
CA HIS A 153 -15.43 -41.21 -38.78
C HIS A 153 -14.12 -41.28 -39.53
N ALA A 154 -13.04 -40.80 -38.91
CA ALA A 154 -11.75 -40.69 -39.54
C ALA A 154 -10.65 -40.58 -38.49
N VAL A 155 -9.43 -40.93 -38.88
CA VAL A 155 -8.28 -40.74 -38.03
C VAL A 155 -7.13 -40.26 -38.93
N GLU A 156 -6.25 -39.37 -38.42
CA GLU A 156 -5.06 -38.94 -39.10
C GLU A 156 -3.88 -39.53 -38.34
N VAL A 157 -3.00 -40.24 -39.06
CA VAL A 157 -1.98 -41.06 -38.49
C VAL A 157 -0.66 -40.80 -39.19
N VAL A 158 0.40 -40.61 -38.40
CA VAL A 158 1.73 -40.53 -38.95
C VAL A 158 2.33 -41.96 -39.03
N VAL A 159 2.66 -42.39 -40.24
CA VAL A 159 3.14 -43.75 -40.57
C VAL A 159 4.50 -43.77 -41.24
N VAL A 160 5.14 -44.95 -41.25
CA VAL A 160 6.51 -45.12 -41.71
C VAL A 160 6.56 -46.31 -42.65
N ASP A 161 6.97 -46.13 -43.91
CA ASP A 161 6.95 -47.26 -44.87
C ASP A 161 8.25 -48.00 -44.81
N ALA A 162 8.37 -49.06 -45.58
CA ALA A 162 9.52 -49.97 -45.51
C ALA A 162 10.88 -49.33 -45.83
N GLU A 163 10.95 -48.29 -46.68
CA GLU A 163 12.23 -47.54 -46.88
C GLU A 163 12.41 -46.33 -45.94
N GLY A 164 11.76 -46.33 -44.79
CA GLY A 164 11.90 -45.22 -43.85
C GLY A 164 11.25 -43.91 -44.24
N VAL A 165 10.36 -43.89 -45.24
CA VAL A 165 9.65 -42.67 -45.61
C VAL A 165 8.42 -42.47 -44.71
N VAL A 166 8.35 -41.31 -44.06
CA VAL A 166 7.29 -40.94 -43.11
C VAL A 166 6.19 -40.12 -43.79
N SER A 167 4.95 -40.57 -43.71
CA SER A 167 3.82 -39.76 -44.16
C SER A 167 2.70 -39.63 -43.14
N THR A 168 1.81 -38.69 -43.43
CA THR A 168 0.59 -38.42 -42.68
C THR A 168 -0.55 -38.83 -43.53
N VAL A 169 -1.32 -39.78 -43.05
CA VAL A 169 -2.48 -40.22 -43.80
C VAL A 169 -3.78 -40.09 -43.01
N VAL A 170 -4.81 -39.68 -43.74
CA VAL A 170 -6.13 -39.71 -43.18
C VAL A 170 -6.87 -40.95 -43.65
N ALA A 171 -7.36 -41.75 -42.71
CA ALA A 171 -8.07 -42.99 -43.04
C ALA A 171 -9.48 -42.84 -42.53
N THR A 172 -10.47 -43.15 -43.36
CA THR A 172 -11.85 -42.95 -43.00
C THR A 172 -12.60 -44.24 -43.06
N ARG A 173 -13.79 -44.21 -42.50
CA ARG A 173 -14.69 -45.33 -42.56
C ARG A 173 -15.55 -45.45 -43.81
N GLU A 174 -15.45 -44.50 -44.75
CA GLU A 174 -16.23 -44.59 -45.99
C GLU A 174 -15.88 -45.85 -46.72
N GLU A 175 -16.87 -46.46 -47.35
CA GLU A 175 -16.68 -47.77 -47.95
C GLU A 175 -15.59 -47.87 -49.00
N ASP A 176 -15.41 -46.82 -49.77
CA ASP A 176 -14.41 -46.87 -50.84
C ASP A 176 -13.03 -46.30 -50.43
N ASP A 177 -12.89 -45.79 -49.20
CA ASP A 177 -11.61 -45.20 -48.70
C ASP A 177 -10.45 -46.20 -48.93
N PRO A 178 -9.47 -45.86 -49.75
CA PRO A 178 -8.39 -46.83 -49.96
C PRO A 178 -7.61 -47.15 -48.67
N ASN A 179 -7.70 -46.31 -47.64
CA ASN A 179 -6.97 -46.56 -46.40
C ASN A 179 -7.88 -47.15 -45.34
N ARG A 180 -9.01 -47.69 -45.79
CA ARG A 180 -10.01 -48.18 -44.85
C ARG A 180 -9.47 -49.12 -43.78
N ASP A 181 -8.50 -49.95 -44.15
CA ASP A 181 -7.92 -50.91 -43.22
C ASP A 181 -7.24 -50.25 -42.01
N LEU A 182 -6.57 -49.14 -42.24
CA LEU A 182 -5.89 -48.41 -41.18
C LEU A 182 -6.95 -47.73 -40.30
N TRP A 183 -8.07 -47.32 -40.89
CA TRP A 183 -9.15 -46.88 -40.09
C TRP A 183 -9.63 -48.01 -39.13
N TRP A 184 -9.82 -49.22 -39.65
CA TRP A 184 -10.43 -50.34 -38.92
C TRP A 184 -9.55 -50.75 -37.74
N ALA A 185 -8.25 -50.66 -37.92
CA ALA A 185 -7.26 -50.97 -36.91
C ALA A 185 -7.32 -50.09 -35.71
N HIS A 186 -7.69 -48.84 -35.96
CA HIS A 186 -7.93 -47.89 -34.91
C HIS A 186 -9.29 -47.95 -34.22
N THR A 187 -10.07 -48.99 -34.51
CA THR A 187 -11.35 -49.17 -33.91
C THR A 187 -11.25 -50.28 -32.91
N GLY A 188 -10.16 -50.33 -32.17
CA GLY A 188 -9.96 -51.40 -31.18
C GLY A 188 -8.58 -52.02 -31.24
N GLY A 189 -7.75 -51.69 -32.24
CA GLY A 189 -6.39 -52.28 -32.25
C GLY A 189 -5.47 -51.87 -31.12
N GLY A 190 -5.67 -50.69 -30.57
CA GLY A 190 -4.88 -50.25 -29.41
C GLY A 190 -3.74 -49.31 -29.80
N GLY A 191 -3.32 -48.52 -28.81
CA GLY A 191 -2.28 -47.50 -29.00
C GLY A 191 -0.92 -48.10 -29.24
N GLY A 192 -0.11 -47.39 -29.99
CA GLY A 192 1.33 -47.69 -30.05
C GLY A 192 1.71 -48.77 -31.06
N ASN A 193 0.81 -48.99 -32.01
CA ASN A 193 0.92 -50.06 -32.96
C ASN A 193 1.14 -49.66 -34.41
N PHE A 194 0.41 -48.68 -34.89
CA PHE A 194 0.41 -48.42 -36.37
C PHE A 194 1.10 -47.12 -36.82
N GLY A 195 1.28 -46.20 -35.86
CA GLY A 195 1.83 -44.92 -36.10
C GLY A 195 1.30 -43.93 -35.09
N VAL A 196 1.64 -42.68 -35.25
CA VAL A 196 1.26 -41.65 -34.28
C VAL A 196 -0.07 -41.06 -34.72
N ILE A 197 -1.08 -41.28 -33.90
CA ILE A 197 -2.41 -40.70 -34.16
C ILE A 197 -2.30 -39.25 -33.77
N THR A 198 -2.63 -38.34 -34.69
CA THR A 198 -2.57 -36.93 -34.40
C THR A 198 -3.95 -36.32 -34.11
N ARG A 199 -4.98 -36.86 -34.74
CA ARG A 199 -6.31 -36.45 -34.47
C ARG A 199 -7.33 -37.47 -34.95
N TYR A 200 -8.49 -37.42 -34.34
CA TYR A 200 -9.59 -38.28 -34.66
C TYR A 200 -10.72 -37.34 -35.04
N TRP A 201 -11.68 -37.85 -35.81
CA TRP A 201 -12.85 -37.14 -36.17
C TRP A 201 -13.97 -38.06 -35.73
N LEU A 202 -14.99 -37.48 -35.07
CA LEU A 202 -16.09 -38.23 -34.48
C LEU A 202 -17.41 -37.76 -35.00
N ARG A 203 -18.28 -38.72 -35.32
CA ARG A 203 -19.55 -38.43 -35.92
C ARG A 203 -20.39 -39.66 -35.89
N SER A 204 -21.67 -39.52 -35.60
CA SER A 204 -22.58 -40.69 -35.70
C SER A 204 -22.70 -41.16 -37.15
N PRO A 205 -22.67 -42.47 -37.37
CA PRO A 205 -22.77 -42.95 -38.75
C PRO A 205 -24.10 -42.65 -39.41
N ASP A 206 -25.14 -42.43 -38.63
CA ASP A 206 -26.43 -42.01 -39.17
C ASP A 206 -26.84 -40.55 -38.85
N ALA A 207 -25.88 -39.65 -38.75
CA ALA A 207 -26.18 -38.25 -38.52
C ALA A 207 -26.87 -37.60 -39.72
N VAL A 208 -27.73 -36.62 -39.42
CA VAL A 208 -28.60 -35.92 -40.38
C VAL A 208 -28.08 -34.49 -40.66
N GLY A 209 -27.92 -34.13 -41.93
CA GLY A 209 -27.43 -32.80 -42.28
C GLY A 209 -25.99 -32.62 -41.85
N ASP A 210 -25.61 -31.41 -41.44
CA ASP A 210 -24.24 -31.12 -40.99
C ASP A 210 -24.09 -30.01 -39.91
N ALA A 211 -25.16 -29.76 -39.15
CA ALA A 211 -25.05 -28.95 -37.98
C ALA A 211 -24.33 -29.79 -36.89
N PRO A 212 -23.43 -29.17 -36.17
CA PRO A 212 -22.76 -29.91 -35.14
C PRO A 212 -23.72 -30.48 -34.11
N GLU A 213 -24.81 -29.80 -33.83
CA GLU A 213 -25.77 -30.25 -32.82
C GLU A 213 -26.44 -31.58 -33.20
N GLU A 214 -26.40 -31.93 -34.47
CA GLU A 214 -26.85 -33.25 -34.92
C GLU A 214 -25.71 -34.23 -35.22
N ALA A 215 -24.46 -33.85 -35.12
CA ALA A 215 -23.38 -34.74 -35.61
C ALA A 215 -23.04 -35.87 -34.63
N LEU A 216 -23.40 -35.74 -33.37
CA LEU A 216 -23.22 -36.76 -32.39
C LEU A 216 -24.48 -36.76 -31.52
N PRO A 217 -24.71 -37.81 -30.75
CA PRO A 217 -25.92 -37.91 -29.93
C PRO A 217 -26.01 -36.89 -28.82
N ARG A 218 -27.24 -36.42 -28.56
CA ARG A 218 -27.56 -35.67 -27.35
C ARG A 218 -27.79 -36.64 -26.22
N PRO A 219 -27.05 -36.49 -25.12
CA PRO A 219 -27.30 -37.43 -24.03
C PRO A 219 -28.60 -37.07 -23.38
N PRO A 220 -29.17 -38.00 -22.61
CA PRO A 220 -30.38 -37.60 -21.90
C PRO A 220 -30.05 -36.44 -20.94
N ALA A 221 -31.06 -35.60 -20.69
CA ALA A 221 -30.80 -34.31 -20.04
C ALA A 221 -30.46 -34.46 -18.57
N SER A 222 -31.06 -35.42 -17.90
CA SER A 222 -30.70 -35.65 -16.52
C SER A 222 -31.03 -37.05 -16.08
N PHE A 223 -30.51 -37.40 -14.90
CA PHE A 223 -30.45 -38.76 -14.44
C PHE A 223 -30.82 -38.88 -12.99
N HIS A 224 -31.60 -39.91 -12.63
CA HIS A 224 -31.66 -40.36 -11.23
C HIS A 224 -30.39 -41.15 -10.91
N VAL A 225 -29.74 -40.78 -9.83
CA VAL A 225 -28.48 -41.34 -9.42
C VAL A 225 -28.65 -41.96 -8.05
N ALA A 226 -28.25 -43.21 -7.87
CA ALA A 226 -28.18 -43.82 -6.54
C ALA A 226 -26.73 -44.13 -6.17
N ARG A 227 -26.37 -43.82 -4.95
CA ARG A 227 -25.06 -44.15 -4.45
C ARG A 227 -25.29 -44.98 -3.19
N VAL A 228 -24.69 -46.17 -3.13
CA VAL A 228 -24.99 -47.16 -2.14
C VAL A 228 -23.73 -47.69 -1.50
N SER A 229 -23.72 -47.86 -0.19
CA SER A 229 -22.64 -48.60 0.39
C SER A 229 -23.07 -49.60 1.45
N TRP A 230 -22.28 -50.68 1.52
CA TRP A 230 -22.49 -51.73 2.44
C TRP A 230 -21.24 -51.76 3.31
N SER A 231 -21.45 -51.71 4.61
CA SER A 231 -20.35 -51.61 5.54
C SER A 231 -19.67 -52.95 5.64
N TRP A 232 -18.36 -52.96 5.45
CA TRP A 232 -17.62 -54.20 5.59
C TRP A 232 -17.71 -54.74 7.02
N ALA A 233 -17.86 -53.87 7.99
CA ALA A 233 -17.92 -54.34 9.38
C ALA A 233 -19.14 -55.22 9.57
N GLU A 234 -20.12 -55.12 8.67
CA GLU A 234 -21.34 -55.91 8.80
C GLU A 234 -21.46 -57.08 7.82
N LEU A 235 -20.42 -57.36 7.04
CA LEU A 235 -20.49 -58.36 5.96
C LEU A 235 -20.07 -59.75 6.45
N THR A 236 -20.70 -60.76 5.88
CA THR A 236 -20.23 -62.09 6.01
C THR A 236 -19.90 -62.63 4.63
N GLU A 237 -19.15 -63.73 4.57
CA GLU A 237 -18.99 -64.43 3.34
C GLU A 237 -20.30 -64.65 2.59
N ALA A 238 -21.29 -65.22 3.26
CA ALA A 238 -22.54 -65.56 2.61
C ALA A 238 -23.21 -64.30 2.07
N ASP A 239 -23.14 -63.19 2.80
CA ASP A 239 -23.75 -61.96 2.33
C ASP A 239 -23.01 -61.42 1.04
N TYR A 240 -21.69 -61.48 1.04
CA TYR A 240 -20.88 -61.06 -0.07
C TYR A 240 -21.27 -61.86 -1.32
N VAL A 241 -21.24 -63.16 -1.17
CA VAL A 241 -21.63 -64.08 -2.25
C VAL A 241 -23.03 -63.78 -2.78
N ARG A 242 -23.97 -63.61 -1.87
CA ARG A 242 -25.34 -63.38 -2.28
C ARG A 242 -25.54 -62.04 -2.98
N LEU A 243 -24.93 -61.01 -2.43
CA LEU A 243 -25.01 -59.69 -3.00
C LEU A 243 -24.42 -59.63 -4.41
N VAL A 244 -23.20 -60.14 -4.59
CA VAL A 244 -22.58 -60.09 -5.92
C VAL A 244 -23.36 -60.98 -6.89
N SER A 245 -23.86 -62.10 -6.39
CA SER A 245 -24.70 -62.95 -7.26
C SER A 245 -25.92 -62.27 -7.72
N ASN A 246 -26.59 -61.53 -6.82
CA ASN A 246 -27.78 -60.79 -7.21
C ASN A 246 -27.43 -59.71 -8.26
N PHE A 247 -26.31 -59.01 -8.07
CA PHE A 247 -25.92 -57.99 -9.01
C PHE A 247 -25.72 -58.62 -10.38
N LEU A 248 -24.95 -59.69 -10.40
CA LEU A 248 -24.65 -60.39 -11.64
C LEU A 248 -25.88 -60.95 -12.32
N ASP A 249 -26.70 -61.66 -11.57
CA ASP A 249 -27.91 -62.23 -12.13
CA ASP A 249 -27.92 -62.23 -12.14
C ASP A 249 -28.80 -61.14 -12.73
N TRP A 250 -28.99 -60.03 -12.02
CA TRP A 250 -29.80 -58.95 -12.57
C TRP A 250 -29.15 -58.38 -13.87
N GLN A 251 -27.84 -58.14 -13.84
CA GLN A 251 -27.17 -57.62 -15.05
C GLN A 251 -27.26 -58.58 -16.25
N LEU A 252 -27.15 -59.87 -16.01
CA LEU A 252 -27.27 -60.82 -17.13
C LEU A 252 -28.67 -60.98 -17.67
N ARG A 253 -29.68 -60.67 -16.88
CA ARG A 253 -31.02 -60.61 -17.42
C ARG A 253 -31.32 -59.31 -18.14
N ASN A 254 -30.53 -58.26 -17.91
CA ASN A 254 -30.88 -56.96 -18.38
C ASN A 254 -29.78 -56.30 -19.23
N CYS A 255 -29.06 -57.08 -20.03
CA CYS A 255 -27.96 -56.54 -20.77
C CYS A 255 -28.22 -56.38 -22.28
N THR A 256 -29.45 -56.52 -22.75
CA THR A 256 -29.75 -56.33 -24.20
C THR A 256 -30.61 -55.12 -24.43
N VAL A 257 -30.58 -54.59 -25.65
CA VAL A 257 -31.35 -53.39 -26.01
C VAL A 257 -32.88 -53.56 -25.88
N ASP A 258 -33.34 -54.80 -25.80
CA ASP A 258 -34.74 -55.10 -25.52
C ASP A 258 -35.15 -54.95 -24.07
N SER A 259 -34.19 -54.86 -23.15
CA SER A 259 -34.54 -54.79 -21.76
C SER A 259 -35.06 -53.40 -21.50
N PRO A 260 -36.22 -53.32 -20.84
CA PRO A 260 -36.72 -52.05 -20.37
C PRO A 260 -35.81 -51.42 -19.28
N ASN A 261 -34.86 -52.17 -18.72
CA ASN A 261 -33.87 -51.62 -17.83
C ASN A 261 -32.52 -51.32 -18.46
N ILE A 262 -32.42 -51.36 -19.79
CA ILE A 262 -31.14 -51.15 -20.48
C ILE A 262 -30.52 -49.76 -20.17
N GLY A 263 -31.35 -48.77 -19.88
CA GLY A 263 -30.85 -47.46 -19.54
C GLY A 263 -30.21 -47.38 -18.16
N LEU A 264 -30.42 -48.37 -17.32
CA LEU A 264 -29.81 -48.40 -16.01
C LEU A 264 -28.36 -48.90 -16.06
N TYR A 265 -27.40 -48.02 -15.73
CA TYR A 265 -26.02 -48.36 -15.67
C TYR A 265 -25.60 -48.50 -14.18
N ALA A 266 -24.86 -49.52 -13.85
CA ALA A 266 -24.36 -49.67 -12.46
C ALA A 266 -22.99 -50.28 -12.39
N LEU A 267 -22.24 -49.86 -11.38
CA LEU A 267 -20.91 -50.32 -11.18
C LEU A 267 -20.78 -50.69 -9.71
N LEU A 268 -20.35 -51.90 -9.44
CA LEU A 268 -20.19 -52.39 -8.06
C LEU A 268 -18.70 -52.46 -7.73
N GLU A 269 -18.20 -51.67 -6.79
CA GLU A 269 -16.81 -51.71 -6.40
C GLU A 269 -16.63 -52.56 -5.15
N CYS A 270 -15.97 -53.69 -5.27
CA CYS A 270 -15.73 -54.53 -4.10
C CYS A 270 -14.35 -54.25 -3.57
N PHE A 271 -14.19 -53.23 -2.71
CA PHE A 271 -12.89 -52.94 -2.09
C PHE A 271 -12.51 -53.99 -1.08
N HIS A 272 -11.21 -54.10 -0.89
CA HIS A 272 -10.68 -54.94 0.13
C HIS A 272 -11.26 -54.36 1.41
N ARG A 273 -11.34 -55.19 2.44
CA ARG A 273 -11.93 -54.84 3.73
C ARG A 273 -11.34 -53.63 4.44
N SER A 274 -10.03 -53.41 4.29
CA SER A 274 -9.36 -52.19 4.79
C SER A 274 -9.98 -50.89 4.37
N ALA A 275 -10.76 -50.86 3.28
CA ALA A 275 -11.47 -49.64 2.86
C ALA A 275 -12.77 -49.30 3.64
N GLY A 276 -13.38 -50.29 4.32
CA GLY A 276 -14.50 -50.00 5.19
C GLY A 276 -15.85 -50.27 4.56
N HIS A 277 -15.92 -50.25 3.22
CA HIS A 277 -17.18 -50.46 2.53
C HIS A 277 -17.05 -51.15 1.16
N LEU A 278 -18.17 -51.67 0.71
CA LEU A 278 -18.46 -52.02 -0.68
C LEU A 278 -19.28 -50.83 -1.14
N ALA A 279 -19.11 -50.41 -2.40
CA ALA A 279 -19.82 -49.26 -2.94
C ALA A 279 -20.42 -49.58 -4.31
N MET A 280 -21.48 -48.90 -4.64
CA MET A 280 -22.07 -49.00 -5.91
C MET A 280 -22.63 -47.68 -6.32
N HIS A 281 -22.47 -47.35 -7.59
CA HIS A 281 -23.25 -46.25 -8.14
CA HIS A 281 -23.09 -46.20 -8.26
C HIS A 281 -24.05 -46.72 -9.33
N ALA A 282 -25.26 -46.21 -9.39
CA ALA A 282 -26.21 -46.54 -10.43
C ALA A 282 -26.84 -45.28 -10.95
N GLN A 283 -27.26 -45.26 -12.20
CA GLN A 283 -27.85 -44.07 -12.77
C GLN A 283 -28.81 -44.52 -13.83
N ILE A 284 -29.89 -43.79 -13.99
CA ILE A 284 -30.87 -44.08 -15.03
C ILE A 284 -31.47 -42.78 -15.61
N PRO A 285 -31.64 -42.71 -16.92
CA PRO A 285 -32.14 -41.43 -17.40
C PRO A 285 -33.54 -41.14 -16.87
N VAL A 286 -33.81 -39.88 -16.56
CA VAL A 286 -35.08 -39.53 -15.95
C VAL A 286 -36.22 -39.85 -16.91
N ASP A 287 -36.02 -39.56 -18.19
CA ASP A 287 -37.04 -39.74 -19.23
C ASP A 287 -37.39 -41.20 -19.63
N VAL A 288 -36.74 -42.19 -19.03
CA VAL A 288 -37.15 -43.58 -19.22
C VAL A 288 -38.44 -43.83 -18.44
N PRO A 289 -39.46 -44.40 -19.08
CA PRO A 289 -40.71 -44.72 -18.39
C PRO A 289 -40.50 -45.38 -17.00
N ASP A 290 -41.07 -44.79 -15.95
CA ASP A 290 -40.97 -45.35 -14.59
C ASP A 290 -39.53 -45.37 -14.04
N ALA A 291 -38.67 -44.51 -14.58
CA ALA A 291 -37.26 -44.46 -14.24
C ALA A 291 -36.98 -44.65 -12.75
N GLU A 292 -37.67 -43.86 -11.94
CA GLU A 292 -37.40 -43.87 -10.51
C GLU A 292 -37.86 -45.18 -9.85
N GLU A 293 -38.96 -45.76 -10.32
CA GLU A 293 -39.41 -47.08 -9.85
C GLU A 293 -38.48 -48.19 -10.31
N ARG A 294 -37.95 -48.04 -11.53
CA ARG A 294 -36.99 -49.02 -12.03
C ARG A 294 -35.74 -49.08 -11.17
N MET A 295 -35.30 -47.93 -10.68
CA MET A 295 -34.15 -47.90 -9.82
C MET A 295 -34.47 -48.58 -8.48
N SER A 296 -35.65 -48.30 -7.94
CA SER A 296 -36.11 -48.97 -6.69
C SER A 296 -36.19 -50.50 -6.79
N TRP A 297 -36.76 -51.01 -7.87
CA TRP A 297 -36.81 -52.47 -8.02
C TRP A 297 -35.41 -53.04 -8.03
N PHE A 298 -34.50 -52.31 -8.71
CA PHE A 298 -33.13 -52.79 -8.88
C PHE A 298 -32.45 -52.88 -7.53
N LEU A 299 -32.52 -51.82 -6.75
CA LEU A 299 -31.91 -51.80 -5.43
C LEU A 299 -32.57 -52.91 -4.54
N ALA A 300 -33.87 -53.11 -4.64
CA ALA A 300 -34.55 -54.10 -3.78
C ALA A 300 -34.15 -55.51 -4.17
N GLU A 301 -34.05 -55.77 -5.47
CA GLU A 301 -33.46 -57.03 -5.93
C GLU A 301 -32.04 -57.28 -5.44
N LEU A 302 -31.21 -56.25 -5.47
CA LEU A 302 -29.86 -56.36 -4.99
C LEU A 302 -29.81 -56.86 -3.54
N ASN A 303 -30.75 -56.41 -2.75
CA ASN A 303 -30.70 -56.74 -1.33
C ASN A 303 -31.43 -57.98 -0.85
N GLU A 304 -32.11 -58.68 -1.77
CA GLU A 304 -32.79 -59.95 -1.45
C GLU A 304 -31.88 -61.04 -0.90
N GLY A 305 -32.22 -61.57 0.29
CA GLY A 305 -31.44 -62.63 0.91
C GLY A 305 -30.10 -62.17 1.47
N VAL A 306 -29.91 -60.84 1.59
CA VAL A 306 -28.67 -60.25 2.13
C VAL A 306 -28.98 -59.54 3.45
N ALA A 307 -28.32 -59.96 4.53
CA ALA A 307 -28.51 -59.32 5.86
C ALA A 307 -28.03 -57.87 6.03
N VAL A 308 -26.86 -57.49 5.51
CA VAL A 308 -26.39 -56.08 5.66
C VAL A 308 -27.29 -55.12 4.91
N ALA A 309 -27.69 -54.03 5.56
CA ALA A 309 -28.55 -53.05 4.96
C ALA A 309 -27.63 -51.95 4.46
N PRO A 310 -27.84 -51.49 3.22
CA PRO A 310 -26.97 -50.48 2.74
C PRO A 310 -27.39 -49.08 3.19
N SER A 311 -26.42 -48.17 3.27
CA SER A 311 -26.74 -46.76 3.29
C SER A 311 -26.89 -46.33 1.83
N LEU A 312 -27.80 -45.42 1.58
CA LEU A 312 -28.24 -45.11 0.24
C LEU A 312 -28.47 -43.59 0.18
N THR A 313 -27.99 -42.94 -0.86
CA THR A 313 -28.45 -41.60 -1.20
C THR A 313 -28.93 -41.55 -2.65
N ARG A 314 -30.08 -40.92 -2.87
CA ARG A 314 -30.69 -40.86 -4.18
C ARG A 314 -30.86 -39.44 -4.51
N ARG A 315 -30.60 -39.06 -5.75
CA ARG A 315 -30.79 -37.68 -6.15
C ARG A 315 -30.84 -37.63 -7.63
N ARG A 316 -31.09 -36.43 -8.14
CA ARG A 316 -31.32 -36.20 -9.56
C ARG A 316 -30.29 -35.18 -10.04
N LEU A 317 -29.57 -35.47 -11.11
CA LEU A 317 -28.58 -34.49 -11.59
C LEU A 317 -28.60 -34.35 -13.11
N PRO A 318 -28.12 -33.23 -13.65
CA PRO A 318 -27.95 -33.20 -15.11
C PRO A 318 -26.82 -34.15 -15.59
N TRP A 319 -26.90 -34.55 -16.84
CA TRP A 319 -25.96 -35.55 -17.31
C TRP A 319 -24.50 -35.23 -17.01
N LEU A 320 -24.07 -34.03 -17.38
CA LEU A 320 -22.65 -33.72 -17.31
C LEU A 320 -22.21 -33.77 -15.86
N ALA A 321 -23.06 -33.36 -14.95
CA ALA A 321 -22.78 -33.42 -13.53
C ALA A 321 -22.74 -34.83 -12.99
N THR A 322 -23.63 -35.68 -13.51
CA THR A 322 -23.66 -37.12 -13.20
C THR A 322 -22.34 -37.74 -13.62
N SER A 323 -21.90 -37.32 -14.79
CA SER A 323 -20.67 -37.83 -15.35
C SER A 323 -19.46 -37.32 -14.54
N GLN A 324 -19.48 -36.10 -14.02
CA GLN A 324 -18.35 -35.63 -13.22
C GLN A 324 -18.38 -36.21 -11.78
N LEU A 325 -19.55 -36.57 -11.31
CA LEU A 325 -19.69 -37.13 -9.95
C LEU A 325 -18.94 -38.45 -9.86
N LEU A 326 -19.27 -39.33 -10.79
CA LEU A 326 -18.64 -40.61 -10.97
C LEU A 326 -17.19 -40.59 -11.48
N ALA A 327 -16.80 -39.55 -12.20
CA ALA A 327 -15.46 -39.49 -12.76
C ALA A 327 -14.37 -39.60 -11.71
N ILE A 328 -13.21 -40.13 -12.11
CA ILE A 328 -12.05 -40.20 -11.23
C ILE A 328 -11.22 -38.94 -11.45
N PRO A 329 -10.82 -38.31 -10.32
CA PRO A 329 -10.02 -37.09 -10.41
C PRO A 329 -8.65 -37.34 -11.00
N ASP A 330 -8.21 -36.36 -11.77
CA ASP A 330 -6.86 -36.26 -12.30
C ASP A 330 -5.81 -35.63 -11.29
N VAL A 331 -6.25 -34.92 -10.23
CA VAL A 331 -5.34 -34.37 -9.18
C VAL A 331 -5.68 -34.90 -7.80
N GLY A 332 -4.87 -34.57 -6.80
CA GLY A 332 -5.16 -35.03 -5.43
C GLY A 332 -4.37 -36.29 -5.16
N PRO A 333 -4.39 -36.78 -3.89
CA PRO A 333 -3.68 -38.03 -3.47
C PRO A 333 -4.07 -39.35 -4.16
N GLY A 334 -5.22 -39.43 -4.78
CA GLY A 334 -5.55 -40.62 -5.56
C GLY A 334 -4.94 -40.62 -6.95
N ALA A 335 -4.46 -39.47 -7.45
CA ALA A 335 -3.98 -39.37 -8.84
C ALA A 335 -2.45 -39.30 -9.00
N ILE A 336 -1.81 -38.63 -8.06
CA ILE A 336 -0.47 -38.14 -8.28
C ILE A 336 0.49 -38.89 -7.39
N GLY A 337 1.57 -39.42 -8.00
CA GLY A 337 2.60 -40.16 -7.26
C GLY A 337 2.19 -41.57 -6.88
N VAL A 338 1.30 -42.16 -7.66
CA VAL A 338 0.68 -43.42 -7.26
C VAL A 338 1.25 -44.51 -8.13
N ARG A 339 1.67 -45.61 -7.47
CA ARG A 339 2.15 -46.85 -8.10
C ARG A 339 0.92 -47.78 -8.25
N ARG A 340 0.77 -48.43 -9.41
CA ARG A 340 -0.46 -49.17 -9.71
C ARG A 340 -0.20 -50.49 -10.36
N LYS A 341 -1.18 -51.38 -10.21
CA LYS A 341 -1.28 -52.56 -11.04
C LYS A 341 -2.78 -52.76 -11.32
N VAL A 342 -3.14 -52.96 -12.58
CA VAL A 342 -4.54 -53.24 -12.96
C VAL A 342 -4.64 -54.56 -13.63
N LYS A 343 -5.85 -55.16 -13.62
CA LYS A 343 -6.15 -56.38 -14.39
C LYS A 343 -7.56 -56.29 -14.90
N SER A 344 -7.91 -57.22 -15.76
CA SER A 344 -9.16 -57.13 -16.46
C SER A 344 -9.68 -58.52 -16.78
N ALA A 345 -10.99 -58.66 -16.80
CA ALA A 345 -11.64 -59.90 -17.22
C ALA A 345 -13.09 -59.59 -17.59
N ASP A 346 -13.53 -60.03 -18.75
CA ASP A 346 -14.87 -59.77 -19.18
C ASP A 346 -15.72 -61.00 -19.06
N LEU A 347 -17.02 -60.80 -18.81
CA LEU A 347 -17.95 -61.91 -18.57
C LEU A 347 -19.14 -61.90 -19.52
N ARG A 348 -19.58 -63.09 -19.93
CA ARG A 348 -20.89 -63.24 -20.55
C ARG A 348 -21.75 -64.18 -19.71
N GLY A 349 -21.22 -64.59 -18.55
CA GLY A 349 -21.89 -65.50 -17.61
C GLY A 349 -21.52 -65.19 -16.17
N PRO A 350 -22.27 -65.75 -15.21
CA PRO A 350 -22.02 -65.42 -13.80
C PRO A 350 -20.75 -66.06 -13.28
N HIS A 351 -20.03 -65.41 -12.36
CA HIS A 351 -19.07 -66.15 -11.51
C HIS A 351 -19.80 -67.19 -10.66
N THR A 352 -19.13 -68.28 -10.30
CA THR A 352 -19.71 -69.33 -9.46
C THR A 352 -19.58 -68.97 -8.00
N ARG A 353 -20.31 -69.69 -7.15
CA ARG A 353 -20.24 -69.43 -5.71
C ARG A 353 -18.86 -69.69 -5.17
N GLU A 354 -18.20 -70.65 -5.74
CA GLU A 354 -16.85 -70.95 -5.35
C GLU A 354 -15.89 -69.82 -5.79
N GLN A 355 -16.08 -69.25 -6.98
CA GLN A 355 -15.25 -68.13 -7.43
C GLN A 355 -15.49 -66.92 -6.49
N LEU A 356 -16.76 -66.69 -6.14
CA LEU A 356 -17.04 -65.60 -5.24
C LEU A 356 -16.54 -65.82 -3.78
N ALA A 357 -16.48 -67.06 -3.31
CA ALA A 357 -15.95 -67.34 -1.95
C ALA A 357 -14.47 -67.12 -1.94
N ALA A 358 -13.80 -67.47 -3.03
CA ALA A 358 -12.38 -67.18 -3.19
C ALA A 358 -12.07 -65.66 -3.23
N ALA A 359 -12.85 -64.92 -4.00
CA ALA A 359 -12.77 -63.48 -3.94
C ALA A 359 -12.92 -63.02 -2.52
N TYR A 360 -13.98 -63.47 -1.84
CA TYR A 360 -14.21 -63.02 -0.44
C TYR A 360 -12.99 -63.30 0.44
N ARG A 361 -12.36 -64.45 0.25
CA ARG A 361 -11.21 -64.78 1.04
C ARG A 361 -10.10 -63.77 0.84
N HIS A 362 -9.96 -63.29 -0.41
CA HIS A 362 -8.89 -62.29 -0.70
C HIS A 362 -9.29 -60.89 -0.30
N LEU A 363 -10.56 -60.55 -0.46
CA LEU A 363 -11.03 -59.20 -0.10
C LEU A 363 -11.18 -59.00 1.41
N SER A 364 -11.32 -60.06 2.17
CA SER A 364 -11.38 -59.88 3.64
C SER A 364 -10.09 -60.15 4.39
N ARG A 365 -9.12 -60.77 3.75
CA ARG A 365 -7.84 -61.01 4.39
C ARG A 365 -7.57 -59.87 5.36
N ALA A 366 -7.44 -60.19 6.64
CA ALA A 366 -7.02 -59.18 7.61
C ALA A 366 -5.48 -59.03 7.64
N ASP A 367 -4.74 -59.88 6.93
CA ASP A 367 -3.26 -59.77 6.88
C ASP A 367 -2.74 -58.71 5.87
N TYR A 368 -3.65 -58.03 5.17
CA TYR A 368 -3.28 -57.12 4.11
C TYR A 368 -3.99 -55.84 4.44
N HIS A 369 -3.35 -54.70 4.16
CA HIS A 369 -4.02 -53.43 4.33
C HIS A 369 -3.80 -52.57 3.06
N CYS A 370 -4.86 -52.32 2.33
CA CYS A 370 -4.79 -51.42 1.15
C CYS A 370 -6.19 -50.91 0.83
N PRO A 371 -6.53 -49.73 1.31
CA PRO A 371 -7.89 -49.25 1.07
C PRO A 371 -8.18 -48.96 -0.41
N SER A 372 -7.14 -48.80 -1.24
CA SER A 372 -7.38 -48.71 -2.69
C SER A 372 -7.03 -50.02 -3.42
N ALA A 373 -7.42 -51.14 -2.84
CA ALA A 373 -7.45 -52.42 -3.51
C ALA A 373 -8.91 -52.80 -3.75
N ALA A 374 -9.22 -53.20 -4.98
CA ALA A 374 -10.59 -53.44 -5.35
C ALA A 374 -10.72 -54.37 -6.53
N MET A 375 -11.80 -55.15 -6.58
CA MET A 375 -12.35 -55.56 -7.87
C MET A 375 -13.69 -54.90 -8.08
N GLU A 376 -14.01 -54.66 -9.36
CA GLU A 376 -15.16 -53.91 -9.75
C GLU A 376 -15.96 -54.67 -10.80
N TYR A 377 -17.27 -54.66 -10.69
CA TYR A 377 -18.11 -55.18 -11.74
C TYR A 377 -18.80 -54.06 -12.44
N ILE A 378 -18.67 -53.99 -13.75
CA ILE A 378 -19.10 -52.82 -14.51
C ILE A 378 -20.13 -53.28 -15.53
N ALA A 379 -21.32 -52.75 -15.46
CA ALA A 379 -22.33 -53.07 -16.43
C ALA A 379 -21.89 -52.55 -17.79
N TYR A 380 -22.34 -53.28 -18.81
CA TYR A 380 -21.85 -53.21 -20.22
C TYR A 380 -22.94 -53.84 -21.09
N GLY A 381 -22.63 -54.20 -22.31
CA GLY A 381 -23.63 -54.74 -23.20
C GLY A 381 -24.39 -53.64 -23.88
N GLY A 382 -25.70 -53.89 -24.01
CA GLY A 382 -26.67 -52.99 -24.64
C GLY A 382 -26.28 -52.70 -26.07
N ARG A 383 -26.26 -51.44 -26.44
CA ARG A 383 -25.99 -51.05 -27.84
C ARG A 383 -24.63 -51.52 -28.36
N VAL A 384 -23.70 -51.78 -27.44
CA VAL A 384 -22.40 -52.32 -27.79
C VAL A 384 -22.52 -53.58 -28.63
N ASN A 385 -23.43 -54.45 -28.26
CA ASN A 385 -23.54 -55.78 -28.84
C ASN A 385 -24.54 -55.90 -29.95
N THR A 386 -25.09 -54.78 -30.43
CA THR A 386 -25.93 -54.80 -31.63
C THR A 386 -25.11 -54.49 -32.88
N VAL A 387 -23.81 -54.36 -32.73
CA VAL A 387 -22.96 -54.02 -33.83
C VAL A 387 -22.47 -55.34 -34.44
N ASP A 388 -22.52 -55.45 -35.76
CA ASP A 388 -21.83 -56.52 -36.45
C ASP A 388 -20.35 -56.54 -36.00
N PRO A 389 -19.89 -57.63 -35.35
CA PRO A 389 -18.51 -57.60 -34.78
C PRO A 389 -17.32 -57.54 -35.80
N ALA A 390 -17.56 -57.90 -37.06
CA ALA A 390 -16.60 -57.67 -38.15
C ALA A 390 -16.30 -56.19 -38.42
N ALA A 391 -17.22 -55.33 -38.04
CA ALA A 391 -17.21 -53.96 -38.45
C ALA A 391 -16.14 -53.13 -37.70
N THR A 392 -15.72 -53.62 -36.53
CA THR A 392 -14.67 -52.94 -35.81
C THR A 392 -13.70 -53.93 -35.24
N ALA A 393 -12.59 -53.45 -34.70
CA ALA A 393 -11.57 -54.35 -34.27
C ALA A 393 -11.75 -54.73 -32.81
N VAL A 394 -12.69 -54.11 -32.12
CA VAL A 394 -12.94 -54.45 -30.73
C VAL A 394 -13.75 -55.75 -30.60
N PRO A 395 -13.29 -56.66 -29.72
CA PRO A 395 -14.10 -57.85 -29.40
C PRO A 395 -15.48 -57.43 -28.89
N ARG A 396 -16.51 -58.18 -29.22
CA ARG A 396 -17.82 -57.83 -28.71
C ARG A 396 -18.45 -59.00 -28.02
N GLY A 397 -19.57 -58.82 -27.32
CA GLY A 397 -20.23 -59.98 -26.68
C GLY A 397 -20.22 -60.15 -25.16
N ALA A 398 -19.34 -59.46 -24.45
CA ALA A 398 -19.38 -59.44 -23.00
C ALA A 398 -20.62 -58.67 -22.59
N SER A 399 -21.22 -59.07 -21.47
CA SER A 399 -22.34 -58.37 -20.86
C SER A 399 -21.86 -57.53 -19.70
N LEU A 400 -20.63 -57.76 -19.28
CA LEU A 400 -20.14 -57.21 -18.05
C LEU A 400 -18.61 -57.25 -18.11
N LYS A 401 -17.97 -56.18 -17.67
CA LYS A 401 -16.55 -56.12 -17.50
C LYS A 401 -16.19 -56.18 -16.04
N THR A 402 -15.03 -56.73 -15.72
CA THR A 402 -14.51 -56.65 -14.36
C THR A 402 -13.08 -56.16 -14.42
N PHE A 403 -12.72 -55.44 -13.38
CA PHE A 403 -11.52 -54.68 -13.32
C PHE A 403 -10.91 -54.93 -11.93
N TYR A 404 -9.61 -55.14 -11.89
CA TYR A 404 -8.92 -55.37 -10.61
C TYR A 404 -7.86 -54.31 -10.53
N MET A 405 -7.66 -53.79 -9.33
CA MET A 405 -6.67 -52.73 -9.12
C MET A 405 -6.15 -52.68 -7.69
N VAL A 406 -4.85 -52.46 -7.58
CA VAL A 406 -4.19 -52.00 -6.35
C VAL A 406 -3.36 -50.76 -6.69
N ALA A 407 -3.42 -49.82 -5.78
CA ALA A 407 -2.75 -48.53 -5.87
C ALA A 407 -2.07 -48.31 -4.55
N TRP A 408 -0.81 -47.89 -4.57
CA TRP A 408 -0.10 -47.61 -3.31
C TRP A 408 0.96 -46.55 -3.60
N THR A 409 1.69 -46.12 -2.56
CA THR A 409 2.70 -45.06 -2.72
C THR A 409 4.12 -45.46 -2.40
N ASP A 410 4.30 -46.50 -1.59
CA ASP A 410 5.63 -46.91 -1.17
C ASP A 410 6.23 -48.04 -2.01
N PRO A 411 7.38 -47.82 -2.69
CA PRO A 411 7.98 -48.93 -3.48
C PRO A 411 8.47 -50.11 -2.63
N ASP A 412 8.83 -49.86 -1.38
CA ASP A 412 9.05 -50.97 -0.42
C ASP A 412 7.93 -52.00 -0.46
N GLU A 413 6.70 -51.54 -0.59
CA GLU A 413 5.53 -52.42 -0.59
C GLU A 413 5.17 -53.08 -1.93
N ASP A 414 5.94 -52.84 -3.00
CA ASP A 414 5.59 -53.40 -4.30
C ASP A 414 5.26 -54.87 -4.30
N GLU A 415 6.06 -55.66 -3.57
CA GLU A 415 5.96 -57.10 -3.67
C GLU A 415 4.67 -57.62 -3.09
N GLU A 416 4.21 -57.06 -2.00
CA GLU A 416 2.98 -57.53 -1.37
C GLU A 416 1.73 -57.03 -2.14
N HIS A 417 1.77 -55.88 -2.80
CA HIS A 417 0.62 -55.45 -3.59
C HIS A 417 0.46 -56.24 -4.88
N LEU A 418 1.58 -56.63 -5.45
CA LEU A 418 1.59 -57.36 -6.69
C LEU A 418 1.15 -58.76 -6.40
N ARG A 419 1.63 -59.31 -5.29
CA ARG A 419 1.23 -60.62 -4.84
C ARG A 419 -0.26 -60.70 -4.58
N TRP A 420 -0.83 -59.66 -3.96
CA TRP A 420 -2.23 -59.68 -3.60
C TRP A 420 -3.08 -59.67 -4.85
N ILE A 421 -2.79 -58.77 -5.81
CA ILE A 421 -3.63 -58.69 -7.02
C ILE A 421 -3.44 -59.95 -7.87
N ARG A 422 -2.22 -60.44 -8.03
CA ARG A 422 -2.00 -61.68 -8.79
C ARG A 422 -2.69 -62.92 -8.26
N GLU A 423 -2.62 -63.09 -6.94
CA GLU A 423 -3.25 -64.20 -6.28
C GLU A 423 -4.77 -64.19 -6.39
N ILE A 424 -5.42 -63.05 -6.09
CA ILE A 424 -6.86 -63.00 -6.19
C ILE A 424 -7.28 -63.29 -7.65
N TYR A 425 -6.58 -62.73 -8.63
CA TYR A 425 -7.04 -62.91 -10.01
C TYR A 425 -6.80 -64.36 -10.48
N ARG A 426 -5.69 -64.95 -10.09
CA ARG A 426 -5.45 -66.32 -10.42
C ARG A 426 -6.40 -67.28 -9.72
N ASP A 427 -6.63 -67.11 -8.41
CA ASP A 427 -7.60 -67.97 -7.71
C ASP A 427 -8.95 -67.88 -8.35
N ILE A 428 -9.39 -66.68 -8.67
CA ILE A 428 -10.71 -66.53 -9.31
C ILE A 428 -10.74 -67.31 -10.63
N HIS A 429 -9.62 -67.33 -11.34
CA HIS A 429 -9.58 -67.96 -12.64
C HIS A 429 -8.82 -69.32 -12.60
N SER A 430 -8.86 -70.01 -11.46
CA SER A 430 -8.03 -71.20 -11.29
C SER A 430 -8.50 -72.33 -12.19
N ALA A 431 -9.78 -72.39 -12.48
CA ALA A 431 -10.23 -73.45 -13.35
C ALA A 431 -9.80 -73.24 -14.82
N THR A 432 -9.33 -72.05 -15.19
CA THR A 432 -8.93 -71.82 -16.59
C THR A 432 -7.47 -71.33 -16.70
N GLY A 433 -6.60 -71.93 -15.89
CA GLY A 433 -5.16 -71.67 -15.96
C GLY A 433 -4.82 -70.30 -15.43
N GLY A 434 -5.73 -69.71 -14.67
CA GLY A 434 -5.47 -68.47 -13.98
C GLY A 434 -5.77 -67.25 -14.81
N VAL A 435 -6.45 -67.42 -15.93
CA VAL A 435 -6.80 -66.27 -16.77
C VAL A 435 -8.15 -66.48 -17.43
N PRO A 436 -8.79 -65.36 -17.87
CA PRO A 436 -10.07 -65.44 -18.52
C PRO A 436 -9.95 -65.88 -19.97
N THR A 437 -9.81 -67.18 -20.15
CA THR A 437 -9.76 -67.77 -21.50
C THR A 437 -11.11 -67.67 -22.15
N PRO A 438 -11.21 -67.08 -23.36
CA PRO A 438 -12.52 -67.00 -24.02
C PRO A 438 -13.27 -68.35 -24.06
N ASP A 439 -14.51 -68.38 -23.55
CA ASP A 439 -15.29 -69.61 -23.42
C ASP A 439 -16.74 -69.25 -23.02
N GLU A 440 -17.44 -70.16 -22.37
CA GLU A 440 -18.84 -69.95 -22.03
C GLU A 440 -19.09 -68.82 -21.01
N VAL A 441 -18.11 -68.54 -20.19
CA VAL A 441 -18.28 -67.56 -19.10
C VAL A 441 -17.38 -66.33 -19.37
N ASN A 442 -16.09 -66.56 -19.61
CA ASN A 442 -15.20 -65.44 -19.93
C ASN A 442 -15.20 -65.12 -21.41
N THR A 443 -15.02 -63.86 -21.77
CA THR A 443 -14.90 -63.47 -23.19
C THR A 443 -13.56 -62.78 -23.45
N GLY A 444 -12.69 -62.73 -22.44
CA GLY A 444 -11.37 -62.17 -22.62
C GLY A 444 -11.02 -61.05 -21.67
N ALA A 445 -10.25 -60.08 -22.17
CA ALA A 445 -9.87 -58.91 -21.42
C ALA A 445 -9.76 -57.72 -22.36
N TYR A 446 -9.54 -56.56 -21.77
CA TYR A 446 -9.62 -55.30 -22.45
C TYR A 446 -8.23 -54.74 -22.58
N ILE A 447 -7.85 -54.39 -23.81
CA ILE A 447 -6.45 -54.04 -24.11
C ILE A 447 -6.03 -52.73 -23.41
N ASN A 448 -6.99 -51.88 -23.13
CA ASN A 448 -6.72 -50.63 -22.37
C ASN A 448 -6.56 -50.84 -20.83
N TYR A 449 -6.78 -52.03 -20.33
CA TYR A 449 -6.35 -52.44 -18.98
C TYR A 449 -5.25 -53.53 -19.08
N PRO A 450 -4.12 -53.25 -19.72
CA PRO A 450 -3.25 -54.38 -20.06
C PRO A 450 -2.52 -54.88 -18.84
N ASP A 451 -2.16 -56.15 -18.90
CA ASP A 451 -1.53 -56.85 -17.82
C ASP A 451 -0.51 -57.83 -18.36
N ILE A 452 0.77 -57.56 -18.16
CA ILE A 452 1.81 -58.42 -18.76
C ILE A 452 1.94 -59.77 -18.08
N ASP A 453 1.34 -59.97 -16.91
CA ASP A 453 1.31 -61.32 -16.36
C ASP A 453 0.59 -62.28 -17.28
N LEU A 454 -0.28 -61.82 -18.19
CA LEU A 454 -0.91 -62.70 -19.19
C LEU A 454 0.09 -63.39 -20.12
N ALA A 455 1.29 -62.87 -20.21
CA ALA A 455 2.35 -63.48 -21.04
C ALA A 455 3.44 -64.14 -20.16
N ASP A 456 3.10 -64.42 -18.91
CA ASP A 456 4.07 -64.94 -17.95
C ASP A 456 3.69 -66.36 -17.55
N PRO A 457 4.53 -67.36 -17.88
CA PRO A 457 4.21 -68.78 -17.69
C PRO A 457 3.91 -69.22 -16.24
N GLU A 458 4.42 -68.48 -15.28
CA GLU A 458 4.10 -68.66 -13.89
C GLU A 458 2.65 -68.24 -13.51
N TRP A 459 2.04 -67.33 -14.25
CA TRP A 459 0.69 -66.85 -13.93
C TRP A 459 -0.34 -67.29 -14.94
N ASN A 460 0.06 -67.48 -16.20
CA ASN A 460 -0.87 -67.94 -17.25
C ASN A 460 -0.43 -69.34 -17.60
N THR A 461 -1.15 -70.33 -17.09
CA THR A 461 -0.85 -71.73 -17.33
C THR A 461 -1.93 -72.34 -18.18
N SER A 462 -2.67 -71.50 -18.90
CA SER A 462 -3.80 -71.93 -19.74
C SER A 462 -3.43 -72.49 -21.12
N GLY A 463 -2.27 -72.11 -21.64
CA GLY A 463 -1.99 -72.33 -23.06
C GLY A 463 -2.58 -71.26 -24.00
N VAL A 464 -3.31 -70.28 -23.49
CA VAL A 464 -3.91 -69.36 -24.39
C VAL A 464 -3.07 -68.09 -24.37
N PRO A 465 -2.58 -67.67 -25.55
CA PRO A 465 -1.77 -66.47 -25.62
C PRO A 465 -2.52 -65.18 -25.33
N TRP A 466 -1.75 -64.18 -24.90
CA TRP A 466 -2.24 -62.90 -24.52
C TRP A 466 -3.07 -62.28 -25.66
N HIS A 467 -2.61 -62.43 -26.88
CA HIS A 467 -3.25 -61.72 -27.95
C HIS A 467 -4.65 -62.25 -28.23
N THR A 468 -4.89 -63.54 -28.08
CA THR A 468 -6.26 -64.11 -28.13
C THR A 468 -7.19 -63.56 -27.01
N ILE A 469 -6.63 -63.51 -25.80
CA ILE A 469 -7.34 -62.94 -24.67
C ILE A 469 -7.81 -61.48 -24.94
N TYR A 470 -6.97 -60.66 -25.52
CA TYR A 470 -7.33 -59.29 -25.75
C TYR A 470 -8.06 -58.99 -27.06
N TYR A 471 -7.76 -59.70 -28.13
CA TYR A 471 -8.32 -59.33 -29.45
C TYR A 471 -9.24 -60.39 -30.07
N GLY A 472 -9.42 -61.53 -29.41
CA GLY A 472 -9.79 -62.82 -30.02
C GLY A 472 -9.46 -62.96 -31.49
N ASP A 473 -10.51 -63.17 -32.29
CA ASP A 473 -10.34 -63.43 -33.71
C ASP A 473 -9.89 -62.24 -34.52
N ASN A 474 -9.84 -61.04 -33.96
CA ASN A 474 -9.35 -59.91 -34.72
C ASN A 474 -7.83 -59.83 -34.81
N TYR A 475 -7.10 -60.60 -34.02
CA TYR A 475 -5.66 -60.42 -34.01
C TYR A 475 -4.97 -60.63 -35.36
N PRO A 476 -5.25 -61.74 -36.07
CA PRO A 476 -4.49 -61.97 -37.28
C PRO A 476 -4.75 -60.92 -38.36
N ARG A 477 -5.94 -60.35 -38.41
CA ARG A 477 -6.22 -59.30 -39.38
C ARG A 477 -5.41 -58.06 -38.97
N LEU A 478 -5.33 -57.81 -37.66
CA LEU A 478 -4.51 -56.73 -37.13
C LEU A 478 -3.03 -56.91 -37.49
N GLN A 479 -2.53 -58.14 -37.49
CA GLN A 479 -1.13 -58.36 -37.91
C GLN A 479 -0.87 -58.02 -39.38
N GLU A 480 -1.82 -58.35 -40.20
CA GLU A 480 -1.70 -58.11 -41.59
C GLU A 480 -1.70 -56.61 -41.83
N ILE A 481 -2.62 -55.88 -41.22
CA ILE A 481 -2.65 -54.43 -41.33
C ILE A 481 -1.35 -53.79 -40.76
N LYS A 482 -0.87 -54.35 -39.66
CA LYS A 482 0.40 -53.94 -39.13
C LYS A 482 1.51 -54.08 -40.20
N SER A 483 1.56 -55.21 -40.89
CA SER A 483 2.67 -55.46 -41.82
C SER A 483 2.62 -54.53 -43.03
N ARG A 484 1.44 -54.05 -43.32
CA ARG A 484 1.26 -53.21 -44.45
C ARG A 484 1.67 -51.78 -44.15
N TRP A 485 1.43 -51.34 -42.92
CA TRP A 485 1.50 -49.97 -42.57
C TRP A 485 2.68 -49.65 -41.70
N ASP A 486 3.13 -50.59 -40.87
CA ASP A 486 4.36 -50.40 -40.11
C ASP A 486 5.29 -51.56 -40.38
N PRO A 487 5.72 -51.71 -41.64
CA PRO A 487 6.43 -52.94 -41.98
C PRO A 487 7.79 -53.07 -41.30
N ARG A 488 8.39 -51.99 -40.80
CA ARG A 488 9.64 -52.08 -40.06
C ARG A 488 9.44 -52.32 -38.54
N ASN A 489 8.22 -52.28 -38.05
CA ASN A 489 7.94 -52.48 -36.61
C ASN A 489 8.63 -51.39 -35.79
N VAL A 490 8.52 -50.15 -36.28
CA VAL A 490 8.98 -48.95 -35.63
C VAL A 490 8.18 -48.75 -34.32
N PHE A 491 6.87 -49.01 -34.33
CA PHE A 491 6.04 -48.74 -33.17
C PHE A 491 5.77 -50.04 -32.48
N ARG A 492 6.22 -50.18 -31.25
CA ARG A 492 6.15 -51.46 -30.60
C ARG A 492 6.29 -51.33 -29.11
N HIS A 493 5.94 -52.40 -28.43
CA HIS A 493 5.98 -52.50 -27.00
C HIS A 493 5.68 -53.92 -26.63
N ALA A 494 5.63 -54.26 -25.33
CA ALA A 494 5.51 -55.67 -24.96
C ALA A 494 4.31 -56.33 -25.56
N PHE A 495 3.21 -55.65 -25.61
CA PHE A 495 1.99 -56.19 -26.20
C PHE A 495 1.61 -55.55 -27.52
N SER A 496 2.57 -55.13 -28.34
CA SER A 496 2.19 -54.56 -29.61
C SER A 496 1.86 -55.63 -30.60
N ILE A 497 1.04 -55.33 -31.59
CA ILE A 497 0.72 -56.30 -32.63
C ILE A 497 2.02 -56.74 -33.34
N ARG A 498 2.34 -58.02 -33.33
CA ARG A 498 3.54 -58.51 -34.05
C ARG A 498 3.24 -58.55 -35.54
N PRO A 499 4.18 -58.10 -36.39
CA PRO A 499 3.83 -58.16 -37.83
C PRO A 499 3.78 -59.63 -38.25
N ARG A 500 2.85 -59.97 -39.13
CA ARG A 500 2.79 -61.32 -39.74
C ARG A 500 1.69 -61.28 -40.81
N THR B 3 -15.08 -16.88 -36.55
CA THR B 3 -15.41 -17.82 -35.44
C THR B 3 -16.89 -18.26 -35.52
N ARG B 4 -17.25 -19.17 -34.63
CA ARG B 4 -18.63 -19.59 -34.41
C ARG B 4 -19.43 -18.47 -33.74
N ALA B 5 -20.69 -18.31 -34.13
CA ALA B 5 -21.58 -17.37 -33.48
C ALA B 5 -21.75 -17.75 -31.99
N ALA B 6 -21.94 -16.76 -31.13
CA ALA B 6 -22.15 -16.98 -29.71
C ALA B 6 -23.35 -17.88 -29.47
N VAL B 7 -23.25 -18.74 -28.45
CA VAL B 7 -24.35 -19.62 -28.08
C VAL B 7 -25.31 -18.94 -27.05
N THR B 8 -26.63 -19.01 -27.33
CA THR B 8 -27.67 -18.61 -26.36
C THR B 8 -28.38 -19.86 -25.82
N VAL B 9 -28.37 -20.06 -24.50
CA VAL B 9 -29.03 -21.20 -23.90
C VAL B 9 -30.23 -20.67 -23.10
N LYS B 10 -31.44 -20.95 -23.59
CA LYS B 10 -32.67 -20.59 -22.89
C LYS B 10 -33.11 -21.76 -22.05
N PRO B 11 -34.11 -21.56 -21.18
CA PRO B 11 -34.58 -22.66 -20.33
C PRO B 11 -35.17 -23.87 -21.05
N ASP B 12 -35.54 -23.77 -22.33
CA ASP B 12 -36.02 -24.93 -23.09
C ASP B 12 -34.87 -25.81 -23.65
N ASP B 13 -33.63 -25.31 -23.53
CA ASP B 13 -32.44 -26.01 -23.99
C ASP B 13 -31.97 -26.97 -22.87
N HIS B 14 -31.48 -28.16 -23.22
CA HIS B 14 -31.12 -29.13 -22.17
C HIS B 14 -29.89 -28.70 -21.42
N ARG B 15 -29.08 -27.82 -22.02
CA ARG B 15 -27.89 -27.31 -21.32
C ARG B 15 -28.14 -26.36 -20.17
N TYR B 16 -29.34 -25.76 -20.14
CA TYR B 16 -29.64 -24.79 -19.14
C TYR B 16 -29.45 -25.28 -17.67
N ASP B 17 -30.00 -26.43 -17.33
CA ASP B 17 -29.91 -26.92 -15.95
C ASP B 17 -28.46 -27.16 -15.55
N LEU B 18 -27.63 -27.62 -16.48
CA LEU B 18 -26.23 -27.78 -16.18
C LEU B 18 -25.56 -26.43 -15.99
N LEU B 19 -25.74 -25.54 -16.96
CA LEU B 19 -25.17 -24.19 -16.86
C LEU B 19 -25.61 -23.42 -15.61
N ALA B 20 -26.83 -23.69 -15.13
CA ALA B 20 -27.32 -23.07 -13.92
C ALA B 20 -26.60 -23.51 -12.63
N ARG B 21 -25.78 -24.57 -12.71
CA ARG B 21 -25.15 -25.17 -11.51
C ARG B 21 -23.63 -25.07 -11.49
N ALA B 22 -23.06 -24.42 -10.49
CA ALA B 22 -21.62 -24.26 -10.45
C ALA B 22 -21.05 -24.97 -9.22
N ASP B 23 -19.98 -24.46 -8.63
CA ASP B 23 -19.35 -25.13 -7.48
C ASP B 23 -20.22 -25.27 -6.21
N ASN B 24 -21.15 -24.33 -6.01
CA ASN B 24 -22.00 -24.35 -4.85
C ASN B 24 -23.47 -24.57 -5.18
N TYR B 25 -23.96 -25.74 -4.86
CA TYR B 25 -25.35 -26.09 -5.18
C TYR B 25 -26.42 -25.37 -4.37
N ARG B 26 -26.02 -24.65 -3.32
CA ARG B 26 -26.96 -23.75 -2.66
C ARG B 26 -27.47 -22.69 -3.63
N PHE B 27 -26.65 -22.27 -4.59
CA PHE B 27 -27.05 -21.18 -5.50
C PHE B 27 -27.25 -21.67 -6.93
N VAL B 28 -28.51 -21.82 -7.32
CA VAL B 28 -28.88 -22.23 -8.68
C VAL B 28 -29.33 -21.02 -9.50
N ALA B 29 -28.58 -20.68 -10.55
CA ALA B 29 -28.92 -19.53 -11.39
C ALA B 29 -30.24 -19.74 -12.12
N GLN B 30 -31.00 -18.67 -12.32
CA GLN B 30 -32.17 -18.75 -13.16
C GLN B 30 -32.29 -17.61 -14.14
N PRO B 31 -31.29 -17.40 -14.95
CA PRO B 31 -31.46 -16.26 -15.86
C PRO B 31 -32.45 -16.49 -16.99
N GLU B 32 -32.67 -15.43 -17.74
CA GLU B 32 -33.43 -15.49 -18.96
C GLU B 32 -32.64 -16.32 -19.98
N TYR B 33 -31.33 -16.08 -20.04
CA TYR B 33 -30.48 -16.95 -20.85
C TYR B 33 -29.02 -16.84 -20.43
N PHE B 34 -28.27 -17.87 -20.81
CA PHE B 34 -26.84 -17.90 -20.73
C PHE B 34 -26.35 -17.52 -22.09
N ARG B 35 -25.31 -16.72 -22.12
CA ARG B 35 -24.64 -16.36 -23.37
C ARG B 35 -23.22 -16.88 -23.22
N LEU B 36 -22.79 -17.73 -24.17
CA LEU B 36 -21.41 -18.28 -24.26
C LEU B 36 -20.68 -17.64 -25.44
N PRO B 37 -19.88 -16.59 -25.20
CA PRO B 37 -19.22 -15.91 -26.29
C PRO B 37 -17.87 -16.56 -26.57
N TYR B 38 -17.38 -16.38 -27.81
CA TYR B 38 -16.09 -16.96 -28.30
C TYR B 38 -15.00 -15.89 -28.56
N SER B 39 -15.31 -14.60 -28.46
CA SER B 39 -14.33 -13.56 -28.72
C SER B 39 -14.75 -12.37 -27.91
N THR B 40 -13.85 -11.41 -27.79
CA THR B 40 -14.16 -10.15 -27.16
C THR B 40 -15.30 -9.40 -27.88
N ALA B 41 -15.32 -9.44 -29.21
CA ALA B 41 -16.41 -8.74 -29.92
C ALA B 41 -17.74 -9.31 -29.50
N GLN B 42 -17.81 -10.61 -29.32
CA GLN B 42 -19.08 -11.18 -28.91
C GLN B 42 -19.47 -10.85 -27.46
N VAL B 43 -18.49 -10.63 -26.60
CA VAL B 43 -18.76 -10.19 -25.25
C VAL B 43 -19.33 -8.78 -25.26
N VAL B 44 -18.79 -7.91 -26.12
CA VAL B 44 -19.38 -6.57 -26.39
C VAL B 44 -20.85 -6.63 -26.83
N GLU B 45 -21.13 -7.37 -27.87
CA GLU B 45 -22.52 -7.63 -28.26
C GLU B 45 -23.33 -8.07 -27.06
N ALA B 46 -22.87 -9.07 -26.31
CA ALA B 46 -23.71 -9.55 -25.16
C ALA B 46 -24.00 -8.44 -24.15
N VAL B 47 -22.96 -7.74 -23.71
CA VAL B 47 -23.14 -6.64 -22.78
C VAL B 47 -24.03 -5.49 -23.36
N SER B 48 -23.79 -5.10 -24.61
CA SER B 48 -24.66 -4.12 -25.27
C SER B 48 -26.14 -4.52 -25.30
N GLU B 49 -26.47 -5.79 -25.58
CA GLU B 49 -27.87 -6.22 -25.47
C GLU B 49 -28.47 -6.01 -24.07
N ALA B 50 -27.77 -6.46 -23.03
CA ALA B 50 -28.27 -6.29 -21.64
C ALA B 50 -28.35 -4.85 -21.21
N VAL B 51 -27.40 -4.04 -21.66
CA VAL B 51 -27.41 -2.64 -21.32
C VAL B 51 -28.61 -1.91 -21.96
N ALA B 52 -28.81 -2.10 -23.25
CA ALA B 52 -29.94 -1.50 -23.95
C ALA B 52 -31.31 -1.69 -23.22
N ALA B 53 -31.59 -2.88 -22.70
CA ALA B 53 -32.88 -3.13 -22.11
C ALA B 53 -32.80 -3.18 -20.62
N GLY B 54 -31.75 -2.62 -20.04
CA GLY B 54 -31.66 -2.57 -18.62
C GLY B 54 -31.63 -3.88 -17.87
N LYS B 55 -31.14 -4.95 -18.49
CA LYS B 55 -31.10 -6.28 -17.85
C LYS B 55 -29.93 -6.39 -16.93
N ARG B 56 -30.13 -7.16 -15.85
CA ARG B 56 -29.12 -7.37 -14.85
C ARG B 56 -28.23 -8.51 -15.37
N LEU B 57 -26.94 -8.22 -15.50
CA LEU B 57 -26.00 -9.08 -16.16
C LEU B 57 -24.87 -9.50 -15.21
N THR B 58 -24.53 -10.77 -15.24
CA THR B 58 -23.31 -11.18 -14.55
C THR B 58 -22.47 -12.08 -15.41
N VAL B 59 -21.22 -12.25 -14.98
CA VAL B 59 -20.23 -13.05 -15.68
C VAL B 59 -19.78 -14.21 -14.83
N ARG B 60 -19.65 -15.34 -15.50
CA ARG B 60 -19.14 -16.49 -14.86
C ARG B 60 -17.85 -16.90 -15.59
N SER B 61 -16.83 -17.27 -14.84
CA SER B 61 -15.61 -17.81 -15.45
C SER B 61 -15.49 -19.22 -15.03
N GLY B 62 -15.11 -19.47 -13.77
CA GLY B 62 -15.01 -20.80 -13.32
C GLY B 62 -16.07 -21.33 -12.40
N GLY B 63 -17.02 -20.49 -11.95
CA GLY B 63 -18.12 -20.93 -11.10
C GLY B 63 -17.74 -21.23 -9.67
N HIS B 64 -16.67 -20.64 -9.21
CA HIS B 64 -16.15 -20.90 -7.89
C HIS B 64 -16.56 -19.96 -6.79
N CYS B 65 -17.33 -18.94 -7.15
CA CYS B 65 -17.85 -18.02 -6.12
C CYS B 65 -18.45 -18.76 -4.89
N GLY B 66 -18.01 -18.30 -3.72
CA GLY B 66 -18.53 -18.77 -2.45
C GLY B 66 -19.97 -18.35 -2.18
N GLU B 67 -20.39 -17.26 -2.81
CA GLU B 67 -21.75 -16.71 -2.60
C GLU B 67 -22.51 -16.64 -3.93
N ALA B 68 -23.70 -16.10 -3.89
CA ALA B 68 -24.56 -16.05 -5.04
C ALA B 68 -24.31 -14.82 -5.95
N PHE B 69 -23.09 -14.36 -6.10
CA PHE B 69 -22.89 -13.13 -6.86
C PHE B 69 -23.20 -13.30 -8.32
N VAL B 70 -22.99 -14.50 -8.86
CA VAL B 70 -23.33 -14.79 -10.25
C VAL B 70 -24.77 -15.27 -10.40
N ALA B 71 -25.20 -16.17 -9.51
CA ALA B 71 -26.41 -16.98 -9.66
C ALA B 71 -27.65 -16.42 -8.95
N SER B 72 -27.49 -15.36 -8.18
CA SER B 72 -28.62 -14.67 -7.56
C SER B 72 -29.84 -14.59 -8.48
N PRO B 73 -31.05 -14.76 -7.92
CA PRO B 73 -32.23 -14.95 -8.76
C PRO B 73 -32.64 -13.74 -9.56
N ASP B 74 -32.16 -12.56 -9.18
CA ASP B 74 -32.47 -11.37 -9.93
C ASP B 74 -31.55 -11.15 -11.13
N VAL B 75 -30.59 -12.04 -11.38
CA VAL B 75 -29.80 -11.94 -12.56
C VAL B 75 -30.57 -12.47 -13.75
N ASP B 76 -30.64 -11.66 -14.81
CA ASP B 76 -31.35 -11.98 -16.04
C ASP B 76 -30.51 -12.62 -17.15
N VAL B 77 -29.26 -12.19 -17.27
CA VAL B 77 -28.33 -12.68 -18.27
C VAL B 77 -27.00 -13.07 -17.63
N ILE B 78 -26.53 -14.28 -17.90
CA ILE B 78 -25.23 -14.70 -17.39
C ILE B 78 -24.37 -14.95 -18.56
N VAL B 79 -23.25 -14.25 -18.61
CA VAL B 79 -22.26 -14.44 -19.67
C VAL B 79 -21.22 -15.42 -19.17
N ASP B 80 -21.22 -16.61 -19.75
CA ASP B 80 -20.37 -17.68 -19.30
C ASP B 80 -19.16 -17.75 -20.26
N LEU B 81 -17.97 -17.52 -19.69
CA LEU B 81 -16.72 -17.41 -20.45
C LEU B 81 -15.93 -18.69 -20.60
N SER B 82 -16.53 -19.81 -20.27
CA SER B 82 -15.79 -21.10 -20.23
C SER B 82 -15.24 -21.57 -21.58
N SER B 83 -15.85 -21.13 -22.69
CA SER B 83 -15.29 -21.31 -24.04
C SER B 83 -14.17 -20.34 -24.45
N MET B 84 -13.81 -19.41 -23.57
CA MET B 84 -12.66 -18.57 -23.83
C MET B 84 -11.58 -18.90 -22.84
N SER B 85 -10.78 -19.92 -23.18
CA SER B 85 -9.85 -20.49 -22.21
C SER B 85 -8.44 -20.66 -22.81
N HIS B 86 -8.17 -19.95 -23.88
CA HIS B 86 -6.83 -19.87 -24.45
C HIS B 86 -5.77 -19.37 -23.45
N VAL B 87 -4.64 -20.07 -23.44
CA VAL B 87 -3.42 -19.66 -22.81
C VAL B 87 -2.26 -19.77 -23.82
N GLY B 88 -1.56 -18.68 -24.07
CA GLY B 88 -0.37 -18.73 -24.94
C GLY B 88 0.48 -17.51 -24.67
N TYR B 89 1.70 -17.47 -25.20
CA TYR B 89 2.54 -16.32 -25.09
C TYR B 89 2.13 -15.35 -26.20
N ASP B 90 2.04 -14.06 -25.89
CA ASP B 90 1.65 -13.01 -26.83
C ASP B 90 2.89 -12.21 -27.14
N GLU B 91 3.44 -12.51 -28.29
CA GLU B 91 4.80 -12.09 -28.63
C GLU B 91 4.90 -10.56 -28.66
N GLU B 92 3.86 -9.93 -29.21
CA GLU B 92 3.75 -8.47 -29.29
C GLU B 92 3.87 -7.70 -27.96
N ARG B 93 3.37 -8.26 -26.86
CA ARG B 93 3.39 -7.55 -25.58
C ARG B 93 4.34 -8.19 -24.63
N GLY B 94 4.96 -9.30 -25.01
CA GLY B 94 5.99 -9.89 -24.16
C GLY B 94 5.45 -10.59 -22.92
N ALA B 95 4.23 -11.12 -23.02
CA ALA B 95 3.54 -11.61 -21.84
C ALA B 95 2.64 -12.76 -22.19
N PHE B 96 2.36 -13.59 -21.20
CA PHE B 96 1.47 -14.68 -21.38
C PHE B 96 0.00 -14.23 -21.35
N GLU B 97 -0.74 -14.58 -22.40
CA GLU B 97 -2.14 -14.20 -22.53
C GLU B 97 -3.01 -15.30 -21.93
N VAL B 98 -3.90 -14.94 -21.01
CA VAL B 98 -4.75 -15.87 -20.31
C VAL B 98 -6.19 -15.35 -20.44
N GLU B 99 -7.01 -16.02 -21.24
CA GLU B 99 -8.40 -15.64 -21.38
C GLU B 99 -9.15 -15.95 -20.10
N ALA B 100 -10.19 -15.17 -19.78
CA ALA B 100 -10.75 -15.21 -18.43
C ALA B 100 -11.34 -16.54 -18.02
N GLY B 101 -11.77 -17.30 -19.01
CA GLY B 101 -12.37 -18.61 -18.77
C GLY B 101 -11.40 -19.79 -18.59
N ALA B 102 -10.09 -19.55 -18.70
CA ALA B 102 -9.13 -20.63 -18.47
C ALA B 102 -9.14 -20.95 -16.98
N THR B 103 -8.88 -22.21 -16.63
CA THR B 103 -8.87 -22.61 -15.22
C THR B 103 -7.44 -22.73 -14.75
N VAL B 104 -7.18 -22.48 -13.45
CA VAL B 104 -5.79 -22.50 -12.99
C VAL B 104 -5.06 -23.80 -13.22
N GLY B 105 -5.78 -24.92 -13.12
CA GLY B 105 -5.20 -26.24 -13.39
C GLY B 105 -4.55 -26.30 -14.76
N GLN B 106 -5.28 -25.77 -15.74
CA GLN B 106 -4.89 -25.81 -17.12
C GLN B 106 -3.84 -24.76 -17.42
N ILE B 107 -3.94 -23.60 -16.80
CA ILE B 107 -2.91 -22.60 -16.91
C ILE B 107 -1.54 -23.16 -16.45
N TYR B 108 -1.47 -23.83 -15.31
CA TYR B 108 -0.18 -24.30 -14.81
C TYR B 108 0.43 -25.38 -15.73
N ARG B 109 -0.42 -26.26 -16.26
CA ARG B 109 0.06 -27.30 -17.15
C ARG B 109 0.62 -26.73 -18.42
N VAL B 110 -0.14 -25.84 -19.07
CA VAL B 110 0.34 -25.18 -20.29
C VAL B 110 1.59 -24.37 -20.07
N LEU B 111 1.57 -23.44 -19.11
CA LEU B 111 2.78 -22.65 -18.88
C LEU B 111 4.02 -23.52 -18.58
N TYR B 112 3.89 -24.51 -17.70
CA TYR B 112 5.04 -25.19 -17.23
C TYR B 112 5.60 -26.15 -18.28
N LYS B 113 4.73 -27.00 -18.81
CA LYS B 113 5.17 -27.92 -19.83
C LYS B 113 5.70 -27.21 -21.07
N ASN B 114 5.00 -26.19 -21.55
CA ASN B 114 5.49 -25.54 -22.78
C ASN B 114 6.64 -24.62 -22.58
N TYR B 115 6.72 -24.00 -21.41
CA TYR B 115 7.74 -22.96 -21.20
C TYR B 115 8.59 -23.07 -19.97
N GLY B 116 8.28 -23.98 -19.06
CA GLY B 116 9.07 -24.14 -17.85
C GLY B 116 8.87 -23.02 -16.84
N VAL B 117 7.73 -22.31 -16.91
CA VAL B 117 7.44 -21.22 -16.00
C VAL B 117 6.13 -21.39 -15.28
N THR B 118 5.89 -20.48 -14.35
CA THR B 118 4.67 -20.50 -13.56
C THR B 118 4.35 -19.13 -12.94
N PHE B 119 3.19 -19.05 -12.31
CA PHE B 119 2.84 -17.90 -11.51
C PHE B 119 2.13 -18.37 -10.22
N PRO B 120 2.28 -17.61 -9.11
CA PRO B 120 1.84 -18.16 -7.83
C PRO B 120 0.34 -17.99 -7.60
N GLY B 121 -0.45 -18.85 -8.23
CA GLY B 121 -1.89 -18.86 -8.05
C GLY B 121 -2.31 -19.92 -7.07
N GLY B 122 -3.59 -20.26 -7.11
CA GLY B 122 -4.21 -21.14 -6.12
C GLY B 122 -4.05 -22.62 -6.38
N PHE B 123 -4.45 -23.43 -5.41
CA PHE B 123 -4.28 -24.85 -5.55
C PHE B 123 -5.49 -25.58 -6.17
N CYS B 124 -6.68 -25.01 -6.09
CA CYS B 124 -7.87 -25.67 -6.63
C CYS B 124 -7.94 -25.68 -8.18
N MET B 125 -8.24 -26.86 -8.73
CA MET B 125 -8.10 -27.08 -10.18
C MET B 125 -9.01 -26.29 -11.09
N GLY B 126 -10.30 -26.28 -10.79
CA GLY B 126 -11.31 -25.65 -11.65
C GLY B 126 -11.62 -24.18 -11.38
N VAL B 127 -10.82 -23.51 -10.57
CA VAL B 127 -10.99 -22.08 -10.27
C VAL B 127 -10.67 -21.36 -11.60
N GLY B 128 -11.44 -20.34 -11.96
CA GLY B 128 -11.28 -19.63 -13.24
C GLY B 128 -10.41 -18.41 -13.04
N ALA B 129 -9.70 -17.99 -14.10
CA ALA B 129 -8.81 -16.84 -14.00
C ALA B 129 -9.62 -15.56 -13.70
N GLY B 130 -10.78 -15.44 -14.31
CA GLY B 130 -11.65 -14.28 -14.16
C GLY B 130 -11.86 -13.80 -12.75
N GLY B 131 -12.36 -14.69 -11.90
CA GLY B 131 -12.52 -14.32 -10.51
C GLY B 131 -11.28 -14.34 -9.66
N HIS B 132 -10.38 -15.22 -10.02
CA HIS B 132 -9.26 -15.55 -9.19
C HIS B 132 -8.23 -14.44 -9.19
N ILE B 133 -7.85 -13.99 -10.37
CA ILE B 133 -6.77 -13.03 -10.42
C ILE B 133 -7.21 -11.66 -9.91
N SER B 134 -8.37 -11.19 -10.36
CA SER B 134 -8.82 -9.82 -10.04
C SER B 134 -9.03 -9.66 -8.56
N GLY B 135 -9.41 -10.74 -7.88
CA GLY B 135 -9.56 -10.73 -6.44
C GLY B 135 -8.27 -10.84 -5.67
N GLY B 136 -7.16 -11.05 -6.38
CA GLY B 136 -5.84 -11.08 -5.76
C GLY B 136 -5.43 -12.48 -5.37
N GLY B 137 -5.50 -13.41 -6.31
CA GLY B 137 -5.07 -14.79 -6.08
C GLY B 137 -3.72 -15.11 -5.45
N TYR B 138 -3.73 -16.09 -4.59
CA TYR B 138 -2.53 -16.58 -3.94
C TYR B 138 -2.54 -18.11 -3.88
N GLY B 139 -1.38 -18.67 -3.61
CA GLY B 139 -1.27 -20.09 -3.31
C GLY B 139 0.05 -20.46 -2.69
N PRO B 140 0.38 -21.75 -2.71
CA PRO B 140 1.58 -22.37 -2.10
C PRO B 140 2.89 -21.72 -2.44
N LEU B 141 3.01 -21.15 -3.64
CA LEU B 141 4.26 -20.48 -4.01
C LEU B 141 4.31 -19.01 -3.66
N SER B 142 3.27 -18.48 -3.03
CA SER B 142 3.22 -17.04 -2.79
C SER B 142 4.30 -16.53 -1.82
N ARG B 143 4.60 -17.31 -0.79
CA ARG B 143 5.72 -16.94 0.07
C ARG B 143 7.04 -16.74 -0.68
N LEU B 144 7.27 -17.43 -1.79
CA LEU B 144 8.50 -17.21 -2.56
C LEU B 144 8.34 -16.24 -3.69
N LEU B 145 7.15 -16.18 -4.27
CA LEU B 145 6.93 -15.47 -5.52
C LEU B 145 5.95 -14.32 -5.44
N GLY B 146 5.16 -14.23 -4.38
CA GLY B 146 4.19 -13.16 -4.24
C GLY B 146 2.80 -13.58 -4.68
N LEU B 147 2.03 -12.62 -5.19
CA LEU B 147 0.66 -12.90 -5.60
C LEU B 147 0.50 -12.82 -7.10
N THR B 148 -0.56 -13.41 -7.59
CA THR B 148 -0.83 -13.41 -9.04
C THR B 148 -0.81 -11.98 -9.59
N VAL B 149 -1.45 -11.06 -8.87
CA VAL B 149 -1.54 -9.67 -9.31
C VAL B 149 -0.17 -9.00 -9.44
N ASP B 150 0.86 -9.54 -8.76
CA ASP B 150 2.22 -9.02 -8.93
C ASP B 150 2.79 -9.27 -10.31
N TYR B 151 2.13 -10.11 -11.11
CA TYR B 151 2.55 -10.45 -12.45
C TYR B 151 1.58 -9.88 -13.49
N LEU B 152 0.66 -9.04 -13.06
CA LEU B 152 -0.36 -8.62 -13.95
C LEU B 152 0.15 -7.45 -14.75
N HIS B 153 0.48 -7.72 -15.99
CA HIS B 153 1.02 -6.72 -16.83
C HIS B 153 -0.09 -5.90 -17.50
N ALA B 154 -1.23 -6.53 -17.79
CA ALA B 154 -2.31 -5.84 -18.45
C ALA B 154 -3.59 -6.63 -18.42
N VAL B 155 -4.71 -5.97 -18.70
CA VAL B 155 -5.99 -6.63 -18.60
C VAL B 155 -6.85 -5.99 -19.64
N GLU B 156 -7.62 -6.81 -20.35
CA GLU B 156 -8.58 -6.35 -21.35
C GLU B 156 -9.96 -6.45 -20.74
N VAL B 157 -10.70 -5.36 -20.81
CA VAL B 157 -11.99 -5.26 -20.13
C VAL B 157 -13.04 -4.60 -21.05
N VAL B 158 -14.23 -5.17 -21.05
CA VAL B 158 -15.36 -4.62 -21.73
C VAL B 158 -16.11 -3.77 -20.70
N VAL B 159 -16.26 -2.50 -21.02
CA VAL B 159 -16.79 -1.49 -20.09
C VAL B 159 -17.96 -0.72 -20.72
N VAL B 160 -18.74 -0.07 -19.86
CA VAL B 160 -19.92 0.72 -20.28
C VAL B 160 -19.90 2.13 -19.72
N ASP B 161 -19.98 3.11 -20.61
CA ASP B 161 -19.89 4.49 -20.17
C ASP B 161 -21.28 5.01 -19.78
N ALA B 162 -21.34 6.27 -19.35
CA ALA B 162 -22.58 6.89 -18.87
C ALA B 162 -23.70 6.94 -19.93
N GLU B 163 -23.38 7.03 -21.22
CA GLU B 163 -24.43 6.97 -22.26
C GLU B 163 -24.84 5.55 -22.60
N GLY B 164 -24.17 4.56 -22.03
CA GLY B 164 -24.46 3.17 -22.32
C GLY B 164 -23.76 2.67 -23.57
N VAL B 165 -22.75 3.38 -24.02
CA VAL B 165 -21.92 2.85 -25.08
C VAL B 165 -20.94 1.83 -24.48
N VAL B 166 -20.89 0.67 -25.10
CA VAL B 166 -20.06 -0.41 -24.63
C VAL B 166 -18.75 -0.44 -25.42
N SER B 167 -17.60 -0.48 -24.75
CA SER B 167 -16.29 -0.64 -25.44
C SER B 167 -15.29 -1.50 -24.72
N THR B 168 -14.20 -1.77 -25.41
CA THR B 168 -13.09 -2.56 -24.93
C THR B 168 -11.91 -1.69 -24.59
N VAL B 169 -11.35 -1.86 -23.41
CA VAL B 169 -10.10 -1.16 -23.09
C VAL B 169 -9.04 -2.14 -22.64
N VAL B 170 -7.81 -1.92 -23.05
CA VAL B 170 -6.68 -2.63 -22.50
C VAL B 170 -5.99 -1.71 -21.53
N ALA B 171 -5.81 -2.15 -20.29
CA ALA B 171 -5.30 -1.27 -19.28
C ALA B 171 -4.03 -1.86 -18.83
N THR B 172 -2.96 -1.08 -18.80
CA THR B 172 -1.67 -1.62 -18.40
C THR B 172 -1.12 -0.97 -17.17
N ARG B 173 -0.08 -1.62 -16.69
CA ARG B 173 0.66 -1.32 -15.52
C ARG B 173 1.63 -0.17 -15.78
N GLU B 174 1.84 0.18 -17.05
CA GLU B 174 2.81 1.24 -17.34
C GLU B 174 2.43 2.59 -16.82
N GLU B 175 3.44 3.33 -16.36
CA GLU B 175 3.23 4.60 -15.71
C GLU B 175 2.52 5.64 -16.58
N ASP B 176 2.87 5.73 -17.86
CA ASP B 176 2.14 6.66 -18.72
C ASP B 176 0.76 6.15 -19.21
N ASP B 177 0.33 4.95 -18.81
CA ASP B 177 -0.97 4.42 -19.31
C ASP B 177 -2.16 5.28 -18.79
N PRO B 178 -2.89 5.91 -19.71
CA PRO B 178 -3.98 6.72 -19.20
C PRO B 178 -5.05 5.93 -18.46
N ASN B 179 -5.03 4.60 -18.56
CA ASN B 179 -6.03 3.75 -17.89
C ASN B 179 -5.47 2.87 -16.79
N ARG B 180 -4.35 3.30 -16.27
CA ARG B 180 -3.71 2.62 -15.19
C ARG B 180 -4.59 2.32 -14.02
N ASP B 181 -5.46 3.28 -13.75
CA ASP B 181 -6.42 3.15 -12.68
C ASP B 181 -7.29 1.87 -12.80
N LEU B 182 -7.73 1.55 -14.01
CA LEU B 182 -8.46 0.34 -14.29
C LEU B 182 -7.60 -0.90 -14.09
N TRP B 183 -6.34 -0.83 -14.49
CA TRP B 183 -5.43 -1.92 -14.20
C TRP B 183 -5.36 -2.09 -12.69
N TRP B 184 -5.18 -1.02 -11.95
CA TRP B 184 -4.93 -1.17 -10.53
C TRP B 184 -6.14 -1.78 -9.84
N ALA B 185 -7.33 -1.40 -10.28
CA ALA B 185 -8.54 -1.95 -9.69
C ALA B 185 -8.62 -3.47 -9.84
N HIS B 186 -7.98 -4.00 -10.87
CA HIS B 186 -7.91 -5.42 -11.12
C HIS B 186 -6.80 -6.13 -10.41
N THR B 187 -6.08 -5.44 -9.52
CA THR B 187 -5.04 -6.06 -8.77
C THR B 187 -5.50 -6.32 -7.37
N GLY B 188 -6.72 -6.83 -7.27
CA GLY B 188 -7.30 -7.11 -5.96
C GLY B 188 -8.67 -6.49 -5.71
N GLY B 189 -9.25 -5.72 -6.65
CA GLY B 189 -10.62 -5.17 -6.43
C GLY B 189 -11.70 -6.23 -6.48
N GLY B 190 -11.37 -7.38 -7.07
CA GLY B 190 -12.32 -8.47 -7.10
C GLY B 190 -13.23 -8.41 -8.31
N GLY B 191 -13.79 -9.59 -8.62
CA GLY B 191 -14.64 -9.77 -9.75
C GLY B 191 -15.97 -9.08 -9.64
N GLY B 192 -16.49 -8.72 -10.80
CA GLY B 192 -17.92 -8.44 -10.93
C GLY B 192 -18.25 -7.00 -10.60
N ASN B 193 -17.21 -6.16 -10.67
CA ASN B 193 -17.26 -4.73 -10.35
C ASN B 193 -17.11 -3.71 -11.53
N PHE B 194 -16.13 -3.90 -12.40
CA PHE B 194 -15.75 -2.80 -13.30
C PHE B 194 -16.15 -3.03 -14.74
N GLY B 195 -16.45 -4.28 -15.10
CA GLY B 195 -16.58 -4.66 -16.50
C GLY B 195 -16.29 -6.14 -16.61
N VAL B 196 -16.44 -6.64 -17.82
CA VAL B 196 -16.13 -8.04 -18.15
C VAL B 196 -14.68 -8.14 -18.53
N ILE B 197 -13.94 -8.86 -17.71
CA ILE B 197 -12.57 -9.21 -18.05
C ILE B 197 -12.62 -10.30 -19.11
N THR B 198 -12.04 -10.01 -20.29
CA THR B 198 -11.92 -11.01 -21.30
C THR B 198 -10.57 -11.69 -21.28
N ARG B 199 -9.51 -10.96 -20.96
CA ARG B 199 -8.19 -11.56 -20.88
C ARG B 199 -7.19 -10.76 -20.03
N TYR B 200 -6.28 -11.50 -19.40
CA TYR B 200 -5.15 -10.98 -18.63
C TYR B 200 -3.82 -11.23 -19.38
N TRP B 201 -2.83 -10.37 -19.17
CA TRP B 201 -1.49 -10.61 -19.64
C TRP B 201 -0.56 -10.68 -18.46
N LEU B 202 0.22 -11.75 -18.37
CA LEU B 202 1.05 -12.01 -17.19
C LEU B 202 2.53 -11.93 -17.55
N ARG B 203 3.31 -11.31 -16.67
CA ARG B 203 4.71 -11.05 -16.90
C ARG B 203 5.40 -10.55 -15.62
N SER B 204 6.59 -11.00 -15.33
CA SER B 204 7.36 -10.40 -14.21
C SER B 204 7.70 -8.97 -14.52
N PRO B 205 7.57 -8.09 -13.51
CA PRO B 205 7.95 -6.68 -13.77
C PRO B 205 9.42 -6.51 -14.18
N ASP B 206 10.27 -7.36 -13.59
CA ASP B 206 11.74 -7.34 -13.79
C ASP B 206 12.27 -8.29 -14.89
N ALA B 207 11.42 -8.78 -15.78
CA ALA B 207 11.82 -9.83 -16.71
C ALA B 207 12.81 -9.31 -17.75
N VAL B 208 13.78 -10.16 -18.09
CA VAL B 208 14.85 -9.82 -19.04
C VAL B 208 14.54 -10.30 -20.48
N GLY B 209 14.59 -9.37 -21.42
CA GLY B 209 14.59 -9.71 -22.86
C GLY B 209 13.22 -9.83 -23.49
N ASP B 210 12.96 -10.93 -24.19
CA ASP B 210 11.60 -11.22 -24.65
C ASP B 210 11.29 -12.70 -24.92
N ALA B 211 12.11 -13.60 -24.39
CA ALA B 211 11.86 -15.03 -24.51
C ALA B 211 10.86 -15.41 -23.44
N PRO B 212 9.83 -16.18 -23.83
CA PRO B 212 8.82 -16.62 -22.92
C PRO B 212 9.37 -17.30 -21.68
N GLU B 213 10.48 -18.00 -21.85
CA GLU B 213 11.08 -18.77 -20.78
C GLU B 213 11.55 -17.86 -19.66
N GLU B 214 11.77 -16.58 -20.00
CA GLU B 214 12.24 -15.56 -19.06
C GLU B 214 11.15 -14.56 -18.60
N ALA B 215 9.93 -14.69 -19.09
CA ALA B 215 8.92 -13.65 -18.86
C ALA B 215 8.16 -13.88 -17.58
N LEU B 216 8.22 -15.09 -17.02
CA LEU B 216 7.71 -15.41 -15.70
C LEU B 216 8.73 -16.28 -15.00
N PRO B 217 8.61 -16.46 -13.67
CA PRO B 217 9.58 -17.27 -12.92
C PRO B 217 9.51 -18.79 -13.16
N ARG B 218 10.68 -19.46 -13.11
CA ARG B 218 10.77 -20.89 -13.07
C ARG B 218 10.59 -21.28 -11.63
N PRO B 219 9.62 -22.14 -11.35
CA PRO B 219 9.58 -22.68 -10.02
C PRO B 219 10.81 -23.50 -9.73
N PRO B 220 11.06 -23.82 -8.45
CA PRO B 220 12.08 -24.81 -8.07
C PRO B 220 11.68 -26.18 -8.62
N ALA B 221 12.65 -26.97 -9.08
CA ALA B 221 12.29 -28.20 -9.81
C ALA B 221 11.68 -29.31 -8.95
N SER B 222 12.09 -29.38 -7.69
CA SER B 222 11.68 -30.50 -6.81
C SER B 222 11.45 -30.01 -5.40
N PHE B 223 10.57 -30.70 -4.69
CA PHE B 223 10.17 -30.31 -3.37
C PHE B 223 10.17 -31.54 -2.52
N HIS B 224 10.60 -31.40 -1.26
CA HIS B 224 10.29 -32.36 -0.21
C HIS B 224 8.92 -32.06 0.34
N VAL B 225 8.14 -33.09 0.50
CA VAL B 225 6.75 -32.98 0.82
C VAL B 225 6.49 -33.88 2.02
N ALA B 226 5.67 -33.41 2.93
CA ALA B 226 5.35 -34.17 4.13
C ALA B 226 3.87 -34.14 4.29
N ARG B 227 3.25 -35.27 4.62
CA ARG B 227 1.81 -35.25 4.88
C ARG B 227 1.60 -35.98 6.17
N VAL B 228 0.76 -35.39 7.01
CA VAL B 228 0.71 -35.66 8.45
C VAL B 228 -0.72 -35.72 8.91
N SER B 229 -1.03 -36.61 9.83
CA SER B 229 -2.34 -36.59 10.41
C SER B 229 -2.29 -37.08 11.83
N TRP B 230 -3.14 -36.48 12.64
CA TRP B 230 -3.27 -36.85 14.02
C TRP B 230 -4.71 -37.31 14.22
N SER B 231 -4.86 -38.45 14.91
CA SER B 231 -6.15 -39.05 15.16
C SER B 231 -6.90 -38.22 16.17
N TRP B 232 -8.22 -38.15 16.02
CA TRP B 232 -9.07 -37.50 17.00
C TRP B 232 -9.38 -38.41 18.19
N ALA B 233 -9.02 -39.70 18.10
CA ALA B 233 -9.41 -40.74 19.07
C ALA B 233 -9.17 -40.35 20.51
N GLU B 234 -7.93 -39.94 20.85
CA GLU B 234 -7.62 -39.41 22.19
C GLU B 234 -6.98 -38.02 22.14
N LEU B 235 -7.36 -37.24 21.13
CA LEU B 235 -6.97 -35.86 21.05
C LEU B 235 -7.77 -35.08 22.10
N THR B 236 -7.08 -34.30 22.91
CA THR B 236 -7.73 -33.51 23.94
C THR B 236 -7.58 -32.02 23.65
N GLU B 237 -8.43 -31.22 24.28
CA GLU B 237 -8.31 -29.75 24.19
C GLU B 237 -6.87 -29.31 24.35
N ALA B 238 -6.18 -29.89 25.33
CA ALA B 238 -4.79 -29.51 25.65
C ALA B 238 -3.86 -29.73 24.45
N ASP B 239 -3.94 -30.94 23.88
CA ASP B 239 -3.24 -31.24 22.65
C ASP B 239 -3.57 -30.24 21.54
N TYR B 240 -4.86 -30.05 21.30
CA TYR B 240 -5.30 -29.23 20.20
C TYR B 240 -4.61 -27.89 20.29
N VAL B 241 -4.62 -27.32 21.50
CA VAL B 241 -4.20 -25.93 21.72
C VAL B 241 -2.67 -25.82 21.69
N ARG B 242 -1.96 -26.86 22.12
CA ARG B 242 -0.52 -26.82 22.00
C ARG B 242 -0.07 -26.89 20.52
N LEU B 243 -0.68 -27.83 19.78
CA LEU B 243 -0.37 -28.06 18.36
C LEU B 243 -0.50 -26.82 17.46
N VAL B 244 -1.60 -26.10 17.59
CA VAL B 244 -1.85 -24.93 16.74
C VAL B 244 -0.94 -23.80 17.18
N SER B 245 -0.83 -23.59 18.49
CA SER B 245 0.10 -22.59 19.03
C SER B 245 1.48 -22.84 18.48
N ASN B 246 1.90 -24.10 18.50
CA ASN B 246 3.20 -24.48 17.96
C ASN B 246 3.27 -24.10 16.48
N PHE B 247 2.21 -24.44 15.74
CA PHE B 247 2.14 -24.10 14.30
C PHE B 247 2.28 -22.59 14.13
N LEU B 248 1.44 -21.87 14.85
CA LEU B 248 1.42 -20.42 14.72
C LEU B 248 2.68 -19.72 15.17
N ASP B 249 3.26 -20.13 16.31
CA ASP B 249 4.52 -19.54 16.79
C ASP B 249 5.54 -19.68 15.69
N TRP B 250 5.65 -20.89 15.19
CA TRP B 250 6.62 -21.18 14.17
C TRP B 250 6.37 -20.30 12.93
N GLN B 251 5.14 -20.31 12.41
CA GLN B 251 4.83 -19.55 11.19
C GLN B 251 5.14 -18.08 11.37
N LEU B 252 4.87 -17.57 12.56
CA LEU B 252 5.04 -16.15 12.83
C LEU B 252 6.50 -15.74 12.97
N ARG B 253 7.35 -16.65 13.45
CA ARG B 253 8.80 -16.41 13.46
C ARG B 253 9.42 -16.54 12.08
N ASN B 254 8.77 -17.30 11.21
CA ASN B 254 9.33 -17.62 9.90
C ASN B 254 8.41 -17.18 8.75
N CYS B 255 7.77 -16.03 8.90
CA CYS B 255 6.87 -15.54 7.86
C CYS B 255 7.47 -14.41 7.01
N THR B 256 8.76 -14.12 7.13
CA THR B 256 9.37 -13.02 6.40
C THR B 256 10.45 -13.52 5.46
N VAL B 257 10.79 -12.66 4.49
CA VAL B 257 11.81 -12.93 3.48
C VAL B 257 13.20 -13.17 4.07
N ASP B 258 13.39 -12.75 5.31
CA ASP B 258 14.66 -12.98 5.99
C ASP B 258 14.79 -14.42 6.50
N SER B 259 13.69 -15.16 6.59
CA SER B 259 13.75 -16.51 7.16
C SER B 259 14.51 -17.40 6.19
N PRO B 260 15.34 -18.29 6.75
CA PRO B 260 15.87 -19.36 5.91
C PRO B 260 14.84 -20.47 5.79
N ASN B 261 13.68 -20.33 6.44
CA ASN B 261 12.59 -21.29 6.34
C ASN B 261 11.43 -20.82 5.45
N ILE B 262 11.61 -19.70 4.76
CA ILE B 262 10.53 -19.04 4.03
C ILE B 262 10.01 -19.90 2.85
N GLY B 263 10.86 -20.82 2.37
CA GLY B 263 10.51 -21.78 1.33
C GLY B 263 9.59 -22.87 1.84
N LEU B 264 9.56 -23.03 3.16
CA LEU B 264 8.69 -23.99 3.79
C LEU B 264 7.27 -23.47 3.90
N TYR B 265 6.35 -24.17 3.25
CA TYR B 265 4.97 -23.76 3.10
C TYR B 265 4.17 -24.84 3.72
N ALA B 266 3.21 -24.50 4.56
CA ALA B 266 2.46 -25.52 5.23
C ALA B 266 1.02 -25.09 5.49
N LEU B 267 0.13 -26.09 5.52
CA LEU B 267 -1.29 -25.87 5.61
C LEU B 267 -1.78 -26.82 6.65
N LEU B 268 -2.40 -26.29 7.71
CA LEU B 268 -2.98 -27.12 8.76
C LEU B 268 -4.51 -27.18 8.64
N GLU B 269 -5.08 -28.38 8.46
CA GLU B 269 -6.52 -28.54 8.38
C GLU B 269 -7.08 -29.11 9.69
N CYS B 270 -7.83 -28.28 10.42
CA CYS B 270 -8.46 -28.73 11.66
C CYS B 270 -9.89 -29.15 11.39
N PHE B 271 -10.08 -30.42 11.08
CA PHE B 271 -11.41 -30.90 10.78
C PHE B 271 -12.16 -31.12 12.08
N HIS B 272 -13.47 -31.06 11.98
CA HIS B 272 -14.34 -31.45 13.08
C HIS B 272 -14.17 -32.96 13.34
N ARG B 273 -14.46 -33.39 14.56
CA ARG B 273 -14.12 -34.75 15.02
C ARG B 273 -14.76 -35.86 14.15
N SER B 274 -16.00 -35.66 13.73
CA SER B 274 -16.55 -36.23 12.49
C SER B 274 -15.61 -36.83 11.44
N ALA B 275 -14.49 -36.16 11.19
CA ALA B 275 -13.59 -36.51 10.10
C ALA B 275 -12.63 -37.57 10.52
N GLY B 276 -12.37 -37.66 11.83
CA GLY B 276 -11.44 -38.65 12.37
C GLY B 276 -10.03 -38.14 12.63
N HIS B 277 -9.60 -37.16 11.86
CA HIS B 277 -8.20 -36.74 11.93
C HIS B 277 -8.08 -35.25 11.77
N LEU B 278 -7.00 -34.71 12.32
CA LEU B 278 -6.46 -33.41 11.91
C LEU B 278 -5.41 -33.71 10.84
N ALA B 279 -5.27 -32.82 9.86
CA ALA B 279 -4.36 -33.06 8.75
C ALA B 279 -3.51 -31.86 8.43
N MET B 280 -2.32 -32.11 7.92
CA MET B 280 -1.39 -31.08 7.51
C MET B 280 -0.53 -31.53 6.32
N HIS B 281 -0.36 -30.65 5.33
CA HIS B 281 0.62 -30.89 4.30
CA HIS B 281 0.56 -30.83 4.18
C HIS B 281 1.62 -29.75 4.30
N ALA B 282 2.89 -30.09 4.09
CA ALA B 282 3.99 -29.16 4.06
C ALA B 282 4.80 -29.45 2.82
N GLN B 283 5.59 -28.47 2.40
CA GLN B 283 6.48 -28.64 1.26
C GLN B 283 7.64 -27.68 1.35
N ILE B 284 8.79 -28.06 0.83
CA ILE B 284 9.94 -27.19 0.80
C ILE B 284 10.79 -27.53 -0.39
N PRO B 285 11.32 -26.52 -1.10
CA PRO B 285 12.10 -26.88 -2.26
C PRO B 285 13.31 -27.65 -1.85
N VAL B 286 13.80 -28.44 -2.78
CA VAL B 286 14.90 -29.38 -2.58
C VAL B 286 16.21 -28.61 -2.53
N ASP B 287 16.31 -27.53 -3.30
CA ASP B 287 17.55 -26.75 -3.35
C ASP B 287 17.71 -25.65 -2.26
N VAL B 288 16.94 -25.75 -1.20
CA VAL B 288 17.13 -24.93 -0.04
C VAL B 288 18.14 -25.62 0.90
N PRO B 289 19.25 -24.91 1.27
CA PRO B 289 20.31 -25.47 2.10
C PRO B 289 19.77 -26.21 3.29
N ASP B 290 20.02 -27.52 3.36
CA ASP B 290 19.55 -28.37 4.47
C ASP B 290 18.04 -28.51 4.52
N ALA B 291 17.43 -28.44 3.34
CA ALA B 291 15.98 -28.55 3.17
C ALA B 291 15.41 -29.76 3.89
N GLU B 292 16.09 -30.89 3.81
CA GLU B 292 15.53 -32.13 4.38
C GLU B 292 15.48 -32.03 5.91
N GLU B 293 16.50 -31.42 6.50
CA GLU B 293 16.58 -31.25 7.96
C GLU B 293 15.61 -30.20 8.48
N ARG B 294 15.41 -29.12 7.70
CA ARG B 294 14.52 -28.05 8.12
C ARG B 294 13.08 -28.52 8.24
N MET B 295 12.70 -29.44 7.36
CA MET B 295 11.40 -30.08 7.45
C MET B 295 11.37 -30.97 8.68
N SER B 296 12.49 -31.58 9.02
CA SER B 296 12.59 -32.33 10.28
C SER B 296 12.42 -31.43 11.51
N TRP B 297 13.11 -30.27 11.53
CA TRP B 297 13.01 -29.36 12.69
C TRP B 297 11.57 -28.88 12.83
N PHE B 298 11.04 -28.37 11.73
CA PHE B 298 9.67 -27.87 11.71
C PHE B 298 8.68 -28.88 12.29
N LEU B 299 8.76 -30.14 11.86
CA LEU B 299 7.88 -31.21 12.35
C LEU B 299 8.13 -31.49 13.84
N ALA B 300 9.38 -31.33 14.28
CA ALA B 300 9.70 -31.64 15.68
C ALA B 300 8.98 -30.66 16.58
N GLU B 301 9.23 -29.36 16.35
CA GLU B 301 8.59 -28.25 17.08
C GLU B 301 7.06 -28.34 17.07
N LEU B 302 6.51 -28.76 15.93
CA LEU B 302 5.09 -28.92 15.80
C LEU B 302 4.57 -29.80 16.93
N ASN B 303 5.22 -30.94 17.15
CA ASN B 303 4.66 -31.97 18.02
C ASN B 303 5.10 -31.88 19.49
N GLU B 304 6.00 -30.95 19.78
CA GLU B 304 6.53 -30.77 21.11
C GLU B 304 5.42 -30.47 22.11
N GLY B 305 5.31 -31.31 23.13
CA GLY B 305 4.30 -31.17 24.16
C GLY B 305 2.97 -31.75 23.75
N VAL B 306 2.94 -32.58 22.69
CA VAL B 306 1.69 -33.11 22.11
C VAL B 306 1.69 -34.62 22.21
N ALA B 307 0.67 -35.16 22.88
CA ALA B 307 0.62 -36.59 23.23
C ALA B 307 0.13 -37.50 22.10
N VAL B 308 -0.69 -37.00 21.18
CA VAL B 308 -1.00 -37.83 19.99
C VAL B 308 0.23 -37.80 19.10
N ALA B 309 0.59 -38.99 18.61
CA ALA B 309 1.73 -39.14 17.72
C ALA B 309 1.19 -39.09 16.29
N PRO B 310 1.88 -38.37 15.41
CA PRO B 310 1.32 -38.19 14.09
C PRO B 310 1.76 -39.29 13.17
N SER B 311 0.81 -39.84 12.40
CA SER B 311 1.19 -40.65 11.25
C SER B 311 1.68 -39.73 10.11
N LEU B 312 2.83 -40.07 9.56
CA LEU B 312 3.65 -39.19 8.76
C LEU B 312 4.17 -39.93 7.51
N THR B 313 4.21 -39.24 6.38
CA THR B 313 4.90 -39.74 5.18
C THR B 313 5.63 -38.59 4.47
N ARG B 314 6.86 -38.86 4.05
CA ARG B 314 7.70 -37.88 3.42
C ARG B 314 8.17 -38.39 2.08
N ARG B 315 8.25 -37.50 1.10
CA ARG B 315 8.65 -37.89 -0.26
C ARG B 315 9.08 -36.68 -1.06
N ARG B 316 9.69 -36.92 -2.20
CA ARG B 316 10.25 -35.90 -3.01
C ARG B 316 9.48 -35.95 -4.33
N LEU B 317 9.10 -34.81 -4.89
CA LEU B 317 8.38 -34.80 -6.16
C LEU B 317 8.79 -33.61 -6.98
N PRO B 318 8.62 -33.66 -8.33
CA PRO B 318 8.72 -32.46 -9.18
C PRO B 318 7.70 -31.39 -8.80
N TRP B 319 7.95 -30.10 -9.07
CA TRP B 319 7.00 -29.03 -8.64
C TRP B 319 5.56 -29.29 -9.10
N LEU B 320 5.37 -29.47 -10.41
CA LEU B 320 4.03 -29.61 -10.91
C LEU B 320 3.30 -30.82 -10.32
N ALA B 321 3.98 -31.93 -10.11
CA ALA B 321 3.36 -33.04 -9.36
C ALA B 321 3.00 -32.63 -7.94
N THR B 322 3.90 -31.94 -7.25
CA THR B 322 3.64 -31.47 -5.86
C THR B 322 2.34 -30.65 -5.79
N SER B 323 2.16 -29.76 -6.76
CA SER B 323 1.02 -28.86 -6.85
C SER B 323 -0.27 -29.65 -7.15
N GLN B 324 -0.18 -30.66 -8.01
CA GLN B 324 -1.37 -31.45 -8.29
C GLN B 324 -1.73 -32.39 -7.14
N LEU B 325 -0.74 -32.82 -6.36
CA LEU B 325 -0.99 -33.66 -5.18
C LEU B 325 -1.87 -32.96 -4.17
N LEU B 326 -1.53 -31.71 -3.87
CA LEU B 326 -2.26 -30.90 -2.87
C LEU B 326 -3.46 -30.12 -3.42
N ALA B 327 -3.71 -30.16 -4.72
CA ALA B 327 -4.85 -29.47 -5.32
C ALA B 327 -6.16 -30.15 -4.98
N ILE B 328 -7.25 -29.43 -5.12
CA ILE B 328 -8.56 -29.99 -4.91
C ILE B 328 -9.14 -30.30 -6.28
N PRO B 329 -9.66 -31.52 -6.46
CA PRO B 329 -10.27 -32.01 -7.67
C PRO B 329 -11.50 -31.23 -8.02
N ASP B 330 -11.71 -31.11 -9.32
CA ASP B 330 -12.90 -30.46 -9.90
C ASP B 330 -13.98 -31.50 -10.32
N VAL B 331 -13.79 -32.76 -9.96
CA VAL B 331 -14.80 -33.80 -10.19
C VAL B 331 -14.79 -34.76 -9.03
N GLY B 332 -15.77 -35.63 -8.98
CA GLY B 332 -15.88 -36.58 -7.88
C GLY B 332 -16.81 -36.06 -6.79
N PRO B 333 -17.04 -36.89 -5.75
CA PRO B 333 -17.94 -36.52 -4.64
C PRO B 333 -17.54 -35.23 -3.92
N GLY B 334 -16.26 -34.92 -3.82
CA GLY B 334 -15.86 -33.71 -3.14
C GLY B 334 -16.20 -32.46 -3.92
N ALA B 335 -16.45 -32.58 -5.23
CA ALA B 335 -16.60 -31.36 -6.04
C ALA B 335 -17.98 -31.15 -6.59
N ILE B 336 -18.75 -32.21 -6.78
CA ILE B 336 -19.92 -32.08 -7.61
C ILE B 336 -21.20 -32.33 -6.82
N GLY B 337 -22.13 -31.37 -6.92
CA GLY B 337 -23.42 -31.42 -6.23
C GLY B 337 -23.30 -31.06 -4.75
N VAL B 338 -22.32 -30.21 -4.42
CA VAL B 338 -21.99 -29.91 -3.03
C VAL B 338 -22.52 -28.52 -2.63
N ARG B 339 -23.17 -28.47 -1.48
CA ARG B 339 -23.61 -27.21 -0.86
C ARG B 339 -22.51 -26.75 0.10
N ARG B 340 -22.16 -25.45 0.08
CA ARG B 340 -20.99 -24.96 0.83
C ARG B 340 -21.31 -23.70 1.54
N LYS B 341 -20.54 -23.43 2.60
CA LYS B 341 -20.45 -22.10 3.19
C LYS B 341 -19.00 -21.90 3.55
N VAL B 342 -18.42 -20.78 3.16
CA VAL B 342 -17.04 -20.46 3.52
C VAL B 342 -16.89 -19.15 4.27
N LYS B 343 -15.82 -19.03 5.04
CA LYS B 343 -15.50 -17.81 5.77
C LYS B 343 -14.00 -17.67 5.81
N SER B 344 -13.51 -16.49 6.13
CA SER B 344 -12.06 -16.29 6.19
C SER B 344 -11.66 -15.18 7.16
N ALA B 345 -10.44 -15.23 7.66
CA ALA B 345 -9.95 -14.20 8.58
C ALA B 345 -8.45 -14.31 8.48
N ASP B 346 -7.76 -13.19 8.21
CA ASP B 346 -6.30 -13.20 8.10
C ASP B 346 -5.70 -12.73 9.44
N LEU B 347 -4.51 -13.18 9.75
CA LEU B 347 -3.83 -12.86 11.01
C LEU B 347 -2.50 -12.20 10.76
N ARG B 348 -2.16 -11.25 11.64
CA ARG B 348 -0.86 -10.58 11.79
C ARG B 348 -0.16 -11.05 13.11
N GLY B 349 -0.92 -11.69 13.99
CA GLY B 349 -0.38 -12.27 15.21
C GLY B 349 -1.20 -13.48 15.62
N PRO B 350 -0.79 -14.14 16.72
CA PRO B 350 -1.33 -15.47 17.10
C PRO B 350 -2.77 -15.42 17.60
N HIS B 351 -3.55 -16.49 17.38
CA HIS B 351 -4.78 -16.67 18.14
C HIS B 351 -4.41 -16.94 19.61
N THR B 352 -5.17 -16.39 20.54
CA THR B 352 -4.91 -16.60 21.97
C THR B 352 -5.38 -17.96 22.39
N ARG B 353 -4.90 -18.42 23.55
CA ARG B 353 -5.36 -19.68 24.15
C ARG B 353 -6.88 -19.78 24.29
N GLU B 354 -7.55 -18.69 24.63
CA GLU B 354 -9.02 -18.71 24.74
C GLU B 354 -9.66 -19.01 23.39
N GLN B 355 -9.25 -18.30 22.34
CA GLN B 355 -9.79 -18.52 20.98
C GLN B 355 -9.69 -19.97 20.52
N LEU B 356 -8.54 -20.58 20.79
CA LEU B 356 -8.27 -21.96 20.44
C LEU B 356 -9.12 -22.92 21.26
N ALA B 357 -9.37 -22.59 22.52
CA ALA B 357 -10.29 -23.37 23.32
C ALA B 357 -11.66 -23.34 22.66
N ALA B 358 -12.06 -22.16 22.21
CA ALA B 358 -13.39 -21.99 21.60
C ALA B 358 -13.51 -22.76 20.28
N ALA B 359 -12.43 -22.81 19.51
CA ALA B 359 -12.42 -23.58 18.27
C ALA B 359 -12.53 -25.06 18.62
N TYR B 360 -11.75 -25.48 19.61
CA TYR B 360 -11.76 -26.87 20.05
C TYR B 360 -13.16 -27.35 20.42
N ARG B 361 -13.85 -26.55 21.21
CA ARG B 361 -15.19 -26.87 21.64
C ARG B 361 -16.06 -27.11 20.42
N HIS B 362 -16.04 -26.19 19.45
CA HIS B 362 -16.90 -26.37 18.27
C HIS B 362 -16.41 -27.50 17.38
N LEU B 363 -15.11 -27.68 17.30
CA LEU B 363 -14.58 -28.80 16.54
C LEU B 363 -14.82 -30.17 17.18
N SER B 364 -15.10 -30.21 18.49
CA SER B 364 -15.32 -31.47 19.20
C SER B 364 -16.81 -31.81 19.35
N ARG B 365 -17.65 -30.77 19.41
CA ARG B 365 -19.11 -30.93 19.51
C ARG B 365 -19.64 -32.23 18.92
N ALA B 366 -19.99 -33.17 19.79
CA ALA B 366 -20.39 -34.52 19.37
C ALA B 366 -21.82 -34.54 18.86
N ASP B 367 -22.60 -33.51 19.16
CA ASP B 367 -23.94 -33.41 18.59
C ASP B 367 -24.00 -32.94 17.12
N TYR B 368 -22.86 -32.99 16.42
CA TYR B 368 -22.75 -32.48 15.06
C TYR B 368 -21.97 -33.52 14.27
N HIS B 369 -22.36 -33.73 13.03
CA HIS B 369 -21.68 -34.65 12.15
C HIS B 369 -21.48 -33.99 10.77
N CYS B 370 -20.23 -33.94 10.31
CA CYS B 370 -19.83 -33.35 9.02
C CYS B 370 -18.31 -33.54 8.91
N PRO B 371 -17.89 -34.62 8.22
CA PRO B 371 -16.48 -34.84 7.99
C PRO B 371 -15.83 -33.73 7.14
N SER B 372 -16.64 -33.05 6.31
CA SER B 372 -16.16 -31.89 5.52
C SER B 372 -16.08 -30.55 6.24
N ALA B 373 -16.38 -30.48 7.54
CA ALA B 373 -16.28 -29.21 8.27
C ALA B 373 -14.89 -28.95 8.85
N ALA B 374 -14.30 -27.82 8.52
CA ALA B 374 -12.96 -27.52 9.01
C ALA B 374 -12.65 -26.07 9.06
N MET B 375 -11.52 -25.79 9.70
CA MET B 375 -10.87 -24.53 9.61
C MET B 375 -9.43 -24.84 9.40
N GLU B 376 -8.78 -23.95 8.66
CA GLU B 376 -7.44 -24.17 8.18
C GLU B 376 -6.58 -22.94 8.44
N TYR B 377 -5.31 -23.20 8.77
CA TYR B 377 -4.28 -22.20 8.88
C TYR B 377 -3.33 -22.44 7.71
N ILE B 378 -3.23 -21.43 6.86
CA ILE B 378 -2.49 -21.49 5.63
C ILE B 378 -1.34 -20.53 5.76
N ALA B 379 -0.12 -21.01 5.62
CA ALA B 379 1.03 -20.14 5.70
C ALA B 379 1.01 -19.16 4.54
N TYR B 380 1.52 -17.96 4.81
CA TYR B 380 1.34 -16.82 3.91
C TYR B 380 2.54 -15.91 4.12
N GLY B 381 2.50 -14.73 3.53
CA GLY B 381 3.53 -13.73 3.85
C GLY B 381 4.67 -13.84 2.90
N GLY B 382 5.90 -13.83 3.41
CA GLY B 382 7.07 -13.88 2.55
C GLY B 382 7.07 -12.76 1.54
N ARG B 383 7.42 -13.05 0.29
CA ARG B 383 7.48 -12.05 -0.81
C ARG B 383 6.21 -11.24 -1.05
N VAL B 384 5.08 -11.75 -0.59
CA VAL B 384 3.85 -11.01 -0.67
C VAL B 384 4.02 -9.65 0.00
N ASN B 385 4.77 -9.66 1.10
CA ASN B 385 4.88 -8.50 1.98
C ASN B 385 6.04 -7.59 1.77
N THR B 386 6.77 -7.79 0.69
CA THR B 386 7.85 -6.93 0.32
C THR B 386 7.40 -5.92 -0.72
N VAL B 387 6.14 -5.89 -1.12
CA VAL B 387 5.71 -4.85 -2.07
C VAL B 387 4.95 -3.77 -1.32
N ASP B 388 4.86 -2.58 -1.89
CA ASP B 388 4.11 -1.47 -1.29
C ASP B 388 2.58 -1.78 -1.28
N PRO B 389 1.93 -1.75 -0.10
CA PRO B 389 0.45 -1.96 -0.01
C PRO B 389 -0.40 -1.03 -0.89
N ALA B 390 0.24 0.04 -1.34
CA ALA B 390 -0.35 1.03 -2.23
C ALA B 390 -0.41 0.55 -3.66
N ALA B 391 0.60 -0.25 -4.01
CA ALA B 391 0.92 -0.58 -5.38
C ALA B 391 -0.09 -1.52 -6.00
N THR B 392 -0.84 -2.26 -5.19
CA THR B 392 -1.95 -2.99 -5.73
C THR B 392 -3.16 -2.77 -4.84
N ALA B 393 -4.31 -3.20 -5.31
CA ALA B 393 -5.49 -3.05 -4.53
C ALA B 393 -5.64 -4.07 -3.40
N VAL B 394 -4.83 -5.11 -3.39
CA VAL B 394 -4.96 -6.13 -2.35
C VAL B 394 -4.43 -5.60 -1.04
N PRO B 395 -5.21 -5.69 0.04
CA PRO B 395 -4.66 -5.37 1.37
C PRO B 395 -3.54 -6.32 1.66
N ARG B 396 -2.44 -5.81 2.15
CA ARG B 396 -1.37 -6.70 2.53
C ARG B 396 -1.11 -6.48 4.00
N GLY B 397 -0.45 -7.41 4.65
CA GLY B 397 -0.16 -7.28 6.08
C GLY B 397 -0.25 -8.61 6.80
N ALA B 398 -1.15 -9.46 6.32
CA ALA B 398 -1.37 -10.75 6.90
C ALA B 398 -0.10 -11.54 6.70
N SER B 399 0.26 -12.32 7.70
CA SER B 399 1.39 -13.22 7.64
C SER B 399 0.85 -14.66 7.54
N LEU B 400 -0.43 -14.81 7.81
CA LEU B 400 -1.06 -16.08 7.84
C LEU B 400 -2.56 -15.91 7.51
N LYS B 401 -3.15 -16.85 6.77
CA LYS B 401 -4.54 -16.78 6.35
C LYS B 401 -5.30 -17.92 6.97
N THR B 402 -6.54 -17.67 7.36
CA THR B 402 -7.34 -18.74 7.93
C THR B 402 -8.61 -18.87 7.12
N PHE B 403 -9.21 -20.05 7.17
CA PHE B 403 -10.24 -20.38 6.22
C PHE B 403 -11.12 -21.39 6.88
N TYR B 404 -12.42 -21.21 6.68
CA TYR B 404 -13.47 -21.96 7.33
C TYR B 404 -14.37 -22.56 6.24
N MET B 405 -14.77 -23.83 6.38
CA MET B 405 -15.73 -24.37 5.44
C MET B 405 -16.55 -25.54 5.95
N VAL B 406 -17.84 -25.51 5.61
CA VAL B 406 -18.71 -26.65 5.69
C VAL B 406 -19.25 -26.97 4.29
N ALA B 407 -19.22 -28.25 3.94
CA ALA B 407 -19.84 -28.72 2.72
C ALA B 407 -20.74 -29.90 3.08
N TRP B 408 -21.91 -29.96 2.45
CA TRP B 408 -22.86 -31.06 2.63
C TRP B 408 -23.65 -31.25 1.33
N THR B 409 -24.50 -32.27 1.28
CA THR B 409 -25.30 -32.50 0.08
C THR B 409 -26.80 -32.41 0.29
N ASP B 410 -27.28 -32.52 1.54
CA ASP B 410 -28.71 -32.51 1.83
C ASP B 410 -29.24 -31.11 2.10
N PRO B 411 -30.12 -30.58 1.25
CA PRO B 411 -30.65 -29.24 1.52
C PRO B 411 -31.43 -29.13 2.87
N ASP B 412 -31.95 -30.24 3.37
CA ASP B 412 -32.64 -30.24 4.65
C ASP B 412 -31.71 -29.97 5.83
N GLU B 413 -30.41 -30.22 5.66
CA GLU B 413 -29.44 -30.01 6.72
C GLU B 413 -28.76 -28.65 6.68
N ASP B 414 -29.18 -27.77 5.78
CA ASP B 414 -28.57 -26.45 5.63
C ASP B 414 -28.47 -25.69 6.97
N GLU B 415 -29.53 -25.71 7.76
CA GLU B 415 -29.53 -24.91 9.00
C GLU B 415 -28.49 -25.39 10.02
N GLU B 416 -28.32 -26.69 10.13
CA GLU B 416 -27.34 -27.22 11.07
C GLU B 416 -25.93 -26.81 10.67
N HIS B 417 -25.66 -26.76 9.36
CA HIS B 417 -24.30 -26.56 8.87
C HIS B 417 -23.97 -25.07 8.91
N LEU B 418 -24.92 -24.26 8.46
CA LEU B 418 -24.82 -22.81 8.58
C LEU B 418 -24.66 -22.40 10.05
N ARG B 419 -25.46 -23.00 10.94
CA ARG B 419 -25.38 -22.67 12.36
C ARG B 419 -23.99 -22.92 12.89
N TRP B 420 -23.44 -24.09 12.61
CA TRP B 420 -22.10 -24.43 13.07
C TRP B 420 -21.01 -23.48 12.59
N ILE B 421 -21.00 -23.15 11.31
CA ILE B 421 -19.90 -22.34 10.81
C ILE B 421 -20.02 -20.95 11.36
N ARG B 422 -21.24 -20.48 11.44
CA ARG B 422 -21.52 -19.16 11.99
C ARG B 422 -21.14 -19.02 13.46
N GLU B 423 -21.49 -20.02 14.26
CA GLU B 423 -21.19 -19.97 15.70
C GLU B 423 -19.68 -20.12 15.97
N ILE B 424 -18.99 -21.04 15.27
CA ILE B 424 -17.55 -21.15 15.52
C ILE B 424 -16.85 -19.85 15.13
N TYR B 425 -17.20 -19.27 13.98
CA TYR B 425 -16.56 -18.02 13.54
C TYR B 425 -16.80 -16.89 14.52
N ARG B 426 -18.06 -16.68 14.85
CA ARG B 426 -18.40 -15.66 15.85
C ARG B 426 -17.62 -15.84 17.16
N ASP B 427 -17.64 -17.04 17.72
CA ASP B 427 -17.04 -17.26 19.05
C ASP B 427 -15.52 -17.12 19.03
N ILE B 428 -14.88 -17.29 17.90
CA ILE B 428 -13.46 -17.05 17.86
C ILE B 428 -13.18 -15.55 17.79
N HIS B 429 -14.08 -14.80 17.16
CA HIS B 429 -13.97 -13.33 17.10
C HIS B 429 -14.95 -12.64 18.07
N SER B 430 -15.24 -13.26 19.21
CA SER B 430 -16.23 -12.68 20.10
C SER B 430 -15.68 -11.41 20.77
N ALA B 431 -14.38 -11.33 20.99
CA ALA B 431 -13.78 -10.08 21.48
C ALA B 431 -13.99 -8.90 20.51
N THR B 432 -14.07 -9.16 19.21
CA THR B 432 -14.17 -8.08 18.20
C THR B 432 -15.49 -8.02 17.44
N GLY B 433 -16.58 -8.36 18.11
CA GLY B 433 -17.91 -8.28 17.50
C GLY B 433 -18.24 -9.37 16.49
N GLY B 434 -17.51 -10.46 16.51
CA GLY B 434 -17.84 -11.62 15.67
C GLY B 434 -17.17 -11.64 14.30
N VAL B 435 -16.33 -10.65 14.02
CA VAL B 435 -15.62 -10.58 12.76
C VAL B 435 -14.22 -10.08 12.96
N PRO B 436 -13.30 -10.48 12.07
CA PRO B 436 -11.92 -10.05 12.16
C PRO B 436 -11.74 -8.58 11.75
N THR B 437 -12.00 -7.68 12.68
CA THR B 437 -11.75 -6.26 12.46
C THR B 437 -10.24 -6.04 12.35
N PRO B 438 -9.82 -5.31 11.30
CA PRO B 438 -8.44 -4.93 11.15
C PRO B 438 -7.95 -4.27 12.41
N ASP B 439 -6.92 -4.82 13.04
CA ASP B 439 -6.37 -4.26 14.31
C ASP B 439 -4.91 -4.76 14.51
N GLU B 440 -4.48 -5.02 15.74
CA GLU B 440 -3.11 -5.49 15.96
C GLU B 440 -2.94 -6.96 15.55
N VAL B 441 -4.00 -7.75 15.59
CA VAL B 441 -3.91 -9.21 15.45
C VAL B 441 -4.65 -9.71 14.18
N ASN B 442 -5.77 -9.10 13.83
CA ASN B 442 -6.50 -9.38 12.58
C ASN B 442 -6.21 -8.36 11.49
N THR B 443 -6.21 -8.79 10.24
CA THR B 443 -5.99 -7.85 9.10
C THR B 443 -7.20 -7.72 8.21
N GLY B 444 -8.22 -8.51 8.46
CA GLY B 444 -9.36 -8.49 7.60
C GLY B 444 -9.72 -9.88 7.12
N ALA B 445 -10.26 -9.95 5.92
CA ALA B 445 -10.67 -11.18 5.29
C ALA B 445 -10.43 -11.01 3.79
N TYR B 446 -10.58 -12.10 3.03
CA TYR B 446 -10.22 -12.15 1.65
C TYR B 446 -11.46 -12.12 0.75
N ILE B 447 -11.48 -11.20 -0.19
CA ILE B 447 -12.63 -10.98 -1.07
C ILE B 447 -13.01 -12.25 -1.86
N ASN B 448 -12.04 -13.12 -2.13
CA ASN B 448 -12.28 -14.34 -2.84
C ASN B 448 -12.82 -15.50 -2.00
N TYR B 449 -12.96 -15.27 -0.68
CA TYR B 449 -13.77 -16.12 0.22
C TYR B 449 -14.92 -15.27 0.83
N PRO B 450 -15.82 -14.75 -0.01
CA PRO B 450 -16.82 -13.84 0.51
C PRO B 450 -17.84 -14.48 1.42
N ASP B 451 -18.39 -13.63 2.29
CA ASP B 451 -19.26 -14.04 3.36
C ASP B 451 -20.21 -12.93 3.68
N ILE B 452 -21.43 -13.02 3.17
CA ILE B 452 -22.44 -11.98 3.38
C ILE B 452 -22.90 -11.83 4.83
N ASP B 453 -22.55 -12.75 5.73
CA ASP B 453 -22.83 -12.59 7.17
C ASP B 453 -22.06 -11.40 7.80
N LEU B 454 -21.03 -10.89 7.13
CA LEU B 454 -20.34 -9.69 7.59
C LEU B 454 -21.18 -8.45 7.36
N ALA B 455 -22.22 -8.57 6.58
CA ALA B 455 -23.18 -7.46 6.46
C ALA B 455 -24.49 -7.70 7.22
N ASP B 456 -24.50 -8.68 8.11
CA ASP B 456 -25.71 -9.09 8.81
C ASP B 456 -25.59 -8.64 10.26
N PRO B 457 -26.46 -7.70 10.69
CA PRO B 457 -26.33 -7.12 12.03
C PRO B 457 -26.32 -8.18 13.13
N GLU B 458 -26.97 -9.31 12.86
CA GLU B 458 -27.01 -10.40 13.80
C GLU B 458 -25.70 -11.15 14.01
N TRP B 459 -24.76 -11.09 13.04
CA TRP B 459 -23.43 -11.79 13.16
C TRP B 459 -22.26 -10.83 13.22
N ASN B 460 -22.45 -9.63 12.68
CA ASN B 460 -21.44 -8.58 12.75
C ASN B 460 -21.94 -7.47 13.67
N THR B 461 -21.42 -7.44 14.89
CA THR B 461 -21.85 -6.48 15.92
C THR B 461 -20.68 -5.56 16.27
N SER B 462 -19.69 -5.45 15.37
CA SER B 462 -18.48 -4.66 15.58
C SER B 462 -18.61 -3.23 15.10
N GLY B 463 -19.61 -2.95 14.27
CA GLY B 463 -19.71 -1.64 13.65
C GLY B 463 -18.72 -1.37 12.51
N VAL B 464 -17.91 -2.36 12.13
CA VAL B 464 -16.99 -2.21 11.01
C VAL B 464 -17.65 -2.79 9.78
N PRO B 465 -17.78 -2.00 8.72
CA PRO B 465 -18.51 -2.46 7.55
C PRO B 465 -17.74 -3.50 6.73
N TRP B 466 -18.46 -4.27 5.92
CA TRP B 466 -17.82 -5.31 5.11
C TRP B 466 -16.64 -4.76 4.26
N HIS B 467 -16.81 -3.57 3.68
CA HIS B 467 -15.84 -3.07 2.69
C HIS B 467 -14.48 -2.75 3.31
N THR B 468 -14.48 -2.37 4.58
CA THR B 468 -13.24 -2.21 5.32
C THR B 468 -12.60 -3.52 5.66
N ILE B 469 -13.38 -4.53 6.03
CA ILE B 469 -12.78 -5.85 6.31
C ILE B 469 -12.08 -6.46 5.09
N TYR B 470 -12.68 -6.27 3.91
CA TYR B 470 -12.15 -6.84 2.67
C TYR B 470 -11.06 -6.03 2.02
N TYR B 471 -11.17 -4.70 2.09
CA TYR B 471 -10.32 -3.80 1.30
C TYR B 471 -9.49 -2.76 2.10
N GLY B 472 -9.62 -2.74 3.42
CA GLY B 472 -9.21 -1.61 4.25
C GLY B 472 -9.12 -0.26 3.54
N ASP B 473 -7.92 0.31 3.61
CA ASP B 473 -7.66 1.63 3.07
C ASP B 473 -7.89 1.78 1.58
N ASN B 474 -8.07 0.69 0.85
CA ASN B 474 -8.12 0.85 -0.58
C ASN B 474 -9.50 1.10 -1.11
N TYR B 475 -10.52 0.97 -0.26
CA TYR B 475 -11.90 1.07 -0.72
C TYR B 475 -12.30 2.36 -1.38
N PRO B 476 -11.95 3.51 -0.76
CA PRO B 476 -12.32 4.81 -1.38
C PRO B 476 -11.76 5.01 -2.78
N ARG B 477 -10.51 4.65 -2.97
CA ARG B 477 -9.94 4.66 -4.30
C ARG B 477 -10.70 3.73 -5.27
N LEU B 478 -11.05 2.54 -4.78
CA LEU B 478 -11.83 1.61 -5.65
C LEU B 478 -13.17 2.25 -6.01
N GLN B 479 -13.81 2.88 -5.01
CA GLN B 479 -15.08 3.57 -5.27
C GLN B 479 -14.96 4.63 -6.34
N GLU B 480 -13.86 5.37 -6.35
CA GLU B 480 -13.66 6.43 -7.33
C GLU B 480 -13.42 5.87 -8.71
N ILE B 481 -12.69 4.78 -8.81
CA ILE B 481 -12.45 4.15 -10.13
C ILE B 481 -13.76 3.57 -10.63
N LYS B 482 -14.49 2.95 -9.72
CA LYS B 482 -15.83 2.42 -10.02
C LYS B 482 -16.75 3.47 -10.61
N SER B 483 -16.82 4.65 -10.02
CA SER B 483 -17.71 5.72 -10.52
C SER B 483 -17.25 6.26 -11.88
N ARG B 484 -15.96 6.19 -12.13
CA ARG B 484 -15.47 6.63 -13.40
C ARG B 484 -15.70 5.57 -14.47
N TRP B 485 -15.56 4.30 -14.15
CA TRP B 485 -15.57 3.26 -15.20
C TRP B 485 -16.85 2.49 -15.34
N ASP B 486 -17.67 2.43 -14.30
CA ASP B 486 -18.99 1.87 -14.40
C ASP B 486 -19.92 2.89 -13.80
N PRO B 487 -20.09 4.05 -14.45
CA PRO B 487 -20.95 5.09 -13.87
C PRO B 487 -22.41 4.67 -13.66
N ARG B 488 -22.96 3.76 -14.49
CA ARG B 488 -24.34 3.28 -14.34
C ARG B 488 -24.49 2.10 -13.37
N ASN B 489 -23.42 1.67 -12.72
CA ASN B 489 -23.44 0.53 -11.84
C ASN B 489 -24.08 -0.73 -12.49
N VAL B 490 -23.74 -0.93 -13.75
CA VAL B 490 -24.10 -2.15 -14.50
C VAL B 490 -23.64 -3.44 -13.82
N PHE B 491 -22.43 -3.40 -13.28
CA PHE B 491 -21.83 -4.58 -12.70
C PHE B 491 -21.93 -4.41 -11.25
N ARG B 492 -22.77 -5.22 -10.63
CA ARG B 492 -22.91 -5.14 -9.22
C ARG B 492 -23.32 -6.47 -8.65
N HIS B 493 -23.25 -6.52 -7.33
CA HIS B 493 -23.71 -7.65 -6.55
C HIS B 493 -23.69 -7.25 -5.08
N ALA B 494 -24.01 -8.17 -4.19
CA ALA B 494 -24.10 -7.86 -2.77
C ALA B 494 -22.86 -7.20 -2.22
N PHE B 495 -21.67 -7.68 -2.60
CA PHE B 495 -20.44 -7.04 -2.12
C PHE B 495 -19.69 -6.28 -3.21
N SER B 496 -20.40 -5.73 -4.20
CA SER B 496 -19.72 -4.95 -5.23
C SER B 496 -19.33 -3.59 -4.73
N ILE B 497 -18.26 -3.02 -5.29
CA ILE B 497 -17.84 -1.66 -4.95
C ILE B 497 -19.03 -0.72 -5.23
N ARG B 498 -19.47 0.03 -4.21
CA ARG B 498 -20.55 1.01 -4.35
C ARG B 498 -20.00 2.32 -4.90
N PRO B 499 -20.67 2.90 -5.90
CA PRO B 499 -20.07 4.10 -6.48
C PRO B 499 -20.00 5.24 -5.47
N ARG B 500 -19.02 6.13 -5.64
CA ARG B 500 -18.94 7.40 -4.90
C ARG B 500 -17.46 7.74 -4.75
N THR C 3 -0.14 28.45 40.80
CA THR C 3 1.10 28.57 39.97
C THR C 3 1.35 30.05 39.56
N ARG C 4 0.72 30.47 38.46
CA ARG C 4 0.58 31.89 38.06
C ARG C 4 -0.89 32.09 37.80
N ALA C 5 -1.49 33.13 38.39
CA ALA C 5 -2.93 33.38 38.19
C ALA C 5 -3.15 33.84 36.73
N ALA C 6 -4.34 33.58 36.18
CA ALA C 6 -4.70 34.00 34.82
C ALA C 6 -4.54 35.51 34.62
N VAL C 7 -3.87 35.93 33.56
CA VAL C 7 -3.79 37.37 33.26
C VAL C 7 -5.09 37.89 32.67
N THR C 8 -5.47 39.09 33.11
CA THR C 8 -6.60 39.80 32.55
C THR C 8 -6.04 41.12 32.03
N VAL C 9 -6.38 41.47 30.78
CA VAL C 9 -5.84 42.64 30.10
C VAL C 9 -7.04 43.49 29.65
N LYS C 10 -7.17 44.67 30.26
CA LYS C 10 -8.26 45.59 29.99
C LYS C 10 -7.75 46.71 29.14
N PRO C 11 -8.66 47.58 28.63
CA PRO C 11 -8.25 48.55 27.63
C PRO C 11 -7.22 49.57 28.09
N ASP C 12 -7.07 49.81 29.37
CA ASP C 12 -5.97 50.68 29.81
C ASP C 12 -4.60 49.98 30.00
N ASP C 13 -4.50 48.66 29.85
CA ASP C 13 -3.21 47.95 29.96
C ASP C 13 -2.41 48.10 28.66
N HIS C 14 -1.09 48.20 28.77
CA HIS C 14 -0.27 48.44 27.57
C HIS C 14 -0.43 47.33 26.55
N ARG C 15 -0.73 46.11 27.01
CA ARG C 15 -0.84 44.91 26.14
C ARG C 15 -2.10 44.75 25.33
N TYR C 16 -3.12 45.53 25.65
CA TYR C 16 -4.38 45.40 25.02
C TYR C 16 -4.27 45.62 23.52
N ASP C 17 -3.71 46.75 23.06
CA ASP C 17 -3.72 47.02 21.59
C ASP C 17 -2.91 45.94 20.82
N LEU C 18 -1.94 45.34 21.47
CA LEU C 18 -1.20 44.26 20.87
C LEU C 18 -2.12 43.08 20.68
N LEU C 19 -2.76 42.67 21.76
CA LEU C 19 -3.65 41.51 21.77
C LEU C 19 -4.82 41.69 20.85
N ALA C 20 -5.23 42.92 20.64
CA ALA C 20 -6.32 43.18 19.74
C ALA C 20 -5.98 42.90 18.26
N ARG C 21 -4.70 42.84 17.90
CA ARG C 21 -4.29 42.65 16.51
C ARG C 21 -3.68 41.26 16.32
N ALA C 22 -4.11 40.55 15.29
CA ALA C 22 -3.62 39.23 15.03
C ALA C 22 -3.16 39.23 13.57
N ASP C 23 -3.19 38.08 12.91
CA ASP C 23 -2.62 37.99 11.58
C ASP C 23 -3.33 38.90 10.55
N ASN C 24 -4.59 39.21 10.79
CA ASN C 24 -5.34 40.01 9.85
C ASN C 24 -5.72 41.37 10.38
N TYR C 25 -5.02 42.42 9.95
CA TYR C 25 -5.23 43.77 10.52
C TYR C 25 -6.51 44.41 10.06
N ARG C 26 -7.22 43.78 9.14
CA ARG C 26 -8.56 44.27 8.85
C ARG C 26 -9.44 44.15 10.07
N PHE C 27 -9.13 43.24 11.00
CA PHE C 27 -10.04 43.00 12.14
C PHE C 27 -9.32 43.22 13.46
N VAL C 28 -9.70 44.31 14.10
CA VAL C 28 -9.17 44.76 15.36
C VAL C 28 -10.19 44.39 16.41
N ALA C 29 -9.85 43.52 17.36
CA ALA C 29 -10.77 43.17 18.42
C ALA C 29 -10.94 44.31 19.43
N GLN C 30 -12.10 44.38 20.07
CA GLN C 30 -12.34 45.35 21.14
C GLN C 30 -13.19 44.74 22.24
N PRO C 31 -12.75 43.65 22.83
CA PRO C 31 -13.42 43.12 24.01
C PRO C 31 -13.31 44.00 25.28
N GLU C 32 -14.18 43.73 26.23
CA GLU C 32 -14.06 44.32 27.53
C GLU C 32 -12.72 43.89 28.15
N TYR C 33 -12.31 42.65 27.94
CA TYR C 33 -10.96 42.21 28.34
C TYR C 33 -10.48 40.96 27.58
N PHE C 34 -9.16 40.78 27.52
CA PHE C 34 -8.51 39.53 27.17
C PHE C 34 -8.18 38.77 28.43
N ARG C 35 -8.46 37.48 28.45
CA ARG C 35 -8.03 36.60 29.52
C ARG C 35 -6.94 35.67 28.96
N LEU C 36 -5.78 35.57 29.62
CA LEU C 36 -4.70 34.63 29.25
C LEU C 36 -4.53 33.53 30.27
N PRO C 37 -5.11 32.35 30.04
CA PRO C 37 -4.95 31.33 31.08
C PRO C 37 -3.75 30.40 30.86
N TYR C 38 -3.38 29.73 31.94
CA TYR C 38 -2.19 28.88 32.03
C TYR C 38 -2.54 27.38 32.13
N SER C 39 -3.78 27.08 32.45
CA SER C 39 -4.12 25.70 32.63
C SER C 39 -5.55 25.54 32.26
N THR C 40 -5.95 24.31 32.06
CA THR C 40 -7.34 23.97 31.79
C THR C 40 -8.28 24.49 32.90
N ALA C 41 -7.94 24.32 34.19
CA ALA C 41 -8.78 24.89 35.27
C ALA C 41 -9.00 26.36 35.08
N GLN C 42 -7.99 27.09 34.66
CA GLN C 42 -8.20 28.52 34.46
C GLN C 42 -9.05 28.82 33.21
N VAL C 43 -9.03 27.93 32.25
CA VAL C 43 -9.92 28.06 31.11
C VAL C 43 -11.34 27.83 31.57
N VAL C 44 -11.55 26.84 32.43
CA VAL C 44 -12.87 26.64 33.00
C VAL C 44 -13.40 27.91 33.71
N GLU C 45 -12.55 28.48 34.57
CA GLU C 45 -12.86 29.69 35.33
C GLU C 45 -13.24 30.83 34.37
N ALA C 46 -12.44 31.02 33.33
CA ALA C 46 -12.70 32.11 32.40
C ALA C 46 -14.00 31.93 31.67
N VAL C 47 -14.27 30.71 31.19
CA VAL C 47 -15.52 30.44 30.51
C VAL C 47 -16.71 30.60 31.47
N SER C 48 -16.56 30.11 32.69
CA SER C 48 -17.63 30.17 33.68
C SER C 48 -17.99 31.64 34.02
N GLU C 49 -16.99 32.49 34.27
CA GLU C 49 -17.29 33.92 34.49
C GLU C 49 -18.01 34.56 33.30
N ALA C 50 -17.63 34.25 32.06
CA ALA C 50 -18.25 34.96 30.91
C ALA C 50 -19.67 34.52 30.72
N VAL C 51 -19.91 33.24 30.85
CA VAL C 51 -21.23 32.72 30.71
C VAL C 51 -22.11 33.26 31.86
N ALA C 52 -21.66 33.18 33.11
CA ALA C 52 -22.52 33.67 34.22
C ALA C 52 -22.90 35.13 34.02
N ALA C 53 -22.00 35.89 33.42
CA ALA C 53 -22.23 37.31 33.25
C ALA C 53 -22.95 37.70 31.95
N GLY C 54 -23.38 36.74 31.15
CA GLY C 54 -24.02 37.09 29.87
C GLY C 54 -23.09 37.78 28.89
N LYS C 55 -21.80 37.46 28.95
CA LYS C 55 -20.85 38.04 28.04
C LYS C 55 -20.58 37.11 26.85
N ARG C 56 -20.55 37.69 25.65
CA ARG C 56 -20.19 36.99 24.42
C ARG C 56 -18.69 36.66 24.41
N LEU C 57 -18.36 35.41 24.24
CA LEU C 57 -17.00 34.98 24.45
C LEU C 57 -16.46 34.36 23.17
N THR C 58 -15.20 34.66 22.83
CA THR C 58 -14.45 33.89 21.85
C THR C 58 -13.07 33.52 22.31
N VAL C 59 -12.49 32.57 21.57
CA VAL C 59 -11.19 32.03 21.82
C VAL C 59 -10.23 32.30 20.67
N ARG C 60 -9.00 32.59 21.04
CA ARG C 60 -7.92 32.71 20.10
C ARG C 60 -6.73 31.86 20.47
N SER C 61 -6.16 31.20 19.49
CA SER C 61 -4.93 30.40 19.72
C SER C 61 -3.73 31.06 19.01
N GLY C 62 -3.63 30.90 17.70
CA GLY C 62 -2.56 31.53 16.97
C GLY C 62 -2.94 32.79 16.24
N GLY C 63 -4.22 33.14 16.18
CA GLY C 63 -4.64 34.39 15.58
C GLY C 63 -4.59 34.42 14.06
N HIS C 64 -4.63 33.25 13.42
CA HIS C 64 -4.56 33.14 11.98
C HIS C 64 -5.89 33.12 11.27
N CYS C 65 -7.00 33.25 11.98
CA CYS C 65 -8.30 33.25 11.32
C CYS C 65 -8.34 34.20 10.13
N GLY C 66 -8.85 33.72 9.00
CA GLY C 66 -8.98 34.59 7.82
C GLY C 66 -10.07 35.62 7.97
N GLU C 67 -11.02 35.37 8.86
CA GLU C 67 -12.19 36.25 9.03
C GLU C 67 -12.27 36.87 10.46
N ALA C 68 -13.31 37.66 10.73
CA ALA C 68 -13.43 38.31 12.00
C ALA C 68 -14.11 37.39 13.05
N PHE C 69 -13.87 36.10 13.02
CA PHE C 69 -14.64 35.18 13.88
C PHE C 69 -14.32 35.41 15.34
N VAL C 70 -13.06 35.66 15.63
CA VAL C 70 -12.61 35.86 17.02
C VAL C 70 -12.83 37.29 17.44
N ALA C 71 -12.57 38.19 16.50
CA ALA C 71 -12.40 39.59 16.76
C ALA C 71 -13.50 40.51 16.31
N SER C 72 -14.70 40.03 16.07
CA SER C 72 -15.77 40.94 15.62
C SER C 72 -16.23 41.83 16.78
N PRO C 73 -16.89 42.98 16.47
CA PRO C 73 -17.22 44.03 17.46
C PRO C 73 -18.07 43.59 18.63
N ASP C 74 -18.92 42.59 18.44
CA ASP C 74 -19.84 42.16 19.50
C ASP C 74 -19.23 41.16 20.50
N VAL C 75 -17.97 40.80 20.33
CA VAL C 75 -17.30 39.95 21.29
C VAL C 75 -16.87 40.78 22.50
N ASP C 76 -17.20 40.29 23.70
CA ASP C 76 -16.92 40.95 24.95
C ASP C 76 -15.70 40.40 25.68
N VAL C 77 -15.42 39.13 25.49
CA VAL C 77 -14.32 38.50 26.15
C VAL C 77 -13.62 37.60 25.19
N ILE C 78 -12.30 37.75 25.11
CA ILE C 78 -11.48 36.88 24.29
C ILE C 78 -10.53 36.13 25.17
N VAL C 79 -10.57 34.82 25.09
CA VAL C 79 -9.65 33.98 25.83
C VAL C 79 -8.54 33.63 24.86
N ASP C 80 -7.36 34.16 25.13
CA ASP C 80 -6.15 33.95 24.31
C ASP C 80 -5.31 32.87 24.99
N LEU C 81 -5.07 31.77 24.26
CA LEU C 81 -4.40 30.60 24.78
C LEU C 81 -2.94 30.49 24.40
N SER C 82 -2.37 31.55 23.86
CA SER C 82 -0.98 31.50 23.41
C SER C 82 -0.01 31.12 24.54
N SER C 83 -0.32 31.38 25.80
CA SER C 83 0.59 30.88 26.86
C SER C 83 0.44 29.42 27.23
N MET C 84 -0.43 28.68 26.57
CA MET C 84 -0.52 27.25 26.74
C MET C 84 0.00 26.56 25.49
N SER C 85 1.32 26.45 25.42
CA SER C 85 2.01 25.99 24.19
C SER C 85 2.90 24.79 24.39
N HIS C 86 2.78 24.12 25.54
CA HIS C 86 3.54 22.91 25.83
C HIS C 86 3.26 21.79 24.80
N VAL C 87 4.34 21.08 24.44
CA VAL C 87 4.35 19.94 23.53
C VAL C 87 5.23 18.87 24.17
N GLY C 88 4.73 17.66 24.35
CA GLY C 88 5.53 16.60 24.92
C GLY C 88 4.84 15.25 24.80
N TYR C 89 5.45 14.23 25.34
CA TYR C 89 4.94 12.91 25.13
C TYR C 89 4.29 12.52 26.43
N ASP C 90 3.11 11.96 26.28
CA ASP C 90 2.29 11.57 27.42
C ASP C 90 2.37 10.05 27.49
N GLU C 91 3.11 9.56 28.49
CA GLU C 91 3.49 8.17 28.55
C GLU C 91 2.27 7.36 28.90
N GLU C 92 1.41 7.97 29.72
CA GLU C 92 0.18 7.33 30.15
C GLU C 92 -0.75 6.99 28.98
N ARG C 93 -0.84 7.88 27.98
CA ARG C 93 -1.75 7.67 26.85
C ARG C 93 -1.06 7.12 25.63
N GLY C 94 0.26 7.12 25.63
CA GLY C 94 0.98 6.73 24.43
C GLY C 94 0.87 7.72 23.28
N ALA C 95 0.84 9.03 23.58
CA ALA C 95 0.57 10.00 22.53
C ALA C 95 1.19 11.31 22.88
N PHE C 96 1.45 12.08 21.83
CA PHE C 96 2.04 13.40 22.00
C PHE C 96 0.97 14.41 22.37
N GLU C 97 1.22 15.17 23.43
CA GLU C 97 0.26 16.10 24.01
C GLU C 97 0.65 17.46 23.49
N VAL C 98 -0.30 18.15 22.87
CA VAL C 98 -0.08 19.43 22.24
C VAL C 98 -1.14 20.41 22.72
N GLU C 99 -0.73 21.38 23.54
CA GLU C 99 -1.66 22.39 24.00
C GLU C 99 -2.08 23.29 22.84
N ALA C 100 -3.29 23.86 22.94
CA ALA C 100 -3.91 24.52 21.80
C ALA C 100 -3.19 25.78 21.34
N GLY C 101 -2.41 26.37 22.24
CA GLY C 101 -1.64 27.59 21.90
C GLY C 101 -0.29 27.34 21.27
N ALA C 102 0.09 26.06 21.12
CA ALA C 102 1.30 25.72 20.39
C ALA C 102 1.15 26.03 18.92
N THR C 103 2.21 26.57 18.31
CA THR C 103 2.18 26.93 16.88
C THR C 103 2.81 25.78 16.08
N VAL C 104 2.37 25.57 14.83
CA VAL C 104 2.84 24.42 14.11
C VAL C 104 4.36 24.36 13.97
N GLY C 105 5.00 25.50 13.76
CA GLY C 105 6.44 25.51 13.62
C GLY C 105 7.19 24.99 14.84
N GLN C 106 6.73 25.34 16.03
CA GLN C 106 7.39 24.87 17.25
C GLN C 106 7.11 23.35 17.41
N ILE C 107 5.89 22.91 17.09
CA ILE C 107 5.56 21.52 17.17
C ILE C 107 6.49 20.69 16.28
N TYR C 108 6.75 21.12 15.03
CA TYR C 108 7.61 20.33 14.18
C TYR C 108 9.01 20.20 14.74
N ARG C 109 9.57 21.30 15.25
CA ARG C 109 10.92 21.28 15.77
C ARG C 109 11.05 20.38 16.98
N VAL C 110 10.14 20.52 17.91
CA VAL C 110 10.13 19.66 19.12
C VAL C 110 9.93 18.20 18.78
N LEU C 111 8.95 17.84 17.97
CA LEU C 111 8.76 16.45 17.69
C LEU C 111 9.93 15.85 16.91
N TYR C 112 10.49 16.62 15.95
CA TYR C 112 11.45 16.03 15.07
C TYR C 112 12.80 15.87 15.77
N LYS C 113 13.29 16.95 16.37
CA LYS C 113 14.58 16.91 17.03
C LYS C 113 14.62 15.92 18.18
N ASN C 114 13.60 15.87 19.02
CA ASN C 114 13.64 15.01 20.18
C ASN C 114 13.29 13.56 19.92
N TYR C 115 12.43 13.27 18.95
CA TYR C 115 11.93 11.90 18.76
C TYR C 115 12.04 11.41 17.34
N GLY C 116 12.39 12.27 16.38
CA GLY C 116 12.49 11.82 14.99
C GLY C 116 11.18 11.55 14.30
N VAL C 117 10.09 12.15 14.79
CA VAL C 117 8.79 11.95 14.20
C VAL C 117 8.20 13.26 13.77
N THR C 118 7.08 13.16 13.06
CA THR C 118 6.33 14.33 12.66
C THR C 118 4.89 13.95 12.43
N PHE C 119 4.08 14.96 12.13
CA PHE C 119 2.73 14.76 11.65
C PHE C 119 2.38 15.81 10.57
N PRO C 120 1.42 15.50 9.72
CA PRO C 120 1.22 16.28 8.45
C PRO C 120 0.43 17.57 8.62
N GLY C 121 1.02 18.56 9.26
CA GLY C 121 0.34 19.84 9.31
C GLY C 121 0.85 20.85 8.28
N GLY C 122 0.50 22.09 8.58
CA GLY C 122 0.65 23.16 7.66
C GLY C 122 2.07 23.63 7.52
N PHE C 123 2.23 24.45 6.50
CA PHE C 123 3.50 25.07 6.26
C PHE C 123 3.61 26.51 6.74
N CYS C 124 2.61 27.04 7.42
CA CYS C 124 2.81 28.42 7.95
C CYS C 124 3.22 28.35 9.47
N MET C 125 4.30 29.01 9.85
CA MET C 125 4.92 28.78 11.17
C MET C 125 4.15 29.25 12.39
N GLY C 126 3.36 30.31 12.25
CA GLY C 126 2.67 30.91 13.43
C GLY C 126 1.25 30.44 13.69
N VAL C 127 0.86 29.42 12.93
CA VAL C 127 -0.45 28.87 12.98
C VAL C 127 -0.61 28.11 14.31
N GLY C 128 -1.68 28.40 15.03
CA GLY C 128 -1.98 27.75 16.30
C GLY C 128 -2.65 26.39 16.11
N ALA C 129 -2.31 25.44 16.95
CA ALA C 129 -2.92 24.13 16.95
C ALA C 129 -4.43 24.20 17.14
N GLY C 130 -4.88 25.14 17.98
CA GLY C 130 -6.29 25.43 18.21
C GLY C 130 -7.18 25.41 17.02
N GLY C 131 -6.95 26.35 16.11
CA GLY C 131 -7.77 26.38 14.91
C GLY C 131 -7.42 25.40 13.83
N HIS C 132 -6.14 25.08 13.73
CA HIS C 132 -5.61 24.37 12.60
C HIS C 132 -6.08 22.90 12.58
N ILE C 133 -5.87 22.23 13.71
CA ILE C 133 -6.22 20.82 13.76
C ILE C 133 -7.71 20.56 13.63
N SER C 134 -8.51 21.27 14.41
CA SER C 134 -9.89 20.95 14.51
C SER C 134 -10.57 21.20 13.19
N GLY C 135 -10.01 22.04 12.33
CA GLY C 135 -10.64 22.29 11.03
C GLY C 135 -10.14 21.37 9.92
N GLY C 136 -9.19 20.50 10.23
CA GLY C 136 -8.74 19.50 9.27
C GLY C 136 -7.46 19.95 8.61
N GLY C 137 -6.46 20.28 9.43
CA GLY C 137 -5.19 20.80 8.93
C GLY C 137 -4.39 19.84 8.05
N TYR C 138 -3.81 20.37 6.97
CA TYR C 138 -3.08 19.59 5.98
C TYR C 138 -1.81 20.36 5.61
N GLY C 139 -0.86 19.67 5.00
CA GLY C 139 0.21 20.35 4.27
C GLY C 139 1.03 19.44 3.41
N PRO C 140 2.30 19.79 3.17
CA PRO C 140 3.11 19.17 2.11
C PRO C 140 3.26 17.69 2.25
N LEU C 141 3.35 17.17 3.48
CA LEU C 141 3.32 15.74 3.75
C LEU C 141 1.98 14.96 3.66
N SER C 142 0.83 15.63 3.46
CA SER C 142 -0.47 14.95 3.53
C SER C 142 -0.67 13.84 2.49
N ARG C 143 -0.13 14.04 1.29
CA ARG C 143 -0.10 12.99 0.25
C ARG C 143 0.47 11.69 0.73
N LEU C 144 1.49 11.75 1.54
CA LEU C 144 2.01 10.53 2.19
C LEU C 144 1.40 10.14 3.56
N LEU C 145 1.04 11.09 4.40
CA LEU C 145 0.63 10.78 5.77
C LEU C 145 -0.82 11.07 6.09
N GLY C 146 -1.51 11.78 5.21
CA GLY C 146 -2.93 12.16 5.43
C GLY C 146 -3.11 13.51 6.13
N LEU C 147 -4.22 13.70 6.86
CA LEU C 147 -4.47 14.93 7.57
C LEU C 147 -4.07 14.84 9.03
N THR C 148 -3.94 15.99 9.68
CA THR C 148 -3.61 16.09 11.07
C THR C 148 -4.62 15.29 11.83
N VAL C 149 -5.86 15.41 11.42
CA VAL C 149 -6.95 14.80 12.17
C VAL C 149 -6.92 13.27 12.15
N ASP C 150 -6.17 12.70 11.23
CA ASP C 150 -5.96 11.26 11.18
C ASP C 150 -5.09 10.75 12.31
N TYR C 151 -4.41 11.62 13.03
CA TYR C 151 -3.62 11.24 14.18
C TYR C 151 -4.19 11.74 15.48
N LEU C 152 -5.44 12.17 15.47
CA LEU C 152 -6.13 12.64 16.67
C LEU C 152 -6.63 11.50 17.57
N HIS C 153 -5.83 11.17 18.55
CA HIS C 153 -6.11 10.11 19.49
C HIS C 153 -7.14 10.58 20.52
N ALA C 154 -7.03 11.83 20.93
CA ALA C 154 -7.88 12.38 21.96
C ALA C 154 -7.82 13.89 21.97
N VAL C 155 -8.84 14.50 22.56
CA VAL C 155 -8.93 15.92 22.67
C VAL C 155 -9.64 16.25 23.96
N GLU C 156 -9.14 17.31 24.61
CA GLU C 156 -9.70 17.87 25.80
C GLU C 156 -10.36 19.20 25.51
N VAL C 157 -11.62 19.32 25.87
CA VAL C 157 -12.45 20.45 25.52
C VAL C 157 -13.17 20.96 26.77
N VAL C 158 -13.20 22.28 26.96
CA VAL C 158 -14.01 22.89 28.00
C VAL C 158 -15.37 23.20 27.42
N VAL C 159 -16.41 22.60 27.98
CA VAL C 159 -17.77 22.73 27.43
C VAL C 159 -18.77 23.33 28.39
N VAL C 160 -19.86 23.85 27.86
CA VAL C 160 -20.95 24.46 28.67
C VAL C 160 -22.29 23.72 28.50
N ASP C 161 -22.81 23.14 29.60
CA ASP C 161 -24.08 22.44 29.51
C ASP C 161 -25.30 23.39 29.48
N ALA C 162 -26.51 22.84 29.42
CA ALA C 162 -27.70 23.65 29.17
C ALA C 162 -28.02 24.67 30.29
N GLU C 163 -27.76 24.34 31.56
CA GLU C 163 -27.88 25.35 32.64
C GLU C 163 -26.69 26.32 32.81
N GLY C 164 -25.64 26.19 32.02
CA GLY C 164 -24.51 27.13 32.13
C GLY C 164 -23.37 26.60 32.98
N VAL C 165 -23.39 25.31 33.26
CA VAL C 165 -22.38 24.70 34.10
C VAL C 165 -21.20 24.33 33.20
N VAL C 166 -20.02 24.82 33.52
CA VAL C 166 -18.83 24.55 32.70
C VAL C 166 -18.00 23.39 33.19
N SER C 167 -17.68 22.47 32.30
CA SER C 167 -16.77 21.39 32.61
C SER C 167 -15.85 21.00 31.45
N THR C 168 -14.81 20.25 31.80
CA THR C 168 -13.78 19.72 30.92
C THR C 168 -14.08 18.27 30.62
N VAL C 169 -14.05 17.93 29.36
CA VAL C 169 -14.11 16.53 28.96
C VAL C 169 -12.95 16.12 28.07
N VAL C 170 -12.55 14.87 28.22
CA VAL C 170 -11.58 14.22 27.34
C VAL C 170 -12.34 13.27 26.43
N ALA C 171 -12.37 13.56 25.13
CA ALA C 171 -13.04 12.69 24.19
C ALA C 171 -11.96 12.02 23.36
N THR C 172 -12.07 10.69 23.20
CA THR C 172 -11.09 9.86 22.48
C THR C 172 -11.75 9.18 21.36
N ARG C 173 -10.91 8.69 20.48
CA ARG C 173 -11.27 7.97 19.27
C ARG C 173 -11.60 6.51 19.55
N GLU C 174 -11.32 6.02 20.76
CA GLU C 174 -11.62 4.61 21.11
C GLU C 174 -13.05 4.29 20.69
N GLU C 175 -13.28 3.10 20.12
CA GLU C 175 -14.62 2.68 19.60
C GLU C 175 -15.72 2.84 20.65
N ASP C 176 -15.39 2.57 21.90
CA ASP C 176 -16.38 2.51 22.98
C ASP C 176 -16.41 3.75 23.90
N ASP C 177 -15.71 4.82 23.50
CA ASP C 177 -15.64 6.08 24.26
C ASP C 177 -17.04 6.70 24.35
N PRO C 178 -17.52 7.01 25.56
CA PRO C 178 -18.86 7.63 25.68
C PRO C 178 -18.98 9.04 25.04
N ASN C 179 -17.86 9.65 24.68
CA ASN C 179 -17.84 10.96 24.05
C ASN C 179 -17.19 10.92 22.68
N ARG C 180 -17.32 9.80 22.02
CA ARG C 180 -16.73 9.64 20.71
C ARG C 180 -17.29 10.62 19.69
N ASP C 181 -18.54 11.04 19.90
CA ASP C 181 -19.18 11.99 19.01
C ASP C 181 -18.48 13.34 19.06
N LEU C 182 -18.07 13.75 20.25
CA LEU C 182 -17.34 15.00 20.43
C LEU C 182 -15.95 14.88 19.86
N TRP C 183 -15.33 13.71 19.99
CA TRP C 183 -14.08 13.48 19.29
C TRP C 183 -14.25 13.69 17.76
N TRP C 184 -15.24 13.07 17.14
CA TRP C 184 -15.44 13.11 15.70
C TRP C 184 -15.55 14.55 15.22
N ALA C 185 -16.30 15.35 15.99
CA ALA C 185 -16.59 16.72 15.63
C ALA C 185 -15.33 17.57 15.50
N HIS C 186 -14.31 17.23 16.27
CA HIS C 186 -13.02 17.83 16.22
C HIS C 186 -12.12 17.28 15.12
N THR C 187 -12.62 16.40 14.26
CA THR C 187 -11.81 15.93 13.19
C THR C 187 -12.19 16.64 11.88
N GLY C 188 -12.45 17.93 11.93
CA GLY C 188 -12.83 18.70 10.73
C GLY C 188 -13.95 19.67 10.97
N GLY C 189 -14.61 19.62 12.14
CA GLY C 189 -15.69 20.56 12.44
C GLY C 189 -15.32 22.03 12.51
N GLY C 190 -14.05 22.31 12.75
CA GLY C 190 -13.56 23.67 12.75
C GLY C 190 -13.61 24.32 14.11
N GLY C 191 -12.86 25.41 14.23
CA GLY C 191 -12.73 26.06 15.49
C GLY C 191 -13.93 26.88 15.83
N GLY C 192 -14.18 27.04 17.12
CA GLY C 192 -15.12 28.07 17.60
C GLY C 192 -16.58 27.61 17.65
N ASN C 193 -16.75 26.31 17.69
CA ASN C 193 -18.03 25.63 17.61
C ASN C 193 -18.48 24.86 18.88
N PHE C 194 -17.66 24.01 19.45
CA PHE C 194 -18.15 23.09 20.48
C PHE C 194 -17.73 23.40 21.88
N GLY C 195 -16.67 24.16 22.03
CA GLY C 195 -16.13 24.48 23.35
C GLY C 195 -14.68 24.86 23.16
N VAL C 196 -13.99 25.10 24.27
CA VAL C 196 -12.63 25.55 24.16
C VAL C 196 -11.71 24.36 24.21
N ILE C 197 -10.97 24.14 23.15
CA ILE C 197 -10.01 23.08 23.11
C ILE C 197 -8.80 23.52 23.89
N THR C 198 -8.39 22.76 24.91
CA THR C 198 -7.19 23.09 25.65
C THR C 198 -5.97 22.25 25.19
N ARG C 199 -6.21 21.03 24.72
CA ARG C 199 -5.10 20.16 24.33
C ARG C 199 -5.58 19.00 23.49
N TYR C 200 -4.71 18.58 22.60
CA TYR C 200 -4.90 17.49 21.70
C TYR C 200 -3.85 16.43 21.99
N TRP C 201 -4.15 15.18 21.67
CA TRP C 201 -3.18 14.10 21.79
C TRP C 201 -3.08 13.42 20.44
N LEU C 202 -1.84 13.18 19.98
CA LEU C 202 -1.52 12.72 18.67
C LEU C 202 -0.79 11.40 18.72
N ARG C 203 -1.22 10.51 17.84
CA ARG C 203 -0.74 9.14 17.80
C ARG C 203 -1.20 8.55 16.52
N SER C 204 -0.35 7.79 15.82
CA SER C 204 -0.84 7.04 14.64
C SER C 204 -1.89 6.00 15.11
N PRO C 205 -2.94 5.82 14.34
CA PRO C 205 -3.91 4.79 14.70
C PRO C 205 -3.30 3.39 14.84
N ASP C 206 -2.28 3.07 14.06
CA ASP C 206 -1.64 1.73 14.13
C ASP C 206 -0.22 1.75 14.73
N ALA C 207 0.06 2.71 15.58
CA ALA C 207 1.34 2.73 16.29
C ALA C 207 1.53 1.45 17.10
N VAL C 208 2.78 0.99 17.14
CA VAL C 208 3.24 -0.20 17.87
C VAL C 208 3.81 0.18 19.23
N GLY C 209 3.48 -0.60 20.26
CA GLY C 209 4.09 -0.44 21.59
C GLY C 209 3.77 0.90 22.21
N ASP C 210 4.76 1.50 22.90
CA ASP C 210 4.56 2.82 23.48
C ASP C 210 5.80 3.74 23.57
N ALA C 211 6.83 3.42 22.80
CA ALA C 211 7.91 4.34 22.59
C ALA C 211 7.42 5.56 21.74
N PRO C 212 7.91 6.76 22.06
CA PRO C 212 7.48 7.92 21.32
C PRO C 212 7.91 7.88 19.88
N GLU C 213 9.13 7.40 19.68
CA GLU C 213 9.72 7.18 18.36
C GLU C 213 8.85 6.38 17.44
N GLU C 214 7.95 5.57 17.98
CA GLU C 214 7.05 4.71 17.18
C GLU C 214 5.59 5.23 17.18
N ALA C 215 5.30 6.29 17.93
CA ALA C 215 3.92 6.72 18.11
C ALA C 215 3.40 7.63 17.01
N LEU C 216 4.29 8.32 16.28
CA LEU C 216 3.93 9.07 15.08
C LEU C 216 4.87 8.62 13.92
N PRO C 217 4.49 8.87 12.67
CA PRO C 217 5.35 8.54 11.51
C PRO C 217 6.69 9.29 11.47
N ARG C 218 7.76 8.61 11.01
CA ARG C 218 9.04 9.25 10.70
C ARG C 218 8.95 9.82 9.32
N PRO C 219 9.34 11.08 9.14
CA PRO C 219 9.28 11.57 7.75
C PRO C 219 10.44 11.02 6.94
N PRO C 220 10.32 10.99 5.61
CA PRO C 220 11.55 10.65 4.85
C PRO C 220 12.68 11.56 5.27
N ALA C 221 13.89 11.05 5.25
CA ALA C 221 15.01 11.79 5.81
C ALA C 221 15.42 12.99 4.96
N SER C 222 15.30 12.91 3.65
CA SER C 222 15.71 14.04 2.82
C SER C 222 14.96 14.08 1.51
N PHE C 223 15.08 15.20 0.82
CA PHE C 223 14.20 15.51 -0.29
C PHE C 223 14.97 16.18 -1.37
N HIS C 224 14.63 15.86 -2.61
CA HIS C 224 15.07 16.65 -3.76
C HIS C 224 14.01 17.71 -3.90
N VAL C 225 14.47 18.95 -4.02
CA VAL C 225 13.60 20.10 -4.08
C VAL C 225 13.87 20.87 -5.36
N ALA C 226 12.83 21.36 -5.98
CA ALA C 226 12.93 22.18 -7.17
C ALA C 226 12.14 23.46 -6.90
N ARG C 227 12.75 24.58 -7.21
CA ARG C 227 12.11 25.89 -7.19
C ARG C 227 12.20 26.45 -8.61
N VAL C 228 11.06 26.86 -9.16
CA VAL C 228 10.90 27.15 -10.58
C VAL C 228 10.18 28.47 -10.64
N SER C 229 10.61 29.35 -11.53
CA SER C 229 9.85 30.53 -11.80
C SER C 229 9.78 30.78 -13.29
N TRP C 230 8.68 31.39 -13.69
CA TRP C 230 8.40 31.75 -15.09
C TRP C 230 8.15 33.22 -15.09
N SER C 231 8.95 33.94 -15.86
CA SER C 231 8.77 35.40 -15.95
C SER C 231 7.44 35.84 -16.59
N TRP C 232 6.76 36.78 -15.94
CA TRP C 232 5.52 37.32 -16.47
C TRP C 232 5.70 38.08 -17.77
N ALA C 233 6.83 38.80 -17.87
CA ALA C 233 7.24 39.48 -19.10
C ALA C 233 7.23 38.57 -20.30
N GLU C 234 7.32 37.27 -20.09
CA GLU C 234 7.49 36.32 -21.19
C GLU C 234 6.33 35.41 -21.35
N LEU C 235 5.19 35.77 -20.75
CA LEU C 235 4.05 34.87 -20.66
C LEU C 235 2.88 35.47 -21.44
N THR C 236 2.31 34.71 -22.37
CA THR C 236 1.04 35.07 -22.97
C THR C 236 -0.12 34.22 -22.38
N GLU C 237 -1.35 34.58 -22.77
CA GLU C 237 -2.55 33.85 -22.42
C GLU C 237 -2.39 32.38 -22.75
N ALA C 238 -2.16 32.08 -24.02
CA ALA C 238 -2.01 30.70 -24.45
C ALA C 238 -1.00 29.97 -23.58
N ASP C 239 0.10 30.64 -23.22
CA ASP C 239 1.12 29.98 -22.42
C ASP C 239 0.64 29.71 -20.97
N TYR C 240 -0.09 30.65 -20.37
CA TYR C 240 -0.61 30.48 -19.05
C TYR C 240 -1.57 29.30 -19.05
N VAL C 241 -2.48 29.32 -20.03
CA VAL C 241 -3.52 28.34 -20.15
C VAL C 241 -2.87 26.96 -20.28
N ARG C 242 -1.91 26.82 -21.17
CA ARG C 242 -1.29 25.53 -21.30
C ARG C 242 -0.43 25.12 -20.07
N LEU C 243 0.24 26.07 -19.44
CA LEU C 243 1.10 25.74 -18.33
C LEU C 243 0.26 25.21 -17.15
N VAL C 244 -0.78 25.92 -16.80
CA VAL C 244 -1.67 25.51 -15.72
C VAL C 244 -2.40 24.23 -16.11
N SER C 245 -2.87 24.10 -17.36
CA SER C 245 -3.48 22.85 -17.79
C SER C 245 -2.55 21.70 -17.64
N ASN C 246 -1.27 21.88 -17.94
CA ASN C 246 -0.37 20.75 -17.83
C ASN C 246 -0.16 20.31 -16.35
N PHE C 247 -0.08 21.30 -15.46
CA PHE C 247 0.08 21.04 -14.02
C PHE C 247 -1.14 20.27 -13.51
N LEU C 248 -2.32 20.79 -13.78
CA LEU C 248 -3.54 20.16 -13.37
C LEU C 248 -3.67 18.74 -13.90
N ASP C 249 -3.39 18.63 -15.18
CA ASP C 249 -3.41 17.32 -15.84
C ASP C 249 -2.54 16.31 -15.15
N TRP C 250 -1.30 16.70 -14.89
CA TRP C 250 -0.38 15.81 -14.26
C TRP C 250 -0.86 15.48 -12.86
N GLN C 251 -1.37 16.50 -12.14
CA GLN C 251 -1.74 16.31 -10.76
C GLN C 251 -2.96 15.43 -10.71
N LEU C 252 -3.87 15.57 -11.66
CA LEU C 252 -5.04 14.70 -11.66
C LEU C 252 -4.72 13.26 -12.03
N ARG C 253 -3.56 12.98 -12.60
CA ARG C 253 -3.17 11.57 -12.89
C ARG C 253 -2.30 11.02 -11.78
N ASN C 254 -1.95 11.84 -10.80
CA ASN C 254 -0.94 11.43 -9.85
C ASN C 254 -1.33 11.80 -8.44
N CYS C 255 -2.62 11.80 -8.16
CA CYS C 255 -3.09 12.30 -6.89
C CYS C 255 -3.66 11.16 -6.03
N THR C 256 -3.24 9.92 -6.27
CA THR C 256 -3.75 8.82 -5.46
C THR C 256 -2.59 7.95 -4.99
N VAL C 257 -2.81 7.12 -3.97
CA VAL C 257 -1.71 6.37 -3.33
C VAL C 257 -1.10 5.27 -4.20
N ASP C 258 -1.87 4.79 -5.19
CA ASP C 258 -1.36 3.88 -6.23
C ASP C 258 -0.42 4.58 -7.22
N SER C 259 -0.38 5.91 -7.28
CA SER C 259 0.55 6.57 -8.24
C SER C 259 1.95 6.46 -7.71
N PRO C 260 2.89 6.04 -8.57
CA PRO C 260 4.29 5.94 -8.21
C PRO C 260 4.96 7.32 -8.07
N ASN C 261 4.25 8.36 -8.45
CA ASN C 261 4.67 9.75 -8.18
C ASN C 261 3.96 10.38 -7.03
N ILE C 262 3.36 9.58 -6.12
CA ILE C 262 2.55 10.17 -5.10
C ILE C 262 3.42 10.97 -4.12
N GLY C 263 4.70 10.60 -4.05
CA GLY C 263 5.59 11.29 -3.14
C GLY C 263 6.02 12.67 -3.60
N LEU C 264 5.82 13.01 -4.86
CA LEU C 264 6.11 14.34 -5.31
C LEU C 264 4.96 15.30 -4.99
N TYR C 265 5.27 16.36 -4.24
CA TYR C 265 4.34 17.42 -3.81
C TYR C 265 4.74 18.72 -4.56
N ALA C 266 3.78 19.42 -5.14
CA ALA C 266 4.06 20.68 -5.82
C ALA C 266 3.00 21.75 -5.52
N LEU C 267 3.46 22.96 -5.29
CA LEU C 267 2.62 24.10 -5.19
C LEU C 267 2.90 25.09 -6.34
N LEU C 268 1.91 25.42 -7.16
CA LEU C 268 2.08 26.42 -8.26
C LEU C 268 1.40 27.71 -7.80
N GLU C 269 2.16 28.80 -7.64
CA GLU C 269 1.63 30.08 -7.24
C GLU C 269 1.51 31.00 -8.44
N CYS C 270 0.29 31.42 -8.77
CA CYS C 270 0.05 32.30 -9.93
C CYS C 270 -0.17 33.67 -9.43
N PHE C 271 0.93 34.42 -9.27
CA PHE C 271 0.89 35.79 -8.87
C PHE C 271 0.34 36.71 -9.95
N HIS C 272 -0.36 37.74 -9.51
CA HIS C 272 -0.67 38.85 -10.38
C HIS C 272 0.62 39.39 -11.06
N ARG C 273 0.46 39.85 -12.29
CA ARG C 273 1.57 40.26 -13.13
CA ARG C 273 1.57 40.27 -13.15
C ARG C 273 2.51 41.28 -12.50
N SER C 274 1.99 42.22 -11.73
CA SER C 274 2.83 43.09 -10.97
C SER C 274 3.89 42.41 -10.04
N ALA C 275 3.77 41.13 -9.72
CA ALA C 275 4.82 40.43 -8.93
C ALA C 275 5.99 39.99 -9.83
N GLY C 276 5.76 39.99 -11.15
CA GLY C 276 6.83 39.66 -12.11
C GLY C 276 7.02 38.20 -12.47
N HIS C 277 6.50 37.27 -11.67
CA HIS C 277 6.63 35.86 -12.01
C HIS C 277 5.50 35.02 -11.46
N LEU C 278 5.39 33.82 -12.02
CA LEU C 278 4.72 32.66 -11.47
C LEU C 278 5.82 31.82 -10.86
N ALA C 279 5.50 31.16 -9.77
CA ALA C 279 6.47 30.31 -9.11
C ALA C 279 5.85 28.97 -8.72
N MET C 280 6.72 27.98 -8.61
CA MET C 280 6.37 26.67 -8.13
C MET C 280 7.47 26.12 -7.28
N HIS C 281 7.09 25.46 -6.20
CA HIS C 281 8.06 24.58 -5.52
CA HIS C 281 7.98 24.61 -5.38
C HIS C 281 7.53 23.14 -5.51
N ALA C 282 8.46 22.23 -5.74
CA ALA C 282 8.21 20.80 -5.82
C ALA C 282 9.22 20.08 -4.96
N GLN C 283 8.82 18.99 -4.33
CA GLN C 283 9.70 18.21 -3.56
C GLN C 283 9.33 16.74 -3.69
N ILE C 284 10.31 15.87 -3.61
CA ILE C 284 10.11 14.43 -3.64
C ILE C 284 11.15 13.78 -2.75
N PRO C 285 10.74 12.84 -1.87
CA PRO C 285 11.69 12.18 -1.00
C PRO C 285 12.77 11.45 -1.77
N VAL C 286 13.98 11.57 -1.29
CA VAL C 286 15.15 11.01 -1.98
C VAL C 286 15.03 9.50 -2.14
N ASP C 287 14.40 8.80 -1.20
CA ASP C 287 14.36 7.34 -1.30
C ASP C 287 13.18 6.73 -2.14
N VAL C 288 12.34 7.55 -2.75
CA VAL C 288 11.42 7.05 -3.78
C VAL C 288 12.29 6.54 -4.95
N PRO C 289 11.98 5.36 -5.50
CA PRO C 289 12.65 4.82 -6.68
C PRO C 289 12.76 5.83 -7.85
N ASP C 290 13.98 6.05 -8.32
CA ASP C 290 14.30 7.05 -9.36
C ASP C 290 13.73 8.46 -9.06
N ALA C 291 13.76 8.83 -7.78
CA ALA C 291 13.24 10.11 -7.31
C ALA C 291 13.67 11.31 -8.19
N GLU C 292 14.96 11.40 -8.43
CA GLU C 292 15.53 12.53 -9.19
C GLU C 292 15.00 12.58 -10.60
N GLU C 293 14.92 11.41 -11.25
CA GLU C 293 14.39 11.31 -12.61
C GLU C 293 12.90 11.56 -12.61
N ARG C 294 12.20 11.19 -11.53
CA ARG C 294 10.75 11.47 -11.47
C ARG C 294 10.48 12.98 -11.43
N MET C 295 11.32 13.73 -10.72
CA MET C 295 11.21 15.19 -10.70
C MET C 295 11.51 15.80 -12.08
N SER C 296 12.47 15.25 -12.78
CA SER C 296 12.76 15.74 -14.13
C SER C 296 11.61 15.49 -15.09
N TRP C 297 11.02 14.28 -15.09
CA TRP C 297 9.90 14.03 -16.03
C TRP C 297 8.74 15.01 -15.74
N PHE C 298 8.53 15.29 -14.45
CA PHE C 298 7.47 16.21 -14.04
C PHE C 298 7.71 17.59 -14.60
N LEU C 299 8.92 18.06 -14.41
CA LEU C 299 9.28 19.35 -14.91
C LEU C 299 9.15 19.36 -16.44
N ALA C 300 9.46 18.27 -17.10
CA ALA C 300 9.46 18.25 -18.55
C ALA C 300 8.03 18.26 -19.04
N GLU C 301 7.17 17.51 -18.37
CA GLU C 301 5.76 17.54 -18.77
C GLU C 301 5.14 18.93 -18.55
N LEU C 302 5.60 19.66 -17.53
CA LEU C 302 5.11 21.01 -17.29
C LEU C 302 5.31 21.93 -18.45
N ASN C 303 6.45 21.84 -19.09
CA ASN C 303 6.75 22.75 -20.18
C ASN C 303 6.37 22.29 -21.56
N GLU C 304 5.72 21.13 -21.67
CA GLU C 304 5.23 20.59 -22.93
C GLU C 304 4.27 21.59 -23.55
N GLY C 305 4.61 22.08 -24.74
CA GLY C 305 3.73 22.94 -25.53
C GLY C 305 3.68 24.35 -25.04
N VAL C 306 4.62 24.68 -24.15
CA VAL C 306 4.70 25.96 -23.47
C VAL C 306 5.98 26.65 -23.92
N ALA C 307 5.85 27.90 -24.35
CA ALA C 307 6.97 28.63 -24.98
C ALA C 307 7.93 29.27 -23.96
N VAL C 308 7.44 29.81 -22.85
CA VAL C 308 8.31 30.36 -21.79
C VAL C 308 9.21 29.32 -21.20
N ALA C 309 10.48 29.69 -21.07
CA ALA C 309 11.49 28.85 -20.42
C ALA C 309 11.61 29.30 -18.96
N PRO C 310 11.44 28.38 -18.04
CA PRO C 310 11.53 28.78 -16.64
C PRO C 310 12.93 28.82 -16.13
N SER C 311 13.17 29.56 -15.06
CA SER C 311 14.37 29.41 -14.27
C SER C 311 14.14 28.39 -13.19
N LEU C 312 15.21 27.75 -12.78
CA LEU C 312 15.09 26.51 -12.11
C LEU C 312 16.32 26.33 -11.25
N THR C 313 16.09 25.87 -10.03
CA THR C 313 17.17 25.49 -9.16
C THR C 313 16.74 24.19 -8.45
N ARG C 314 17.66 23.25 -8.30
CA ARG C 314 17.33 21.98 -7.73
C ARG C 314 18.37 21.71 -6.73
N ARG C 315 18.01 21.12 -5.61
CA ARG C 315 18.97 20.77 -4.60
C ARG C 315 18.33 19.76 -3.66
N ARG C 316 19.11 19.26 -2.75
CA ARG C 316 18.73 18.19 -1.89
C ARG C 316 18.84 18.73 -0.49
N LEU C 317 17.83 18.49 0.35
CA LEU C 317 17.80 18.95 1.72
C LEU C 317 17.21 17.95 2.72
N PRO C 318 17.67 17.99 3.96
CA PRO C 318 16.94 17.20 4.96
C PRO C 318 15.49 17.68 5.11
N TRP C 319 14.60 16.82 5.60
CA TRP C 319 13.15 17.08 5.62
C TRP C 319 12.79 18.35 6.40
N LEU C 320 13.31 18.50 7.60
CA LEU C 320 12.93 19.66 8.38
C LEU C 320 13.37 20.98 7.72
N ALA C 321 14.52 21.02 7.08
CA ALA C 321 14.91 22.22 6.37
C ALA C 321 14.03 22.50 5.15
N THR C 322 13.63 21.44 4.47
CA THR C 322 12.72 21.54 3.30
C THR C 322 11.41 22.14 3.76
N SER C 323 10.90 21.65 4.90
CA SER C 323 9.71 22.20 5.52
C SER C 323 9.89 23.71 5.75
N GLN C 324 10.98 24.06 6.43
CA GLN C 324 11.24 25.43 6.78
C GLN C 324 11.59 26.32 5.55
N LEU C 325 12.22 25.80 4.53
CA LEU C 325 12.48 26.55 3.29
C LEU C 325 11.20 26.98 2.62
N LEU C 326 10.21 26.12 2.73
CA LEU C 326 8.91 26.29 2.16
C LEU C 326 7.94 27.07 3.02
N ALA C 327 8.20 27.13 4.32
CA ALA C 327 7.26 27.71 5.29
C ALA C 327 7.18 29.21 5.17
N ILE C 328 6.00 29.75 5.52
CA ILE C 328 5.70 31.19 5.53
C ILE C 328 6.08 31.76 6.92
N PRO C 329 6.96 32.79 6.96
CA PRO C 329 7.43 33.41 8.18
C PRO C 329 6.33 34.06 8.98
N ASP C 330 6.46 34.00 10.30
CA ASP C 330 5.52 34.72 11.17
C ASP C 330 6.03 36.11 11.59
N VAL C 331 7.14 36.56 11.03
CA VAL C 331 7.64 37.90 11.26
C VAL C 331 8.06 38.53 9.95
N GLY C 332 8.37 39.83 9.97
CA GLY C 332 8.73 40.55 8.74
C GLY C 332 7.53 41.18 8.06
N PRO C 333 7.79 41.95 6.99
CA PRO C 333 6.76 42.75 6.33
C PRO C 333 5.63 41.97 5.68
N GLY C 334 5.81 40.69 5.44
CA GLY C 334 4.71 39.86 4.95
C GLY C 334 3.80 39.35 6.06
N ALA C 335 4.31 39.26 7.31
CA ALA C 335 3.51 38.69 8.41
C ALA C 335 2.80 39.73 9.31
N ILE C 336 3.29 40.97 9.33
CA ILE C 336 2.97 41.88 10.42
C ILE C 336 2.34 43.13 9.88
N GLY C 337 1.17 43.47 10.39
CA GLY C 337 0.53 44.68 10.01
C GLY C 337 -0.15 44.59 8.66
N VAL C 338 -0.58 43.40 8.29
CA VAL C 338 -1.04 43.19 6.95
C VAL C 338 -2.54 42.94 6.95
N ARG C 339 -3.21 43.55 5.98
CA ARG C 339 -4.64 43.40 5.81
C ARG C 339 -4.82 42.35 4.74
N ARG C 340 -5.71 41.37 4.97
CA ARG C 340 -5.79 40.21 4.06
C ARG C 340 -7.21 39.81 3.72
N LYS C 341 -7.35 39.16 2.58
CA LYS C 341 -8.60 38.47 2.21
C LYS C 341 -8.17 37.15 1.56
N VAL C 342 -8.75 36.03 2.00
CA VAL C 342 -8.47 34.73 1.42
C VAL C 342 -9.71 34.05 0.90
N LYS C 343 -9.56 33.13 -0.03
CA LYS C 343 -10.69 32.40 -0.54
C LYS C 343 -10.15 31.05 -0.91
N SER C 344 -11.06 30.10 -1.16
CA SER C 344 -10.69 28.75 -1.35
C SER C 344 -11.66 28.01 -2.24
N ALA C 345 -11.17 27.09 -3.03
CA ALA C 345 -11.98 26.19 -3.81
C ALA C 345 -11.16 24.92 -3.97
N ASP C 346 -11.82 23.77 -3.85
CA ASP C 346 -11.16 22.50 -4.00
C ASP C 346 -11.69 21.80 -5.26
N LEU C 347 -10.81 21.03 -5.89
CA LEU C 347 -11.09 20.44 -7.18
C LEU C 347 -10.90 18.98 -7.15
N ARG C 348 -11.69 18.26 -7.92
CA ARG C 348 -11.46 16.84 -8.28
C ARG C 348 -11.42 16.62 -9.79
N GLY C 349 -11.44 17.68 -10.58
CA GLY C 349 -11.16 17.61 -11.99
C GLY C 349 -10.66 18.96 -12.49
N PRO C 350 -10.39 19.10 -13.78
CA PRO C 350 -9.65 20.31 -14.24
C PRO C 350 -10.44 21.58 -14.37
N HIS C 351 -9.80 22.73 -14.22
CA HIS C 351 -10.36 23.96 -14.77
C HIS C 351 -10.39 23.91 -16.28
N THR C 352 -11.45 24.39 -16.89
CA THR C 352 -11.56 24.46 -18.34
C THR C 352 -10.68 25.57 -18.85
N ARG C 353 -10.63 25.67 -20.17
CA ARG C 353 -9.78 26.64 -20.79
C ARG C 353 -10.38 27.97 -20.55
N GLU C 354 -11.70 28.05 -20.47
CA GLU C 354 -12.33 29.37 -20.29
C GLU C 354 -12.14 29.86 -18.87
N GLN C 355 -12.19 28.97 -17.90
CA GLN C 355 -11.84 29.37 -16.56
C GLN C 355 -10.41 29.91 -16.47
N LEU C 356 -9.46 29.20 -17.08
CA LEU C 356 -8.09 29.61 -17.04
C LEU C 356 -7.84 30.90 -17.81
N ALA C 357 -8.57 31.14 -18.94
CA ALA C 357 -8.47 32.46 -19.60
C ALA C 357 -9.08 33.55 -18.77
N ALA C 358 -10.20 33.30 -18.07
CA ALA C 358 -10.70 34.36 -17.19
C ALA C 358 -9.70 34.67 -16.05
N ALA C 359 -8.99 33.67 -15.57
CA ALA C 359 -7.99 33.90 -14.52
C ALA C 359 -6.86 34.78 -15.09
N TYR C 360 -6.39 34.41 -16.27
CA TYR C 360 -5.32 35.15 -16.90
C TYR C 360 -5.67 36.62 -16.99
N ARG C 361 -6.89 36.88 -17.44
CA ARG C 361 -7.44 38.22 -17.52
C ARG C 361 -7.32 39.04 -16.23
N HIS C 362 -7.63 38.42 -15.07
CA HIS C 362 -7.57 39.14 -13.85
C HIS C 362 -6.16 39.20 -13.35
N LEU C 363 -5.36 38.20 -13.63
CA LEU C 363 -3.96 38.21 -13.19
C LEU C 363 -3.06 39.10 -14.04
N SER C 364 -3.43 39.34 -15.27
CA SER C 364 -2.64 40.25 -16.10
C SER C 364 -3.16 41.69 -16.14
N ARG C 365 -4.35 41.96 -15.58
CA ARG C 365 -4.92 43.33 -15.46
C ARG C 365 -3.89 44.46 -15.17
N ALA C 366 -3.92 45.51 -16.00
CA ALA C 366 -2.97 46.65 -15.93
C ALA C 366 -3.37 47.71 -14.92
N ASP C 367 -4.67 47.94 -14.79
CA ASP C 367 -5.24 48.88 -13.85
C ASP C 367 -5.24 48.42 -12.37
N TYR C 368 -4.61 47.30 -12.04
CA TYR C 368 -4.47 46.89 -10.65
C TYR C 368 -2.99 46.67 -10.40
N HIS C 369 -2.48 47.18 -9.30
CA HIS C 369 -1.13 46.88 -8.86
C HIS C 369 -1.17 46.25 -7.43
N CYS C 370 -0.67 45.04 -7.29
CA CYS C 370 -0.56 44.34 -5.99
C CYS C 370 0.32 43.10 -6.14
N PRO C 371 1.62 43.22 -5.80
CA PRO C 371 2.52 42.05 -5.92
C PRO C 371 2.10 40.85 -5.07
N SER C 372 1.23 41.08 -4.10
CA SER C 372 0.85 40.02 -3.17
C SER C 372 -0.45 39.35 -3.50
N ALA C 373 -1.02 39.65 -4.65
CA ALA C 373 -2.25 39.01 -5.08
C ALA C 373 -1.89 37.76 -5.86
N ALA C 374 -2.47 36.60 -5.48
CA ALA C 374 -2.19 35.32 -6.10
C ALA C 374 -3.35 34.35 -6.08
N MET C 375 -3.40 33.43 -7.04
CA MET C 375 -4.07 32.17 -6.79
C MET C 375 -3.03 31.07 -6.85
N GLU C 376 -3.20 30.07 -5.98
CA GLU C 376 -2.26 28.96 -5.87
C GLU C 376 -2.96 27.65 -6.13
N TYR C 377 -2.26 26.72 -6.77
CA TYR C 377 -2.73 25.39 -6.93
C TYR C 377 -1.88 24.49 -6.07
N ILE C 378 -2.48 23.77 -5.14
CA ILE C 378 -1.75 23.03 -4.08
C ILE C 378 -2.06 21.55 -4.26
N ALA C 379 -1.05 20.71 -4.49
CA ALA C 379 -1.26 19.30 -4.65
C ALA C 379 -1.77 18.73 -3.32
N TYR C 380 -2.59 17.71 -3.44
CA TYR C 380 -3.40 17.19 -2.32
C TYR C 380 -3.77 15.73 -2.66
N GLY C 381 -4.69 15.12 -1.92
CA GLY C 381 -5.08 13.75 -2.20
C GLY C 381 -4.11 12.79 -1.58
N GLY C 382 -3.71 11.73 -2.33
CA GLY C 382 -2.94 10.63 -1.77
C GLY C 382 -3.59 9.95 -0.57
N ARG C 383 -2.83 9.81 0.50
CA ARG C 383 -3.29 9.20 1.70
C ARG C 383 -4.50 9.88 2.40
N VAL C 384 -4.74 11.16 2.12
CA VAL C 384 -5.92 11.88 2.60
C VAL C 384 -7.17 11.11 2.17
N ASN C 385 -7.15 10.59 0.96
CA ASN C 385 -8.32 10.00 0.32
C ASN C 385 -8.47 8.50 0.45
N THR C 386 -7.84 7.93 1.47
CA THR C 386 -7.98 6.56 1.84
C THR C 386 -8.85 6.39 3.10
N VAL C 387 -9.35 7.51 3.58
CA VAL C 387 -10.24 7.58 4.75
C VAL C 387 -11.65 7.77 4.19
N ASP C 388 -12.63 7.01 4.68
CA ASP C 388 -14.03 7.24 4.22
C ASP C 388 -14.49 8.67 4.59
N PRO C 389 -15.22 9.37 3.69
CA PRO C 389 -15.57 10.79 3.95
C PRO C 389 -16.32 11.10 5.27
N ALA C 390 -17.01 10.08 5.81
CA ALA C 390 -17.74 10.17 7.08
C ALA C 390 -17.03 9.55 8.29
N ALA C 391 -15.83 9.03 8.12
CA ALA C 391 -15.05 8.57 9.24
C ALA C 391 -14.42 9.72 10.04
N THR C 392 -14.27 10.88 9.42
CA THR C 392 -13.95 12.10 10.14
C THR C 392 -14.93 13.16 9.71
N ALA C 393 -14.87 14.36 10.27
CA ALA C 393 -15.83 15.36 9.86
C ALA C 393 -15.38 16.14 8.64
N VAL C 394 -14.13 15.97 8.20
CA VAL C 394 -13.69 16.57 6.93
C VAL C 394 -14.31 15.88 5.71
N PRO C 395 -14.93 16.67 4.83
CA PRO C 395 -15.68 16.12 3.69
C PRO C 395 -14.79 15.77 2.48
N ARG C 396 -14.07 14.66 2.61
CA ARG C 396 -13.03 14.24 1.65
C ARG C 396 -13.52 13.93 0.26
N GLY C 397 -12.59 14.06 -0.68
CA GLY C 397 -12.87 13.84 -2.12
C GLY C 397 -11.98 14.66 -3.03
N ALA C 398 -11.59 15.84 -2.57
CA ALA C 398 -10.67 16.76 -3.25
C ALA C 398 -9.33 16.14 -3.59
N SER C 399 -8.90 16.38 -4.82
CA SER C 399 -7.60 16.00 -5.31
C SER C 399 -6.60 17.14 -5.23
N LEU C 400 -7.12 18.35 -5.29
CA LEU C 400 -6.29 19.49 -5.41
C LEU C 400 -7.01 20.62 -4.70
N LYS C 401 -6.27 21.48 -3.99
CA LYS C 401 -6.80 22.67 -3.40
C LYS C 401 -6.36 23.92 -4.11
N THR C 402 -7.25 24.92 -4.10
CA THR C 402 -6.89 26.24 -4.61
C THR C 402 -7.17 27.23 -3.52
N PHE C 403 -6.26 28.20 -3.46
CA PHE C 403 -6.19 29.19 -2.43
C PHE C 403 -6.05 30.53 -3.17
N TYR C 404 -6.86 31.51 -2.77
CA TYR C 404 -6.77 32.84 -3.36
C TYR C 404 -6.43 33.78 -2.25
N MET C 405 -5.52 34.71 -2.51
CA MET C 405 -5.13 35.67 -1.49
C MET C 405 -4.80 37.04 -2.04
N VAL C 406 -5.24 38.10 -1.36
CA VAL C 406 -4.59 39.43 -1.53
C VAL C 406 -4.18 39.93 -0.15
N ALA C 407 -3.11 40.73 -0.12
CA ALA C 407 -2.51 41.22 1.10
C ALA C 407 -1.98 42.63 0.83
N TRP C 408 -2.26 43.56 1.76
CA TRP C 408 -1.95 44.97 1.59
C TRP C 408 -1.80 45.64 2.94
N THR C 409 -1.36 46.89 2.94
CA THR C 409 -1.11 47.57 4.23
C THR C 409 -1.96 48.80 4.49
N ASP C 410 -2.29 49.52 3.43
CA ASP C 410 -3.11 50.73 3.52
C ASP C 410 -4.64 50.47 3.52
N PRO C 411 -5.36 50.83 4.59
CA PRO C 411 -6.84 50.71 4.63
C PRO C 411 -7.61 51.50 3.56
N ASP C 412 -7.08 52.66 3.15
CA ASP C 412 -7.64 53.41 2.01
C ASP C 412 -7.83 52.53 0.79
N GLU C 413 -7.03 51.49 0.69
CA GLU C 413 -7.10 50.60 -0.45
C GLU C 413 -8.04 49.39 -0.31
N ASP C 414 -8.68 49.16 0.84
CA ASP C 414 -9.50 47.97 0.99
C ASP C 414 -10.44 47.69 -0.19
N GLU C 415 -11.15 48.70 -0.67
CA GLU C 415 -12.22 48.45 -1.62
C GLU C 415 -11.68 47.87 -2.90
N GLU C 416 -10.52 48.31 -3.33
CA GLU C 416 -9.98 47.84 -4.57
C GLU C 416 -9.41 46.42 -4.49
N HIS C 417 -8.76 46.06 -3.37
CA HIS C 417 -8.24 44.70 -3.17
C HIS C 417 -9.38 43.68 -2.97
N LEU C 418 -10.42 44.06 -2.24
CA LEU C 418 -11.61 43.20 -2.05
C LEU C 418 -12.29 42.98 -3.39
N ARG C 419 -12.37 44.02 -4.20
CA ARG C 419 -12.97 43.91 -5.54
C ARG C 419 -12.17 42.96 -6.37
N TRP C 420 -10.84 43.08 -6.37
CA TRP C 420 -10.02 42.21 -7.20
C TRP C 420 -10.25 40.72 -6.89
N ILE C 421 -10.13 40.31 -5.63
CA ILE C 421 -10.23 38.91 -5.26
C ILE C 421 -11.61 38.39 -5.47
N ARG C 422 -12.60 39.21 -5.24
CA ARG C 422 -13.99 38.84 -5.40
C ARG C 422 -14.38 38.60 -6.84
N GLU C 423 -13.91 39.47 -7.72
CA GLU C 423 -14.20 39.34 -9.14
C GLU C 423 -13.51 38.16 -9.78
N ILE C 424 -12.26 37.87 -9.41
CA ILE C 424 -11.58 36.77 -10.06
C ILE C 424 -12.22 35.46 -9.60
N TYR C 425 -12.58 35.37 -8.33
CA TYR C 425 -13.13 34.14 -7.85
C TYR C 425 -14.49 33.95 -8.43
N ARG C 426 -15.26 34.98 -8.43
CA ARG C 426 -16.56 34.90 -9.03
C ARG C 426 -16.49 34.57 -10.51
N ASP C 427 -15.53 35.14 -11.25
CA ASP C 427 -15.47 34.84 -12.69
C ASP C 427 -15.15 33.43 -12.96
N ILE C 428 -14.12 32.93 -12.28
CA ILE C 428 -13.72 31.54 -12.44
C ILE C 428 -14.89 30.59 -12.13
N HIS C 429 -15.75 30.96 -11.18
CA HIS C 429 -16.89 30.11 -10.85
C HIS C 429 -18.20 30.57 -11.42
N SER C 430 -18.21 31.25 -12.57
CA SER C 430 -19.43 31.90 -12.99
C SER C 430 -20.44 30.89 -13.53
N ALA C 431 -20.02 29.70 -13.90
CA ALA C 431 -20.99 28.72 -14.32
C ALA C 431 -21.70 28.05 -13.12
N THR C 432 -21.24 28.27 -11.88
CA THR C 432 -21.94 27.69 -10.74
C THR C 432 -22.24 28.77 -9.66
N GLY C 433 -22.87 29.86 -10.07
CA GLY C 433 -23.30 30.96 -9.20
C GLY C 433 -22.18 31.64 -8.41
N GLY C 434 -20.93 31.54 -8.87
CA GLY C 434 -19.83 32.31 -8.31
C GLY C 434 -19.10 31.63 -7.18
N VAL C 435 -19.47 30.39 -6.91
CA VAL C 435 -18.85 29.57 -5.86
C VAL C 435 -18.54 28.11 -6.27
N PRO C 436 -17.59 27.44 -5.58
CA PRO C 436 -17.36 26.03 -5.86
C PRO C 436 -18.46 25.05 -5.30
N THR C 437 -19.61 24.99 -5.95
CA THR C 437 -20.68 24.06 -5.60
C THR C 437 -20.20 22.63 -5.77
N PRO C 438 -20.32 21.79 -4.72
CA PRO C 438 -19.89 20.41 -4.88
C PRO C 438 -20.59 19.72 -6.04
N ASP C 439 -19.81 19.22 -7.00
CA ASP C 439 -20.31 18.47 -8.13
C ASP C 439 -19.19 17.55 -8.65
N GLU C 440 -19.18 17.33 -9.97
CA GLU C 440 -18.25 16.43 -10.61
C GLU C 440 -16.81 17.03 -10.66
N VAL C 441 -16.73 18.35 -10.71
CA VAL C 441 -15.44 19.10 -10.75
C VAL C 441 -15.03 19.75 -9.39
N ASN C 442 -15.95 20.51 -8.80
CA ASN C 442 -15.74 21.17 -7.53
C ASN C 442 -16.11 20.23 -6.35
N THR C 443 -15.36 20.31 -5.28
CA THR C 443 -15.71 19.50 -4.13
C THR C 443 -16.06 20.39 -2.96
N GLY C 444 -16.10 21.71 -3.13
CA GLY C 444 -16.40 22.60 -2.04
C GLY C 444 -15.22 23.48 -1.65
N ALA C 445 -15.10 23.80 -0.38
CA ALA C 445 -14.00 24.64 0.09
C ALA C 445 -13.64 24.25 1.50
N TYR C 446 -12.59 24.88 2.01
CA TYR C 446 -11.95 24.43 3.24
C TYR C 446 -12.26 25.37 4.37
N ILE C 447 -12.72 24.87 5.55
CA ILE C 447 -13.25 25.73 6.59
C ILE C 447 -12.13 26.59 7.23
N ASN C 448 -10.89 26.12 7.14
CA ASN C 448 -9.78 26.89 7.63
C ASN C 448 -9.33 28.04 6.67
N TYR C 449 -9.97 28.17 5.51
CA TYR C 449 -9.76 29.35 4.67
C TYR C 449 -11.14 30.01 4.51
N PRO C 450 -11.78 30.41 5.62
CA PRO C 450 -13.18 30.80 5.52
C PRO C 450 -13.39 32.10 4.76
N ASP C 451 -14.55 32.18 4.11
CA ASP C 451 -14.87 33.31 3.27
C ASP C 451 -16.33 33.71 3.43
N ILE C 452 -16.61 34.82 4.11
CA ILE C 452 -18.00 35.18 4.43
C ILE C 452 -18.83 35.61 3.21
N ASP C 453 -18.19 35.94 2.09
CA ASP C 453 -18.94 36.27 0.87
C ASP C 453 -19.71 35.01 0.39
N LEU C 454 -19.27 33.82 0.80
CA LEU C 454 -20.01 32.59 0.52
C LEU C 454 -21.44 32.59 1.13
N ALA C 455 -21.71 33.51 2.05
CA ALA C 455 -23.06 33.67 2.61
C ALA C 455 -23.69 34.96 2.18
N ASP C 456 -23.11 35.63 1.20
CA ASP C 456 -23.55 36.94 0.77
C ASP C 456 -24.21 36.78 -0.62
N PRO C 457 -25.50 37.13 -0.74
CA PRO C 457 -26.16 36.96 -2.06
C PRO C 457 -25.61 37.84 -3.18
N GLU C 458 -24.79 38.84 -2.89
CA GLU C 458 -24.06 39.53 -3.95
C GLU C 458 -22.98 38.66 -4.67
N TRP C 459 -22.40 37.70 -3.95
CA TRP C 459 -21.29 36.91 -4.41
C TRP C 459 -21.68 35.45 -4.58
N ASN C 460 -22.53 34.92 -3.73
CA ASN C 460 -23.02 33.55 -3.90
C ASN C 460 -24.44 33.53 -4.44
N THR C 461 -24.57 33.22 -5.74
CA THR C 461 -25.87 33.08 -6.37
C THR C 461 -26.15 31.64 -6.82
N SER C 462 -25.55 30.69 -6.15
CA SER C 462 -25.70 29.30 -6.53
C SER C 462 -26.93 28.60 -5.94
N GLY C 463 -27.65 29.21 -5.04
CA GLY C 463 -28.59 28.43 -4.23
C GLY C 463 -27.96 27.43 -3.23
N VAL C 464 -26.64 27.35 -3.10
CA VAL C 464 -26.06 26.28 -2.28
C VAL C 464 -25.44 26.93 -1.07
N PRO C 465 -25.84 26.49 0.15
CA PRO C 465 -25.36 27.19 1.34
C PRO C 465 -23.88 26.98 1.64
N TRP C 466 -23.27 28.01 2.22
CA TRP C 466 -21.98 27.90 2.87
C TRP C 466 -21.72 26.54 3.59
N HIS C 467 -22.68 26.03 4.37
CA HIS C 467 -22.37 24.83 5.15
C HIS C 467 -22.26 23.58 4.31
N THR C 468 -22.99 23.49 3.22
CA THR C 468 -22.74 22.41 2.28
C THR C 468 -21.35 22.53 1.59
N ILE C 469 -20.99 23.75 1.25
CA ILE C 469 -19.71 24.00 0.56
C ILE C 469 -18.54 23.62 1.49
N TYR C 470 -18.66 23.82 2.80
CA TYR C 470 -17.57 23.51 3.66
C TYR C 470 -17.62 22.14 4.28
N TYR C 471 -18.81 21.60 4.56
CA TYR C 471 -18.86 20.33 5.29
C TYR C 471 -19.51 19.14 4.55
N GLY C 472 -20.07 19.40 3.37
CA GLY C 472 -20.92 18.43 2.65
C GLY C 472 -21.90 17.69 3.54
N ASP C 473 -21.87 16.39 3.37
CA ASP C 473 -22.75 15.46 3.97
C ASP C 473 -22.43 15.30 5.42
N ASN C 474 -21.34 15.86 5.92
CA ASN C 474 -21.16 15.79 7.35
C ASN C 474 -21.91 16.82 8.15
N TYR C 475 -22.53 17.79 7.50
CA TYR C 475 -23.14 18.88 8.25
C TYR C 475 -24.21 18.35 9.25
N PRO C 476 -25.23 17.59 8.80
CA PRO C 476 -26.29 17.09 9.71
C PRO C 476 -25.77 16.48 10.99
N ARG C 477 -24.79 15.60 10.93
CA ARG C 477 -24.25 15.02 12.12
C ARG C 477 -23.53 16.05 12.97
N LEU C 478 -22.91 17.07 12.34
CA LEU C 478 -22.25 18.13 13.09
C LEU C 478 -23.31 18.95 13.85
N GLN C 479 -24.45 19.22 13.22
CA GLN C 479 -25.53 19.94 13.89
C GLN C 479 -26.05 19.18 15.11
N GLU C 480 -26.19 17.88 14.99
CA GLU C 480 -26.68 17.06 16.09
C GLU C 480 -25.69 17.03 17.25
N ILE C 481 -24.41 16.91 16.97
CA ILE C 481 -23.42 17.01 18.03
C ILE C 481 -23.37 18.41 18.65
N LYS C 482 -23.53 19.44 17.83
CA LYS C 482 -23.55 20.80 18.37
C LYS C 482 -24.65 21.02 19.42
N SER C 483 -25.83 20.53 19.09
CA SER C 483 -27.03 20.51 19.94
C SER C 483 -26.85 19.80 21.30
N ARG C 484 -26.11 18.70 21.30
CA ARG C 484 -25.85 17.98 22.52
C ARG C 484 -24.79 18.64 23.36
N TRP C 485 -23.76 19.22 22.74
CA TRP C 485 -22.58 19.63 23.50
C TRP C 485 -22.50 21.10 23.73
N ASP C 486 -23.14 21.91 22.90
CA ASP C 486 -23.19 23.35 23.18
C ASP C 486 -24.65 23.81 23.04
N PRO C 487 -25.52 23.32 23.94
CA PRO C 487 -26.97 23.61 23.86
C PRO C 487 -27.35 25.08 24.03
N ARG C 488 -26.54 25.90 24.71
CA ARG C 488 -26.78 27.36 24.84
C ARG C 488 -26.19 28.21 23.69
N ASN C 489 -25.52 27.55 22.75
CA ASN C 489 -24.83 28.23 21.62
C ASN C 489 -23.94 29.42 22.07
N VAL C 490 -23.16 29.12 23.09
CA VAL C 490 -22.18 29.98 23.68
C VAL C 490 -21.11 30.24 22.65
N PHE C 491 -20.69 29.18 21.95
CA PHE C 491 -19.63 29.31 20.98
C PHE C 491 -20.19 29.44 19.58
N ARG C 492 -20.03 30.62 18.99
CA ARG C 492 -20.58 30.89 17.68
C ARG C 492 -19.85 31.94 16.90
N HIS C 493 -20.17 32.00 15.63
CA HIS C 493 -19.68 33.08 14.74
C HIS C 493 -20.40 32.96 13.43
N ALA C 494 -20.08 33.82 12.47
CA ALA C 494 -20.80 33.82 11.20
C ALA C 494 -20.94 32.44 10.62
N PHE C 495 -19.90 31.61 10.65
CA PHE C 495 -19.96 30.25 10.12
C PHE C 495 -19.93 29.16 11.23
N SER C 496 -20.52 29.41 12.38
CA SER C 496 -20.58 28.31 13.36
C SER C 496 -21.70 27.34 12.95
N ILE C 497 -21.53 26.08 13.30
CA ILE C 497 -22.53 25.05 13.09
C ILE C 497 -23.78 25.43 13.91
N ARG C 498 -24.93 25.38 13.26
CA ARG C 498 -26.18 25.78 13.88
C ARG C 498 -26.81 24.50 14.46
N PRO C 499 -27.26 24.56 15.71
CA PRO C 499 -27.98 23.41 16.26
C PRO C 499 -29.15 23.06 15.39
N ARG C 500 -29.58 21.82 15.47
CA ARG C 500 -30.78 21.41 14.77
C ARG C 500 -30.63 19.95 14.42
N THR D 3 11.63 13.68 33.25
CA THR D 3 13.07 13.76 32.86
C THR D 3 13.42 12.58 31.96
N ARG D 4 13.23 12.77 30.65
CA ARG D 4 13.61 11.76 29.63
C ARG D 4 15.14 11.76 29.53
N ALA D 5 15.71 10.65 29.08
CA ALA D 5 17.18 10.52 28.96
C ALA D 5 17.72 11.44 27.87
N ALA D 6 19.02 11.79 27.96
CA ALA D 6 19.65 12.53 26.90
C ALA D 6 19.65 11.66 25.64
N VAL D 7 19.35 12.30 24.51
CA VAL D 7 19.32 11.66 23.19
C VAL D 7 20.72 11.77 22.61
N THR D 8 21.14 10.73 21.92
CA THR D 8 22.43 10.65 21.21
C THR D 8 22.12 10.45 19.74
N VAL D 9 22.68 11.26 18.86
CA VAL D 9 22.42 11.14 17.44
C VAL D 9 23.73 10.81 16.75
N LYS D 10 23.84 9.62 16.18
CA LYS D 10 25.02 9.21 15.39
C LYS D 10 24.73 9.31 13.91
N PRO D 11 25.76 9.12 13.07
CA PRO D 11 25.64 9.29 11.63
C PRO D 11 24.63 8.40 10.91
N ASP D 12 24.21 7.32 11.53
CA ASP D 12 23.14 6.46 10.99
C ASP D 12 21.70 6.93 11.36
N ASP D 13 21.55 7.78 12.36
CA ASP D 13 20.25 8.35 12.70
C ASP D 13 19.86 9.33 11.59
N HIS D 14 18.59 9.29 11.17
CA HIS D 14 18.03 10.23 10.18
C HIS D 14 18.23 11.68 10.60
N ARG D 15 18.30 11.91 11.91
CA ARG D 15 18.45 13.28 12.41
C ARG D 15 19.80 13.94 12.22
N TYR D 16 20.82 13.11 11.98
CA TYR D 16 22.19 13.58 11.95
C TYR D 16 22.37 14.68 10.86
N ASP D 17 21.92 14.46 9.66
CA ASP D 17 22.18 15.44 8.57
C ASP D 17 21.56 16.81 8.86
N LEU D 18 20.40 16.79 9.51
CA LEU D 18 19.73 18.00 9.91
C LEU D 18 20.52 18.71 11.01
N LEU D 19 20.86 18.00 12.09
CA LEU D 19 21.62 18.60 13.17
C LEU D 19 22.95 19.13 12.75
N ALA D 20 23.58 18.49 11.76
CA ALA D 20 24.82 18.99 11.19
C ALA D 20 24.71 20.36 10.53
N ARG D 21 23.49 20.83 10.24
CA ARG D 21 23.29 22.10 9.51
C ARG D 21 22.63 23.13 10.40
N ALA D 22 23.10 24.35 10.37
CA ALA D 22 22.51 25.44 11.15
C ALA D 22 22.40 26.57 10.15
N ASP D 23 22.58 27.81 10.60
CA ASP D 23 22.22 28.94 9.81
C ASP D 23 23.16 29.21 8.64
N ASN D 24 24.40 28.78 8.74
CA ASN D 24 25.32 29.02 7.68
C ASN D 24 25.66 27.71 6.95
N TYR D 25 25.17 27.53 5.74
CA TYR D 25 25.44 26.27 5.07
C TYR D 25 26.90 26.10 4.62
N ARG D 26 27.74 27.11 4.80
CA ARG D 26 29.16 26.91 4.52
C ARG D 26 29.78 25.89 5.41
N PHE D 27 29.21 25.64 6.59
CA PHE D 27 29.88 24.78 7.57
C PHE D 27 28.99 23.64 8.01
N VAL D 28 29.31 22.44 7.57
CA VAL D 28 28.55 21.28 7.92
C VAL D 28 29.35 20.58 8.95
N ALA D 29 28.78 20.35 10.12
CA ALA D 29 29.48 19.70 11.19
C ALA D 29 29.54 18.21 10.92
N GLN D 30 30.54 17.58 11.51
CA GLN D 30 30.64 16.14 11.35
C GLN D 30 31.18 15.46 12.62
N PRO D 31 30.56 15.71 13.76
CA PRO D 31 30.94 15.00 14.99
C PRO D 31 30.70 13.48 14.97
N GLU D 32 31.30 12.77 15.91
CA GLU D 32 31.02 11.34 16.08
C GLU D 32 29.60 11.22 16.54
N TYR D 33 29.16 12.17 17.35
CA TYR D 33 27.74 12.26 17.67
C TYR D 33 27.30 13.60 18.15
N PHE D 34 25.97 13.81 18.09
CA PHE D 34 25.32 14.94 18.73
C PHE D 34 24.67 14.41 20.01
N ARG D 35 24.77 15.18 21.07
CA ARG D 35 24.09 14.86 22.30
C ARG D 35 23.08 16.00 22.60
N LEU D 36 21.82 15.66 22.82
CA LEU D 36 20.73 16.60 23.15
C LEU D 36 20.29 16.38 24.58
N PRO D 37 20.72 17.26 25.49
CA PRO D 37 20.33 17.01 26.86
C PRO D 37 19.08 17.85 27.26
N TYR D 38 18.49 17.45 28.38
CA TYR D 38 17.24 18.01 28.88
C TYR D 38 17.40 18.72 30.21
N SER D 39 18.50 18.49 30.93
CA SER D 39 18.72 19.20 32.18
C SER D 39 20.19 19.50 32.37
N THR D 40 20.48 20.39 33.30
CA THR D 40 21.88 20.66 33.68
C THR D 40 22.71 19.41 34.05
N ALA D 41 22.11 18.45 34.78
CA ALA D 41 22.80 17.21 35.13
C ALA D 41 23.17 16.38 33.89
N GLN D 42 22.36 16.43 32.86
CA GLN D 42 22.70 15.71 31.65
C GLN D 42 23.78 16.42 30.84
N VAL D 43 23.83 17.75 30.94
CA VAL D 43 24.95 18.47 30.34
C VAL D 43 26.24 18.12 31.09
N VAL D 44 26.17 18.00 32.42
CA VAL D 44 27.34 17.54 33.20
C VAL D 44 27.84 16.16 32.73
N GLU D 45 26.93 15.20 32.56
CA GLU D 45 27.32 13.89 32.03
C GLU D 45 27.91 13.96 30.64
N ALA D 46 27.26 14.68 29.73
CA ALA D 46 27.79 14.83 28.35
C ALA D 46 29.18 15.36 28.34
N VAL D 47 29.39 16.50 28.99
CA VAL D 47 30.74 17.06 29.09
C VAL D 47 31.73 16.06 29.74
N SER D 48 31.32 15.43 30.85
CA SER D 48 32.18 14.49 31.57
C SER D 48 32.63 13.30 30.71
N GLU D 49 31.71 12.74 29.91
CA GLU D 49 32.07 11.67 28.97
C GLU D 49 33.00 12.11 27.84
N ALA D 50 32.89 13.34 27.37
CA ALA D 50 33.74 13.83 26.26
C ALA D 50 35.16 14.05 26.75
N VAL D 51 35.26 14.77 27.85
CA VAL D 51 36.55 15.05 28.48
C VAL D 51 37.34 13.78 28.84
N ALA D 52 36.66 12.82 29.45
CA ALA D 52 37.30 11.58 29.88
C ALA D 52 37.70 10.67 28.73
N ALA D 53 37.10 10.87 27.56
CA ALA D 53 37.51 10.19 26.36
C ALA D 53 38.44 11.06 25.50
N GLY D 54 38.90 12.21 25.98
CA GLY D 54 39.76 13.06 25.18
C GLY D 54 39.17 13.48 23.84
N LYS D 55 37.85 13.63 23.79
CA LYS D 55 37.15 14.09 22.60
C LYS D 55 36.97 15.60 22.61
N ARG D 56 37.15 16.23 21.44
CA ARG D 56 36.99 17.67 21.26
C ARG D 56 35.51 18.03 21.29
N LEU D 57 35.11 19.02 22.07
CA LEU D 57 33.68 19.23 22.30
C LEU D 57 33.24 20.65 22.06
N THR D 58 32.12 20.85 21.37
CA THR D 58 31.57 22.22 21.23
C THR D 58 30.08 22.24 21.54
N VAL D 59 29.58 23.42 21.86
CA VAL D 59 28.17 23.64 22.20
C VAL D 59 27.44 24.43 21.13
N ARG D 60 26.25 24.00 20.82
CA ARG D 60 25.35 24.73 19.99
C ARG D 60 24.04 25.10 20.74
N SER D 61 23.63 26.35 20.62
CA SER D 61 22.32 26.78 21.14
C SER D 61 21.37 27.06 19.99
N GLY D 62 21.51 28.21 19.35
CA GLY D 62 20.68 28.56 18.21
C GLY D 62 21.26 28.31 16.83
N GLY D 63 22.56 27.94 16.72
CA GLY D 63 23.21 27.72 15.43
C GLY D 63 23.46 28.91 14.52
N HIS D 64 23.58 30.09 15.11
CA HIS D 64 23.69 31.31 14.32
C HIS D 64 25.11 31.85 14.11
N CYS D 65 26.10 31.20 14.74
CA CYS D 65 27.48 31.58 14.58
C CYS D 65 27.80 31.92 13.11
N GLY D 66 28.45 33.04 12.85
CA GLY D 66 28.89 33.37 11.47
C GLY D 66 30.09 32.53 10.99
N GLU D 67 30.86 31.97 11.91
CA GLU D 67 32.06 31.15 11.58
C GLU D 67 31.88 29.71 11.95
N ALA D 68 32.88 28.90 11.70
CA ALA D 68 32.74 27.48 12.01
C ALA D 68 33.18 27.15 13.45
N PHE D 69 32.82 27.95 14.43
CA PHE D 69 33.31 27.66 15.81
C PHE D 69 32.72 26.37 16.41
N VAL D 70 31.46 26.09 16.07
CA VAL D 70 30.81 24.86 16.54
C VAL D 70 31.06 23.70 15.56
N ALA D 71 31.04 24.03 14.26
CA ALA D 71 30.82 23.07 13.20
C ALA D 71 32.09 22.61 12.52
N SER D 72 33.20 22.87 13.17
CA SER D 72 34.53 22.66 12.65
C SER D 72 34.90 21.18 12.56
N PRO D 73 35.58 20.77 11.45
CA PRO D 73 35.87 19.31 11.25
C PRO D 73 36.65 18.59 12.37
N ASP D 74 37.37 19.33 13.18
CA ASP D 74 38.13 18.80 14.33
C ASP D 74 37.23 18.43 15.53
N VAL D 75 35.95 18.79 15.46
CA VAL D 75 35.04 18.54 16.56
C VAL D 75 34.40 17.16 16.52
N ASP D 76 34.52 16.45 17.65
CA ASP D 76 34.04 15.09 17.84
C ASP D 76 32.68 14.97 18.46
N VAL D 77 32.36 15.91 19.37
CA VAL D 77 31.08 15.92 20.02
C VAL D 77 30.49 17.32 20.06
N ILE D 78 29.23 17.41 19.68
CA ILE D 78 28.47 18.63 19.77
C ILE D 78 27.29 18.42 20.69
N VAL D 79 27.23 19.24 21.74
CA VAL D 79 26.10 19.27 22.63
C VAL D 79 25.16 20.35 22.11
N ASP D 80 24.00 19.93 21.64
CA ASP D 80 22.99 20.83 21.14
C ASP D 80 21.96 21.03 22.24
N LEU D 81 21.76 22.30 22.61
CA LEU D 81 20.88 22.67 23.71
C LEU D 81 19.52 23.11 23.31
N SER D 82 19.13 22.84 22.07
CA SER D 82 17.85 23.33 21.57
C SER D 82 16.61 22.74 22.29
N SER D 83 16.69 21.58 22.94
CA SER D 83 15.60 21.12 23.82
C SER D 83 15.61 21.75 25.23
N MET D 84 16.59 22.58 25.56
CA MET D 84 16.51 23.33 26.78
C MET D 84 16.14 24.76 26.41
N SER D 85 14.85 25.04 26.37
CA SER D 85 14.40 26.36 25.93
C SER D 85 13.33 26.97 26.79
N HIS D 86 13.23 26.50 28.03
CA HIS D 86 12.33 27.07 29.02
C HIS D 86 12.64 28.56 29.20
N VAL D 87 11.58 29.37 29.27
CA VAL D 87 11.62 30.76 29.72
C VAL D 87 10.53 30.97 30.78
N GLY D 88 10.89 31.38 32.00
CA GLY D 88 9.91 31.57 33.08
C GLY D 88 10.43 32.50 34.16
N TYR D 89 9.54 33.08 34.97
CA TYR D 89 9.98 33.82 36.12
C TYR D 89 10.40 32.84 37.23
N ASP D 90 11.58 33.05 37.78
CA ASP D 90 12.09 32.29 38.90
C ASP D 90 11.85 33.16 40.11
N GLU D 91 10.90 32.75 40.92
CA GLU D 91 10.43 33.57 42.03
C GLU D 91 11.44 33.56 43.19
N GLU D 92 12.25 32.50 43.30
CA GLU D 92 13.35 32.44 44.26
C GLU D 92 14.45 33.49 44.02
N ARG D 93 14.70 33.88 42.77
CA ARG D 93 15.75 34.87 42.54
C ARG D 93 15.16 36.20 42.12
N GLY D 94 13.85 36.25 41.99
CA GLY D 94 13.25 37.47 41.48
C GLY D 94 13.83 37.81 40.11
N ALA D 95 14.08 36.80 39.28
CA ALA D 95 14.50 37.05 37.87
C ALA D 95 13.92 36.04 36.90
N PHE D 96 13.91 36.43 35.63
CA PHE D 96 13.50 35.55 34.58
C PHE D 96 14.63 34.59 34.23
N GLU D 97 14.30 33.32 34.12
CA GLU D 97 15.21 32.23 33.91
C GLU D 97 15.05 31.90 32.43
N VAL D 98 16.16 31.93 31.71
CA VAL D 98 16.19 31.67 30.29
C VAL D 98 17.18 30.54 30.02
N GLU D 99 16.68 29.37 29.64
CA GLU D 99 17.56 28.27 29.25
C GLU D 99 18.24 28.63 27.96
N ALA D 100 19.47 28.10 27.77
CA ALA D 100 20.37 28.61 26.77
C ALA D 100 19.85 28.27 25.39
N GLY D 101 19.04 27.23 25.32
CA GLY D 101 18.41 26.89 24.06
C GLY D 101 17.21 27.72 23.67
N ALA D 102 16.73 28.64 24.52
CA ALA D 102 15.64 29.49 24.09
C ALA D 102 16.09 30.44 22.95
N THR D 103 15.19 30.72 22.01
CA THR D 103 15.49 31.67 20.93
C THR D 103 14.89 33.03 21.23
N VAL D 104 15.50 34.11 20.74
CA VAL D 104 15.04 35.44 21.15
C VAL D 104 13.61 35.74 20.76
N GLY D 105 13.16 35.34 19.59
CA GLY D 105 11.77 35.59 19.22
C GLY D 105 10.77 35.02 20.23
N GLN D 106 10.98 33.74 20.58
CA GLN D 106 10.27 33.07 21.67
C GLN D 106 10.40 33.81 23.01
N ILE D 107 11.59 34.30 23.35
CA ILE D 107 11.72 35.03 24.60
C ILE D 107 10.81 36.28 24.62
N TYR D 108 10.84 37.07 23.54
CA TYR D 108 10.10 38.31 23.53
C TYR D 108 8.61 38.12 23.66
N ARG D 109 8.08 37.08 23.03
CA ARG D 109 6.67 36.83 23.12
C ARG D 109 6.28 36.41 24.53
N VAL D 110 7.03 35.48 25.08
CA VAL D 110 6.70 34.96 26.39
C VAL D 110 6.82 36.04 27.44
N LEU D 111 7.86 36.86 27.36
CA LEU D 111 8.01 37.91 28.33
C LEU D 111 6.96 38.96 28.25
N TYR D 112 6.62 39.40 27.03
CA TYR D 112 5.82 40.58 26.88
C TYR D 112 4.31 40.32 27.11
N LYS D 113 3.80 39.24 26.55
CA LYS D 113 2.40 38.90 26.71
C LYS D 113 2.06 38.47 28.14
N ASN D 114 2.91 37.70 28.76
CA ASN D 114 2.61 37.25 30.10
C ASN D 114 2.87 38.27 31.18
N TYR D 115 3.94 39.05 31.04
CA TYR D 115 4.33 39.95 32.10
C TYR D 115 4.41 41.39 31.69
N GLY D 116 4.34 41.67 30.39
CA GLY D 116 4.40 43.04 29.90
C GLY D 116 5.77 43.67 29.83
N VAL D 117 6.84 42.87 29.81
CA VAL D 117 8.18 43.41 29.91
C VAL D 117 8.97 42.95 28.73
N THR D 118 10.20 43.45 28.63
CA THR D 118 11.15 43.03 27.63
C THR D 118 12.59 43.23 28.09
N PHE D 119 13.52 42.82 27.25
CA PHE D 119 14.93 43.19 27.42
C PHE D 119 15.52 43.39 26.01
N PRO D 120 16.56 44.21 25.92
CA PRO D 120 17.02 44.69 24.64
C PRO D 120 17.96 43.72 23.90
N GLY D 121 17.46 42.61 23.41
CA GLY D 121 18.25 41.75 22.55
C GLY D 121 17.97 42.06 21.09
N GLY D 122 18.33 41.12 20.23
CA GLY D 122 18.44 41.39 18.77
C GLY D 122 17.14 41.21 18.00
N PHE D 123 17.19 41.41 16.70
CA PHE D 123 15.99 41.31 15.88
C PHE D 123 15.93 40.05 15.00
N CYS D 124 16.94 39.20 15.06
CA CYS D 124 16.78 37.92 14.39
C CYS D 124 16.11 36.87 15.33
N MET D 125 15.10 36.16 14.80
CA MET D 125 14.15 35.37 15.60
C MET D 125 14.72 34.03 16.02
N GLY D 126 15.55 33.46 15.15
CA GLY D 126 16.13 32.16 15.37
C GLY D 126 17.33 32.15 16.30
N VAL D 127 17.83 33.33 16.71
CA VAL D 127 19.09 33.44 17.45
C VAL D 127 18.90 32.77 18.83
N GLY D 128 19.91 32.05 19.30
CA GLY D 128 19.84 31.33 20.59
C GLY D 128 20.40 32.16 21.72
N ALA D 129 19.87 31.96 22.92
CA ALA D 129 20.28 32.74 24.09
C ALA D 129 21.75 32.46 24.42
N GLY D 130 22.15 31.21 24.19
CA GLY D 130 23.54 30.74 24.41
C GLY D 130 24.64 31.66 23.96
N GLY D 131 24.64 31.96 22.66
CA GLY D 131 25.71 32.76 22.05
C GLY D 131 25.42 34.23 22.09
N HIS D 132 24.14 34.58 22.00
CA HIS D 132 23.69 35.96 21.86
C HIS D 132 24.00 36.75 23.12
N ILE D 133 23.60 36.19 24.26
CA ILE D 133 23.78 36.95 25.48
C ILE D 133 25.22 37.08 25.94
N SER D 134 25.94 35.99 25.98
CA SER D 134 27.32 35.98 26.42
C SER D 134 28.22 36.87 25.53
N GLY D 135 27.82 37.09 24.28
CA GLY D 135 28.58 37.98 23.41
C GLY D 135 28.19 39.41 23.45
N GLY D 136 27.18 39.73 24.27
CA GLY D 136 26.79 41.11 24.52
C GLY D 136 25.78 41.60 23.53
N GLY D 137 24.69 40.86 23.41
CA GLY D 137 23.69 41.10 22.39
C GLY D 137 22.92 42.37 22.59
N TYR D 138 22.49 42.94 21.45
CA TYR D 138 21.94 44.25 21.41
C TYR D 138 20.88 44.22 20.34
N GLY D 139 19.97 45.17 20.34
CA GLY D 139 18.99 45.34 19.27
C GLY D 139 18.39 46.73 19.31
N PRO D 140 17.26 46.92 18.62
CA PRO D 140 16.57 48.23 18.48
C PRO D 140 16.25 49.03 19.76
N LEU D 141 16.04 48.34 20.88
CA LEU D 141 15.80 49.00 22.12
C LEU D 141 17.04 49.40 22.94
N SER D 142 18.21 48.98 22.48
CA SER D 142 19.44 49.16 23.22
C SER D 142 19.73 50.64 23.53
N ARG D 143 19.47 51.53 22.59
CA ARG D 143 19.54 52.97 22.89
C ARG D 143 18.75 53.42 24.12
N LEU D 144 17.58 52.86 24.36
CA LEU D 144 16.82 53.20 25.53
C LEU D 144 17.15 52.34 26.76
N LEU D 145 17.54 51.11 26.54
CA LEU D 145 17.58 50.14 27.61
C LEU D 145 18.94 49.52 27.83
N GLY D 146 19.85 49.66 26.87
CA GLY D 146 21.17 49.06 27.01
C GLY D 146 21.37 47.68 26.34
N LEU D 147 22.34 46.93 26.82
CA LEU D 147 22.67 45.64 26.24
C LEU D 147 22.01 44.58 27.09
N THR D 148 21.81 43.42 26.49
CA THR D 148 21.25 42.27 27.18
C THR D 148 22.03 41.98 28.43
N VAL D 149 23.35 42.08 28.35
CA VAL D 149 24.22 41.78 29.50
C VAL D 149 24.04 42.73 30.67
N ASP D 150 23.52 43.91 30.41
CA ASP D 150 23.20 44.80 31.52
C ASP D 150 22.10 44.25 32.40
N TYR D 151 21.40 43.20 31.94
CA TYR D 151 20.28 42.61 32.68
C TYR D 151 20.64 41.26 33.25
N LEU D 152 21.92 40.93 33.20
CA LEU D 152 22.34 39.62 33.57
C LEU D 152 22.60 39.48 35.09
N HIS D 153 21.68 38.82 35.75
CA HIS D 153 21.68 38.77 37.18
C HIS D 153 22.52 37.61 37.64
N ALA D 154 22.37 36.47 36.96
CA ALA D 154 23.19 35.35 37.26
C ALA D 154 23.24 34.45 36.06
N VAL D 155 24.24 33.57 36.07
CA VAL D 155 24.41 32.60 35.02
C VAL D 155 24.82 31.28 35.63
N GLU D 156 24.31 30.20 35.05
CA GLU D 156 24.67 28.87 35.44
C GLU D 156 25.56 28.28 34.36
N VAL D 157 26.70 27.77 34.80
CA VAL D 157 27.69 27.26 33.90
C VAL D 157 28.24 25.91 34.33
N VAL D 158 28.34 25.01 33.37
CA VAL D 158 29.08 23.77 33.56
C VAL D 158 30.56 23.93 33.19
N VAL D 159 31.43 23.67 34.15
CA VAL D 159 32.85 23.90 34.02
C VAL D 159 33.67 22.66 34.31
N VAL D 160 34.93 22.69 33.89
CA VAL D 160 35.79 21.52 33.94
C VAL D 160 37.02 21.94 34.70
N ASP D 161 37.33 21.29 35.84
CA ASP D 161 38.54 21.70 36.58
C ASP D 161 39.83 21.10 35.99
N ALA D 162 40.97 21.53 36.53
CA ALA D 162 42.31 21.07 36.08
C ALA D 162 42.48 19.54 35.99
N GLU D 163 41.74 18.77 36.81
CA GLU D 163 41.87 17.32 36.88
C GLU D 163 40.90 16.59 35.97
N GLY D 164 40.08 17.31 35.22
CA GLY D 164 39.04 16.69 34.41
C GLY D 164 37.71 16.51 35.13
N VAL D 165 37.56 17.09 36.32
CA VAL D 165 36.28 17.05 37.04
C VAL D 165 35.26 18.13 36.61
N VAL D 166 34.07 17.67 36.24
CA VAL D 166 33.02 18.52 35.76
C VAL D 166 32.06 18.89 36.90
N SER D 167 31.74 20.17 37.03
CA SER D 167 30.72 20.61 37.96
C SER D 167 29.98 21.84 37.43
N THR D 168 28.97 22.24 38.20
CA THR D 168 28.07 23.35 37.91
C THR D 168 28.32 24.46 38.87
N VAL D 169 28.33 25.68 38.37
CA VAL D 169 28.41 26.83 39.24
C VAL D 169 27.34 27.83 38.84
N VAL D 170 26.76 28.50 39.84
CA VAL D 170 25.98 29.70 39.62
C VAL D 170 26.83 30.88 39.98
N ALA D 171 27.04 31.77 39.01
CA ALA D 171 27.84 32.95 39.23
C ALA D 171 26.90 34.14 39.09
N THR D 172 26.92 35.03 40.07
CA THR D 172 26.00 36.16 40.13
C THR D 172 26.79 37.45 40.08
N ARG D 173 26.06 38.55 39.88
CA ARG D 173 26.62 39.89 39.76
C ARG D 173 26.83 40.57 41.14
N GLU D 174 26.43 39.91 42.23
CA GLU D 174 26.55 40.49 43.56
C GLU D 174 28.02 40.67 43.87
N GLU D 175 28.32 41.76 44.57
CA GLU D 175 29.69 42.18 44.73
C GLU D 175 30.53 41.30 45.65
N ASP D 176 29.91 40.46 46.47
CA ASP D 176 30.67 39.49 47.29
C ASP D 176 30.47 38.07 46.82
N ASP D 177 30.03 37.90 45.56
CA ASP D 177 29.96 36.56 44.97
C ASP D 177 31.39 36.10 44.73
N PRO D 178 31.83 35.01 45.39
CA PRO D 178 33.22 34.60 45.13
C PRO D 178 33.49 34.32 43.63
N ASN D 179 32.44 34.01 42.86
CA ASN D 179 32.58 33.72 41.42
C ASN D 179 32.12 34.84 40.47
N ARG D 180 32.18 36.06 40.98
CA ARG D 180 31.75 37.23 40.23
C ARG D 180 32.53 37.34 38.92
N ASP D 181 33.78 36.94 38.96
CA ASP D 181 34.64 36.96 37.79
C ASP D 181 34.07 36.11 36.66
N LEU D 182 33.57 34.94 37.01
CA LEU D 182 32.90 34.11 36.03
C LEU D 182 31.66 34.82 35.47
N TRP D 183 30.91 35.50 36.35
CA TRP D 183 29.76 36.27 35.92
C TRP D 183 30.23 37.30 34.91
N TRP D 184 31.27 38.03 35.27
CA TRP D 184 31.76 39.14 34.47
C TRP D 184 32.13 38.69 33.05
N ALA D 185 32.69 37.48 32.95
CA ALA D 185 33.15 36.91 31.69
C ALA D 185 32.00 36.67 30.70
N HIS D 186 30.86 36.31 31.22
CA HIS D 186 29.68 36.17 30.40
C HIS D 186 28.95 37.49 30.11
N THR D 187 29.52 38.65 30.46
CA THR D 187 28.93 39.92 30.10
C THR D 187 29.54 40.50 28.83
N GLY D 188 29.82 39.63 27.86
CA GLY D 188 30.40 40.05 26.58
C GLY D 188 31.61 39.26 26.11
N GLY D 189 32.05 38.33 26.94
CA GLY D 189 33.21 37.47 26.60
C GLY D 189 33.05 36.52 25.42
N GLY D 190 31.82 36.14 25.12
CA GLY D 190 31.51 35.39 23.93
C GLY D 190 31.26 33.96 24.25
N GLY D 191 30.53 33.31 23.36
CA GLY D 191 30.23 31.90 23.59
C GLY D 191 31.46 31.07 23.26
N GLY D 192 31.47 29.88 23.83
CA GLY D 192 32.45 28.87 23.48
C GLY D 192 33.74 28.92 24.30
N ASN D 193 33.73 29.68 25.37
CA ASN D 193 34.99 30.01 26.06
C ASN D 193 35.20 29.42 27.47
N PHE D 194 34.23 29.56 28.34
CA PHE D 194 34.42 29.20 29.75
C PHE D 194 33.73 27.93 30.23
N GLY D 195 32.77 27.46 29.48
CA GLY D 195 31.91 26.41 29.99
C GLY D 195 30.65 26.35 29.16
N VAL D 196 29.82 25.38 29.47
CA VAL D 196 28.51 25.33 28.89
C VAL D 196 27.53 26.14 29.72
N ILE D 197 27.00 27.23 29.14
CA ILE D 197 25.95 27.99 29.83
C ILE D 197 24.67 27.20 29.70
N THR D 198 24.02 26.88 30.82
CA THR D 198 22.76 26.15 30.79
C THR D 198 21.57 27.10 30.91
N ARG D 199 21.73 28.16 31.70
CA ARG D 199 20.69 29.16 31.88
C ARG D 199 21.23 30.48 32.36
N TYR D 200 20.50 31.50 31.95
CA TYR D 200 20.70 32.85 32.40
C TYR D 200 19.47 33.28 33.23
N TRP D 201 19.68 34.23 34.12
CA TRP D 201 18.64 34.86 34.86
C TRP D 201 18.76 36.33 34.58
N LEU D 202 17.65 36.95 34.20
CA LEU D 202 17.62 38.37 33.83
C LEU D 202 16.81 39.23 34.81
N ARG D 203 17.35 40.39 35.19
CA ARG D 203 16.65 41.31 36.07
C ARG D 203 17.31 42.66 35.94
N SER D 204 16.49 43.71 35.92
CA SER D 204 17.02 45.07 35.93
C SER D 204 17.89 45.24 37.19
N PRO D 205 19.07 45.86 37.05
CA PRO D 205 19.93 46.11 38.22
C PRO D 205 19.26 46.99 39.29
N ASP D 206 18.29 47.81 38.87
CA ASP D 206 17.52 48.63 39.79
C ASP D 206 16.07 48.17 39.93
N ALA D 207 15.80 46.88 39.79
CA ALA D 207 14.43 46.43 39.96
C ALA D 207 14.06 46.55 41.42
N VAL D 208 12.79 46.87 41.68
CA VAL D 208 12.26 46.94 43.03
C VAL D 208 11.15 45.93 43.18
N GLY D 209 11.11 45.34 44.37
CA GLY D 209 10.09 44.37 44.71
C GLY D 209 10.44 43.02 44.16
N ASP D 210 9.45 42.14 44.09
CA ASP D 210 9.64 40.83 43.49
C ASP D 210 8.54 40.51 42.44
N ALA D 211 7.86 41.55 41.97
CA ALA D 211 6.81 41.32 40.97
C ALA D 211 7.47 41.26 39.59
N PRO D 212 7.18 40.19 38.83
CA PRO D 212 7.70 39.98 37.49
C PRO D 212 7.52 41.17 36.59
N GLU D 213 6.42 41.88 36.80
CA GLU D 213 6.08 43.00 35.93
C GLU D 213 7.02 44.15 36.20
N GLU D 214 7.69 44.12 37.35
CA GLU D 214 8.73 45.14 37.64
C GLU D 214 10.18 44.62 37.56
N ALA D 215 10.41 43.32 37.32
CA ALA D 215 11.80 42.80 37.26
C ALA D 215 12.63 43.15 36.01
N LEU D 216 11.97 43.55 34.92
CA LEU D 216 12.58 43.97 33.66
C LEU D 216 11.78 45.16 33.15
N PRO D 217 12.35 45.95 32.25
CA PRO D 217 11.66 47.16 31.84
C PRO D 217 10.45 46.92 30.99
N ARG D 218 9.53 47.89 31.00
CA ARG D 218 8.38 47.92 30.11
C ARG D 218 8.73 48.70 28.85
N PRO D 219 8.58 48.09 27.68
CA PRO D 219 8.86 48.91 26.50
C PRO D 219 7.78 49.97 26.31
N PRO D 220 8.11 51.03 25.57
CA PRO D 220 7.05 51.93 25.10
C PRO D 220 5.92 51.12 24.45
N ALA D 221 4.72 51.61 24.61
CA ALA D 221 3.55 50.86 24.19
C ALA D 221 3.46 50.83 22.67
N SER D 222 3.81 51.93 21.99
CA SER D 222 3.66 51.98 20.55
C SER D 222 4.63 52.94 19.93
N PHE D 223 4.87 52.76 18.65
CA PHE D 223 5.95 53.44 17.94
C PHE D 223 5.37 54.04 16.70
N HIS D 224 5.90 55.19 16.28
CA HIS D 224 5.73 55.68 14.91
C HIS D 224 6.88 55.04 14.13
N VAL D 225 6.57 54.44 13.00
CA VAL D 225 7.49 53.65 12.23
C VAL D 225 7.57 54.23 10.81
N ALA D 226 8.76 54.33 10.25
CA ALA D 226 8.92 54.83 8.88
C ALA D 226 9.76 53.86 8.08
N ARG D 227 9.32 53.50 6.89
CA ARG D 227 10.10 52.64 6.00
C ARG D 227 10.32 53.45 4.74
N VAL D 228 11.59 53.56 4.35
CA VAL D 228 12.05 54.45 3.33
C VAL D 228 12.84 53.62 2.37
N SER D 229 12.68 53.90 1.07
CA SER D 229 13.52 53.31 0.07
C SER D 229 13.95 54.34 -0.95
N TRP D 230 15.18 54.22 -1.44
CA TRP D 230 15.68 55.05 -2.53
C TRP D 230 16.09 54.16 -3.67
N SER D 231 15.56 54.46 -4.86
CA SER D 231 15.85 53.65 -6.03
C SER D 231 17.32 53.84 -6.36
N TRP D 232 17.98 52.75 -6.79
CA TRP D 232 19.34 52.78 -7.33
C TRP D 232 19.44 53.30 -8.78
N ALA D 233 18.41 53.06 -9.59
CA ALA D 233 18.35 53.45 -11.01
C ALA D 233 19.02 54.77 -11.39
N GLU D 234 18.88 55.81 -10.58
CA GLU D 234 19.51 57.09 -10.83
C GLU D 234 20.32 57.59 -9.64
N LEU D 235 20.84 56.66 -8.83
CA LEU D 235 21.63 57.02 -7.66
C LEU D 235 23.09 57.28 -8.06
N THR D 236 23.51 58.53 -7.98
CA THR D 236 24.86 58.86 -8.35
C THR D 236 25.81 58.70 -7.14
N GLU D 237 27.10 58.68 -7.41
CA GLU D 237 28.08 58.72 -6.35
C GLU D 237 27.78 59.89 -5.40
N ALA D 238 27.50 61.07 -5.94
CA ALA D 238 27.32 62.26 -5.11
C ALA D 238 26.16 62.10 -4.13
N ASP D 239 25.10 61.41 -4.58
CA ASP D 239 23.87 61.19 -3.78
C ASP D 239 24.12 60.28 -2.60
N TYR D 240 24.78 59.19 -2.90
CA TYR D 240 25.06 58.20 -1.92
C TYR D 240 25.85 58.83 -0.81
N VAL D 241 26.91 59.55 -1.19
CA VAL D 241 27.81 60.13 -0.21
C VAL D 241 27.04 61.12 0.60
N ARG D 242 26.15 61.87 -0.04
CA ARG D 242 25.40 62.87 0.71
C ARG D 242 24.39 62.22 1.66
N LEU D 243 23.72 61.19 1.17
CA LEU D 243 22.75 60.49 1.98
C LEU D 243 23.38 59.82 3.20
N VAL D 244 24.48 59.09 3.04
CA VAL D 244 25.11 58.40 4.19
C VAL D 244 25.72 59.40 5.13
N SER D 245 26.28 60.48 4.59
CA SER D 245 26.86 61.54 5.44
C SER D 245 25.81 62.21 6.27
N ASN D 246 24.64 62.41 5.68
CA ASN D 246 23.56 63.07 6.41
C ASN D 246 23.19 62.13 7.53
N PHE D 247 23.11 60.84 7.24
CA PHE D 247 22.68 59.86 8.21
C PHE D 247 23.63 59.89 9.37
N LEU D 248 24.93 59.85 9.06
CA LEU D 248 25.97 59.78 10.08
C LEU D 248 26.04 61.04 10.94
N ASP D 249 26.00 62.19 10.28
CA ASP D 249 26.00 63.42 11.08
C ASP D 249 24.82 63.41 11.98
N TRP D 250 23.63 63.02 11.48
CA TRP D 250 22.46 63.04 12.36
C TRP D 250 22.69 62.15 13.58
N GLN D 251 23.20 60.94 13.35
CA GLN D 251 23.33 59.95 14.43
C GLN D 251 24.39 60.39 15.41
N LEU D 252 25.43 61.01 14.89
CA LEU D 252 26.55 61.39 15.77
C LEU D 252 26.18 62.54 16.68
N ARG D 253 25.25 63.38 16.26
CA ARG D 253 24.64 64.39 17.16
C ARG D 253 23.62 63.88 18.16
N ASN D 254 23.16 62.64 18.03
CA ASN D 254 21.97 62.16 18.70
C ASN D 254 22.15 60.79 19.29
N CYS D 255 23.35 60.46 19.72
CA CYS D 255 23.66 59.09 20.11
C CYS D 255 23.93 58.95 21.59
N THR D 256 23.56 59.94 22.39
CA THR D 256 23.88 59.93 23.82
C THR D 256 22.58 59.99 24.59
N VAL D 257 22.55 59.49 25.83
CA VAL D 257 21.32 59.43 26.63
C VAL D 257 20.67 60.81 26.88
N ASP D 258 21.46 61.87 26.86
CA ASP D 258 20.92 63.18 27.03
C ASP D 258 20.25 63.75 25.74
N SER D 259 20.34 63.08 24.60
CA SER D 259 19.68 63.59 23.39
C SER D 259 18.17 63.48 23.49
N PRO D 260 17.44 64.53 23.07
CA PRO D 260 16.01 64.40 23.12
C PRO D 260 15.50 63.54 21.93
N ASN D 261 16.38 63.15 20.99
CA ASN D 261 16.06 62.20 19.93
C ASN D 261 16.60 60.79 20.17
N ILE D 262 17.09 60.52 21.39
CA ILE D 262 17.67 59.22 21.68
C ILE D 262 16.70 58.07 21.41
N GLY D 263 15.42 58.33 21.56
CA GLY D 263 14.38 57.34 21.27
C GLY D 263 14.14 57.01 19.81
N LEU D 264 14.65 57.82 18.90
CA LEU D 264 14.58 57.48 17.51
C LEU D 264 15.71 56.50 17.16
N TYR D 265 15.35 55.27 16.80
CA TYR D 265 16.25 54.27 16.29
C TYR D 265 16.11 54.17 14.77
N ALA D 266 17.23 54.03 14.08
CA ALA D 266 17.18 53.85 12.62
C ALA D 266 18.28 52.95 12.14
N LEU D 267 17.98 52.23 11.07
CA LEU D 267 18.90 51.31 10.46
C LEU D 267 18.89 51.69 9.00
N LEU D 268 20.05 51.92 8.40
CA LEU D 268 20.13 52.24 6.98
C LEU D 268 20.82 51.08 6.30
N GLU D 269 20.13 50.36 5.39
CA GLU D 269 20.73 49.23 4.64
C GLU D 269 21.15 49.68 3.23
N CYS D 270 22.44 49.65 3.00
CA CYS D 270 23.02 49.98 1.70
C CYS D 270 23.24 48.70 0.90
N PHE D 271 22.23 48.28 0.16
CA PHE D 271 22.37 47.06 -0.63
C PHE D 271 23.19 47.37 -1.86
N HIS D 272 23.80 46.32 -2.40
CA HIS D 272 24.45 46.40 -3.67
C HIS D 272 23.40 46.68 -4.74
N ARG D 273 23.85 47.35 -5.79
CA ARG D 273 22.96 47.89 -6.81
C ARG D 273 21.95 46.85 -7.29
N SER D 274 22.39 45.62 -7.43
CA SER D 274 21.54 44.53 -7.88
C SER D 274 20.27 44.34 -7.02
N ALA D 275 20.24 44.85 -5.79
CA ALA D 275 19.00 44.79 -5.00
C ALA D 275 17.94 45.78 -5.50
N GLY D 276 18.35 46.80 -6.25
CA GLY D 276 17.40 47.76 -6.79
C GLY D 276 17.24 48.98 -5.90
N HIS D 277 17.60 48.91 -4.63
CA HIS D 277 17.37 50.03 -3.74
C HIS D 277 18.26 50.07 -2.50
N LEU D 278 18.29 51.24 -1.88
CA LEU D 278 18.74 51.41 -0.50
C LEU D 278 17.48 51.49 0.36
N ALA D 279 17.60 51.01 1.59
CA ALA D 279 16.46 50.97 2.52
C ALA D 279 16.83 51.51 3.88
N MET D 280 15.83 52.04 4.56
CA MET D 280 15.98 52.42 5.94
C MET D 280 14.68 52.15 6.64
N HIS D 281 14.79 51.69 7.88
CA HIS D 281 13.66 51.70 8.79
CA HIS D 281 13.68 51.62 8.84
C HIS D 281 14.04 52.56 9.99
N ALA D 282 13.06 53.26 10.52
CA ALA D 282 13.22 54.14 11.66
C ALA D 282 12.02 54.01 12.54
N GLN D 283 12.22 54.17 13.83
CA GLN D 283 11.12 54.01 14.76
C GLN D 283 11.35 54.99 15.89
N ILE D 284 10.27 55.49 16.46
CA ILE D 284 10.35 56.35 17.64
C ILE D 284 9.10 56.12 18.47
N PRO D 285 9.23 55.98 19.81
CA PRO D 285 8.05 55.78 20.60
C PRO D 285 7.12 56.96 20.51
N VAL D 286 5.85 56.68 20.70
CA VAL D 286 4.78 57.63 20.51
C VAL D 286 4.76 58.67 21.63
N ASP D 287 5.18 58.34 22.84
CA ASP D 287 5.15 59.31 23.94
C ASP D 287 6.45 60.09 24.25
N VAL D 288 7.45 59.94 23.42
CA VAL D 288 8.49 60.95 23.30
C VAL D 288 7.79 62.26 22.85
N PRO D 289 7.99 63.37 23.61
CA PRO D 289 7.26 64.62 23.31
C PRO D 289 7.60 65.10 21.92
N ASP D 290 6.59 65.47 21.13
CA ASP D 290 6.74 65.83 19.71
C ASP D 290 7.27 64.67 18.83
N ALA D 291 7.00 63.43 19.26
CA ALA D 291 7.51 62.22 18.60
C ALA D 291 7.35 62.28 17.11
N GLU D 292 6.17 62.62 16.66
CA GLU D 292 5.89 62.52 15.25
C GLU D 292 6.62 63.57 14.44
N GLU D 293 6.77 64.78 14.97
CA GLU D 293 7.52 65.81 14.20
C GLU D 293 9.04 65.59 14.23
N ARG D 294 9.55 65.00 15.32
CA ARG D 294 10.98 64.62 15.40
C ARG D 294 11.37 63.66 14.30
N MET D 295 10.51 62.70 14.01
CA MET D 295 10.69 61.80 12.86
C MET D 295 10.70 62.58 11.52
N SER D 296 9.78 63.51 11.37
CA SER D 296 9.75 64.36 10.17
C SER D 296 11.02 65.22 10.00
N TRP D 297 11.55 65.78 11.09
CA TRP D 297 12.81 66.53 11.00
C TRP D 297 13.96 65.57 10.64
N PHE D 298 14.02 64.41 11.28
CA PHE D 298 15.05 63.41 10.93
C PHE D 298 15.03 63.12 9.45
N LEU D 299 13.83 62.84 8.94
CA LEU D 299 13.65 62.49 7.54
C LEU D 299 13.99 63.64 6.60
N ALA D 300 13.68 64.88 6.96
CA ALA D 300 14.00 66.00 6.05
C ALA D 300 15.52 66.23 6.02
N GLU D 301 16.18 66.08 7.17
CA GLU D 301 17.65 66.14 7.21
C GLU D 301 18.32 65.00 6.44
N LEU D 302 17.74 63.82 6.51
CA LEU D 302 18.19 62.74 5.65
C LEU D 302 18.32 63.16 4.24
N ASN D 303 17.29 63.77 3.67
CA ASN D 303 17.29 63.96 2.22
C ASN D 303 17.82 65.28 1.77
N GLU D 304 18.29 66.08 2.71
CA GLU D 304 18.75 67.38 2.37
C GLU D 304 19.92 67.26 1.42
N GLY D 305 19.66 67.57 0.16
CA GLY D 305 20.72 67.64 -0.87
C GLY D 305 20.86 66.39 -1.71
N VAL D 306 19.90 65.50 -1.62
CA VAL D 306 19.97 64.21 -2.27
C VAL D 306 18.95 64.23 -3.41
N ALA D 307 19.43 64.02 -4.64
CA ALA D 307 18.59 64.13 -5.85
C ALA D 307 17.48 63.08 -5.91
N VAL D 308 17.80 61.83 -5.60
CA VAL D 308 16.79 60.75 -5.57
C VAL D 308 15.77 61.01 -4.45
N ALA D 309 14.49 60.98 -4.79
CA ALA D 309 13.42 61.10 -3.80
C ALA D 309 12.99 59.72 -3.35
N PRO D 310 12.84 59.52 -2.05
CA PRO D 310 12.49 58.19 -1.52
C PRO D 310 11.01 57.86 -1.63
N SER D 311 10.66 56.59 -1.90
CA SER D 311 9.37 56.06 -1.43
C SER D 311 9.38 55.99 0.10
N LEU D 312 8.27 56.41 0.73
CA LEU D 312 8.17 56.46 2.19
C LEU D 312 6.80 55.94 2.64
N THR D 313 6.78 55.16 3.72
CA THR D 313 5.52 54.87 4.41
C THR D 313 5.72 55.00 5.93
N ARG D 314 4.72 55.57 6.59
CA ARG D 314 4.72 55.83 8.00
C ARG D 314 3.50 55.20 8.59
N ARG D 315 3.61 54.72 9.82
CA ARG D 315 2.43 54.21 10.50
C ARG D 315 2.80 53.98 11.93
N ARG D 316 1.82 53.59 12.70
CA ARG D 316 1.91 53.53 14.11
C ARG D 316 1.63 52.09 14.48
N LEU D 317 2.45 51.48 15.33
CA LEU D 317 2.19 50.12 15.71
C LEU D 317 2.51 49.90 17.16
N PRO D 318 1.95 48.86 17.80
CA PRO D 318 2.43 48.41 19.13
C PRO D 318 3.88 47.92 19.10
N TRP D 319 4.53 47.93 20.26
CA TRP D 319 5.94 47.65 20.30
C TRP D 319 6.25 46.27 19.74
N LEU D 320 5.58 45.23 20.25
CA LEU D 320 5.87 43.88 19.79
C LEU D 320 5.61 43.69 18.29
N ALA D 321 4.60 44.33 17.74
CA ALA D 321 4.41 44.34 16.28
C ALA D 321 5.55 45.00 15.55
N THR D 322 6.00 46.15 16.06
CA THR D 322 7.15 46.89 15.53
C THR D 322 8.40 46.04 15.47
N SER D 323 8.64 45.30 16.55
CA SER D 323 9.83 44.47 16.66
C SER D 323 9.72 43.24 15.76
N GLN D 324 8.54 42.69 15.59
CA GLN D 324 8.37 41.57 14.64
C GLN D 324 8.34 42.06 13.19
N LEU D 325 7.83 43.25 12.91
CA LEU D 325 7.85 43.79 11.53
C LEU D 325 9.26 43.91 11.03
N LEU D 326 10.17 44.30 11.91
CA LEU D 326 11.58 44.48 11.56
C LEU D 326 12.48 43.24 11.78
N ALA D 327 11.95 42.20 12.39
CA ALA D 327 12.74 41.03 12.70
C ALA D 327 13.09 40.25 11.42
N ILE D 328 14.16 39.47 11.47
CA ILE D 328 14.50 38.61 10.37
C ILE D 328 13.93 37.24 10.68
N PRO D 329 13.18 36.70 9.72
CA PRO D 329 12.56 35.39 9.87
C PRO D 329 13.57 34.27 9.86
N ASP D 330 13.26 33.25 10.65
CA ASP D 330 14.10 32.04 10.75
C ASP D 330 13.66 30.91 9.81
N VAL D 331 12.72 31.17 8.90
CA VAL D 331 12.30 30.21 7.90
C VAL D 331 12.15 30.97 6.58
N GLY D 332 12.02 30.23 5.47
CA GLY D 332 11.84 30.83 4.16
C GLY D 332 13.15 30.79 3.40
N PRO D 333 13.12 31.23 2.13
CA PRO D 333 14.34 31.22 1.28
C PRO D 333 15.46 32.15 1.80
N GLY D 334 15.11 33.15 2.59
CA GLY D 334 16.13 33.96 3.25
C GLY D 334 16.84 33.29 4.43
N ALA D 335 16.25 32.27 5.07
CA ALA D 335 16.86 31.73 6.27
C ALA D 335 17.48 30.35 6.11
N ILE D 336 17.12 29.64 5.05
CA ILE D 336 17.37 28.22 5.05
C ILE D 336 18.21 27.84 3.85
N GLY D 337 19.27 27.06 4.11
CA GLY D 337 20.15 26.59 3.06
C GLY D 337 21.01 27.70 2.50
N VAL D 338 21.41 28.63 3.36
CA VAL D 338 22.08 29.80 2.91
C VAL D 338 23.52 29.77 3.36
N ARG D 339 24.39 30.11 2.41
CA ARG D 339 25.82 30.27 2.64
C ARG D 339 26.04 31.74 2.93
N ARG D 340 26.72 32.10 4.00
CA ARG D 340 26.94 33.52 4.25
C ARG D 340 28.31 33.87 4.70
N LYS D 341 28.66 35.15 4.56
CA LYS D 341 29.85 35.69 5.22
C LYS D 341 29.47 37.02 5.86
N VAL D 342 29.87 37.24 7.12
CA VAL D 342 29.61 38.54 7.76
C VAL D 342 30.87 39.26 8.22
N LYS D 343 30.73 40.57 8.35
CA LYS D 343 31.82 41.38 8.85
C LYS D 343 31.18 42.52 9.61
N SER D 344 31.98 43.14 10.46
CA SER D 344 31.51 44.18 11.32
C SER D 344 32.60 45.22 11.60
N ALA D 345 32.20 46.43 11.92
CA ALA D 345 33.10 47.52 12.26
C ALA D 345 32.26 48.59 12.96
N ASP D 346 32.74 49.07 14.10
CA ASP D 346 31.99 50.03 14.91
C ASP D 346 32.62 51.44 14.90
N LEU D 347 31.79 52.47 14.99
CA LEU D 347 32.24 53.86 14.92
C LEU D 347 31.94 54.81 16.09
N ARG D 348 32.89 55.72 16.34
CA ARG D 348 32.71 56.88 17.21
C ARG D 348 32.70 58.14 16.39
N GLY D 349 33.00 58.09 15.12
CA GLY D 349 33.14 59.30 14.35
C GLY D 349 32.64 58.97 12.97
N PRO D 350 32.65 59.95 12.06
CA PRO D 350 32.14 59.64 10.70
C PRO D 350 33.15 58.92 9.81
N HIS D 351 32.63 58.12 8.89
CA HIS D 351 33.33 57.82 7.65
C HIS D 351 33.61 59.12 6.87
N THR D 352 34.71 59.14 6.14
CA THR D 352 35.12 60.32 5.38
C THR D 352 34.52 60.20 4.02
N ARG D 353 34.71 61.23 3.22
CA ARG D 353 34.18 61.27 1.87
C ARG D 353 34.79 60.18 1.01
N GLU D 354 36.07 59.92 1.19
CA GLU D 354 36.80 58.88 0.44
C GLU D 354 36.37 57.45 0.79
N GLN D 355 36.12 57.19 2.07
CA GLN D 355 35.57 55.91 2.49
C GLN D 355 34.21 55.66 1.87
N LEU D 356 33.37 56.69 1.87
CA LEU D 356 32.04 56.64 1.22
C LEU D 356 32.09 56.43 -0.29
N ALA D 357 33.05 57.04 -0.99
CA ALA D 357 33.17 56.77 -2.43
C ALA D 357 33.69 55.37 -2.69
N ALA D 358 34.53 54.84 -1.81
CA ALA D 358 35.01 53.47 -2.01
C ALA D 358 33.88 52.46 -1.79
N ALA D 359 33.06 52.70 -0.78
CA ALA D 359 31.88 51.87 -0.57
C ALA D 359 30.97 51.94 -1.80
N TYR D 360 30.68 53.15 -2.25
CA TYR D 360 29.85 53.33 -3.45
C TYR D 360 30.38 52.53 -4.60
N ARG D 361 31.67 52.68 -4.85
CA ARG D 361 32.29 51.98 -5.96
C ARG D 361 32.02 50.47 -5.90
N HIS D 362 32.26 49.82 -4.76
CA HIS D 362 31.93 48.39 -4.58
C HIS D 362 30.43 48.09 -4.62
N LEU D 363 29.61 49.01 -4.13
CA LEU D 363 28.16 48.79 -4.15
C LEU D 363 27.53 49.00 -5.53
N SER D 364 28.17 49.74 -6.41
CA SER D 364 27.69 49.91 -7.79
C SER D 364 28.43 49.02 -8.80
N ARG D 365 29.30 48.15 -8.32
CA ARG D 365 30.16 47.30 -9.18
C ARG D 365 29.27 46.41 -10.05
N ALA D 366 29.12 46.74 -11.34
CA ALA D 366 28.17 46.04 -12.24
C ALA D 366 28.60 44.63 -12.64
N ASP D 367 29.90 44.34 -12.56
CA ASP D 367 30.39 42.98 -12.84
C ASP D 367 30.04 41.97 -11.72
N TYR D 368 29.14 42.37 -10.81
CA TYR D 368 28.80 41.56 -9.63
C TYR D 368 27.29 41.49 -9.52
N HIS D 369 26.79 40.35 -9.07
CA HIS D 369 25.38 40.20 -8.83
C HIS D 369 25.10 39.44 -7.54
N CYS D 370 24.36 40.08 -6.64
CA CYS D 370 23.92 39.46 -5.39
C CYS D 370 23.00 40.44 -4.66
N PRO D 371 21.69 40.29 -4.84
CA PRO D 371 20.80 41.21 -4.18
C PRO D 371 20.90 41.13 -2.64
N SER D 372 21.57 40.10 -2.11
CA SER D 372 21.75 40.00 -0.67
C SER D 372 23.00 40.70 -0.10
N ALA D 373 23.80 41.29 -0.96
CA ALA D 373 25.03 41.96 -0.56
C ALA D 373 24.67 43.33 -0.04
N ALA D 374 25.08 43.63 1.19
CA ALA D 374 24.79 44.92 1.78
C ALA D 374 25.85 45.33 2.79
N MET D 375 25.90 46.65 3.06
CA MET D 375 26.39 47.09 4.33
C MET D 375 25.33 47.92 5.03
N GLU D 376 25.28 47.81 6.34
CA GLU D 376 24.25 48.47 7.12
C GLU D 376 24.89 49.36 8.16
N TYR D 377 24.29 50.53 8.35
CA TYR D 377 24.59 51.43 9.46
C TYR D 377 23.50 51.28 10.49
N ILE D 378 23.89 50.95 11.71
CA ILE D 378 22.96 50.66 12.75
C ILE D 378 23.15 51.63 13.92
N ALA D 379 22.09 52.37 14.23
CA ALA D 379 22.09 53.30 15.32
C ALA D 379 22.28 52.57 16.65
N TYR D 380 23.03 53.21 17.52
CA TYR D 380 23.61 52.52 18.70
C TYR D 380 23.86 53.57 19.75
N GLY D 381 24.51 53.20 20.86
CA GLY D 381 24.83 54.21 21.88
C GLY D 381 23.74 54.36 22.89
N GLY D 382 23.45 55.60 23.29
CA GLY D 382 22.36 55.83 24.17
C GLY D 382 22.68 55.18 25.48
N ARG D 383 21.73 54.42 26.01
CA ARG D 383 21.86 53.79 27.30
C ARG D 383 23.02 52.77 27.33
N VAL D 384 23.39 52.25 26.17
CA VAL D 384 24.58 51.40 26.08
C VAL D 384 25.78 52.08 26.77
N ASN D 385 25.99 53.37 26.53
CA ASN D 385 27.18 54.08 27.02
C ASN D 385 27.03 54.79 28.36
N THR D 386 26.19 54.23 29.19
CA THR D 386 26.08 54.64 30.56
C THR D 386 26.67 53.55 31.43
N VAL D 387 27.36 52.61 30.81
CA VAL D 387 28.08 51.56 31.54
C VAL D 387 29.56 51.75 31.25
N ASP D 388 30.37 51.52 32.26
CA ASP D 388 31.83 51.66 32.12
C ASP D 388 32.40 50.50 31.25
N PRO D 389 33.28 50.81 30.28
CA PRO D 389 33.86 49.79 29.39
C PRO D 389 34.52 48.59 30.08
N ALA D 390 34.87 48.73 31.34
CA ALA D 390 35.42 47.65 32.13
C ALA D 390 34.43 46.98 33.06
N ALA D 391 33.24 47.55 33.27
CA ALA D 391 32.22 47.02 34.18
C ALA D 391 31.47 45.79 33.59
N THR D 392 31.44 45.69 32.27
CA THR D 392 31.16 44.40 31.65
C THR D 392 32.31 44.06 30.69
N ALA D 393 32.28 42.86 30.12
CA ALA D 393 33.34 42.43 29.19
C ALA D 393 33.14 43.01 27.78
N VAL D 394 31.99 43.59 27.51
CA VAL D 394 31.82 44.33 26.24
C VAL D 394 32.69 45.61 26.32
N PRO D 395 33.55 45.81 25.32
CA PRO D 395 34.36 47.02 25.35
C PRO D 395 33.60 48.17 24.74
N ARG D 396 32.71 48.75 25.51
CA ARG D 396 31.89 49.86 25.07
C ARG D 396 32.64 51.08 24.53
N GLY D 397 32.02 51.81 23.63
CA GLY D 397 32.63 53.03 23.05
C GLY D 397 32.00 53.48 21.74
N ALA D 398 31.54 52.53 20.95
CA ALA D 398 30.89 52.85 19.68
C ALA D 398 29.63 53.64 19.92
N SER D 399 29.39 54.59 19.02
CA SER D 399 28.14 55.31 18.93
C SER D 399 27.27 54.73 17.79
N LEU D 400 27.84 53.84 16.99
CA LEU D 400 27.20 53.37 15.76
C LEU D 400 27.86 52.07 15.33
N LYS D 401 27.07 51.10 14.84
CA LYS D 401 27.61 49.85 14.33
C LYS D 401 27.45 49.79 12.83
N THR D 402 28.39 49.09 12.18
CA THR D 402 28.29 48.75 10.79
C THR D 402 28.40 47.25 10.69
N PHE D 403 27.71 46.75 9.68
CA PHE D 403 27.51 45.37 9.48
C PHE D 403 27.56 45.16 7.98
N TYR D 404 28.31 44.13 7.59
CA TYR D 404 28.53 43.75 6.21
C TYR D 404 28.06 42.31 6.03
N MET D 405 27.35 42.03 4.95
CA MET D 405 26.89 40.68 4.72
C MET D 405 26.73 40.37 3.28
N VAL D 406 27.18 39.16 2.90
CA VAL D 406 26.73 38.49 1.67
C VAL D 406 26.11 37.12 1.98
N ALA D 407 25.04 36.81 1.26
CA ALA D 407 24.37 35.51 1.37
C ALA D 407 24.07 34.97 -0.02
N TRP D 408 24.32 33.67 -0.22
CA TRP D 408 24.09 33.01 -1.50
C TRP D 408 23.78 31.55 -1.24
N THR D 409 23.51 30.78 -2.30
CA THR D 409 23.12 29.36 -2.15
C THR D 409 24.05 28.35 -2.82
N ASP D 410 24.72 28.78 -3.86
CA ASP D 410 25.48 27.89 -4.74
C ASP D 410 26.93 27.81 -4.32
N PRO D 411 27.40 26.65 -3.84
CA PRO D 411 28.83 26.57 -3.43
C PRO D 411 29.88 26.93 -4.53
N ASP D 412 29.54 26.80 -5.80
CA ASP D 412 30.46 27.23 -6.89
C ASP D 412 30.71 28.76 -6.98
N GLU D 413 29.83 29.57 -6.38
CA GLU D 413 30.07 31.01 -6.32
C GLU D 413 30.80 31.52 -5.06
N ASP D 414 31.27 30.64 -4.18
CA ASP D 414 31.86 31.06 -2.93
C ASP D 414 32.96 32.06 -3.14
N GLU D 415 33.88 31.78 -4.05
CA GLU D 415 35.02 32.68 -4.22
C GLU D 415 34.61 34.07 -4.60
N GLU D 416 33.59 34.24 -5.44
CA GLU D 416 33.31 35.58 -5.90
C GLU D 416 32.65 36.37 -4.78
N HIS D 417 31.79 35.71 -3.97
CA HIS D 417 31.09 36.45 -2.88
C HIS D 417 32.05 36.81 -1.75
N LEU D 418 32.97 35.91 -1.43
CA LEU D 418 33.96 36.15 -0.40
C LEU D 418 34.94 37.24 -0.82
N ARG D 419 35.24 37.32 -2.10
CA ARG D 419 36.05 38.38 -2.64
C ARG D 419 35.32 39.72 -2.53
N TRP D 420 34.10 39.78 -2.98
CA TRP D 420 33.38 41.04 -2.90
C TRP D 420 33.40 41.61 -1.49
N ILE D 421 32.93 40.85 -0.52
CA ILE D 421 32.86 41.35 0.84
C ILE D 421 34.26 41.67 1.40
N ARG D 422 35.25 40.90 1.05
CA ARG D 422 36.60 41.15 1.57
C ARG D 422 37.21 42.44 1.05
N GLU D 423 37.01 42.69 -0.22
CA GLU D 423 37.53 43.87 -0.86
C GLU D 423 36.82 45.14 -0.46
N ILE D 424 35.50 45.11 -0.24
CA ILE D 424 34.77 46.32 0.14
C ILE D 424 35.20 46.72 1.52
N TYR D 425 35.30 45.76 2.44
CA TYR D 425 35.72 46.03 3.83
C TYR D 425 37.15 46.57 3.92
N ARG D 426 38.04 45.94 3.18
CA ARG D 426 39.43 46.36 3.17
C ARG D 426 39.64 47.75 2.59
N ASP D 427 38.99 48.04 1.46
CA ASP D 427 39.07 49.37 0.87
C ASP D 427 38.57 50.43 1.80
N ILE D 428 37.44 50.22 2.44
CA ILE D 428 36.92 51.18 3.39
C ILE D 428 37.91 51.42 4.53
N HIS D 429 38.58 50.37 5.00
CA HIS D 429 39.55 50.56 6.09
C HIS D 429 41.03 50.57 5.61
N SER D 430 41.28 51.00 4.37
CA SER D 430 42.62 50.92 3.79
C SER D 430 43.66 51.82 4.47
N ALA D 431 43.24 52.92 5.10
CA ALA D 431 44.15 53.77 5.86
C ALA D 431 44.57 53.18 7.23
N THR D 432 43.91 52.12 7.68
CA THR D 432 44.27 51.42 8.94
C THR D 432 44.52 49.93 8.71
N GLY D 433 45.18 49.62 7.59
CA GLY D 433 45.57 48.25 7.26
C GLY D 433 44.42 47.27 7.09
N GLY D 434 43.30 47.75 6.54
CA GLY D 434 42.21 46.89 6.17
C GLY D 434 41.23 46.52 7.25
N VAL D 435 41.42 47.02 8.46
CA VAL D 435 40.54 46.67 9.56
C VAL D 435 40.20 47.87 10.46
N PRO D 436 39.15 47.73 11.28
CA PRO D 436 38.76 48.81 12.17
C PRO D 436 39.53 48.84 13.52
N THR D 437 40.82 49.21 13.45
CA THR D 437 41.68 49.47 14.62
C THR D 437 41.05 50.45 15.60
N PRO D 438 40.94 50.06 16.88
CA PRO D 438 40.49 50.98 17.92
C PRO D 438 41.26 52.27 17.91
N ASP D 439 40.60 53.38 17.62
CA ASP D 439 41.24 54.70 17.56
C ASP D 439 40.22 55.89 17.75
N GLU D 440 40.46 57.01 17.09
CA GLU D 440 39.60 58.20 17.25
C GLU D 440 38.23 57.97 16.61
N VAL D 441 38.22 57.25 15.48
CA VAL D 441 37.05 57.05 14.66
C VAL D 441 36.47 55.63 14.80
N ASN D 442 37.32 54.61 14.80
CA ASN D 442 36.91 53.21 14.87
C ASN D 442 36.97 52.74 16.30
N THR D 443 36.09 51.83 16.67
CA THR D 443 36.15 51.29 18.02
C THR D 443 36.41 49.84 18.08
N GLY D 444 36.49 49.17 16.95
CA GLY D 444 36.69 47.73 16.95
C GLY D 444 35.58 47.05 16.20
N ALA D 445 35.30 45.82 16.63
CA ALA D 445 34.25 45.03 16.00
C ALA D 445 33.58 44.18 17.06
N TYR D 446 32.52 43.52 16.65
CA TYR D 446 31.60 42.92 17.55
C TYR D 446 31.82 41.41 17.47
N ILE D 447 32.11 40.77 18.62
CA ILE D 447 32.43 39.35 18.66
C ILE D 447 31.32 38.41 18.17
N ASN D 448 30.08 38.86 18.23
CA ASN D 448 28.95 38.08 17.64
C ASN D 448 28.75 38.19 16.13
N TYR D 449 29.53 39.07 15.51
CA TYR D 449 29.69 39.08 14.05
C TYR D 449 31.14 38.70 13.67
N PRO D 450 31.60 37.51 14.08
CA PRO D 450 33.04 37.22 14.02
C PRO D 450 33.54 37.03 12.59
N ASP D 451 34.79 37.35 12.36
CA ASP D 451 35.37 37.27 10.99
C ASP D 451 36.83 36.85 11.03
N ILE D 452 37.11 35.62 10.64
CA ILE D 452 38.45 35.07 10.76
C ILE D 452 39.52 35.72 9.88
N ASP D 453 39.09 36.40 8.82
CA ASP D 453 39.98 37.22 8.02
C ASP D 453 40.78 38.25 8.89
N LEU D 454 40.25 38.64 10.05
CA LEU D 454 40.96 39.55 10.99
C LEU D 454 42.27 38.95 11.52
N ALA D 455 42.44 37.65 11.35
CA ALA D 455 43.65 36.98 11.75
C ALA D 455 44.48 36.55 10.54
N ASP D 456 44.05 36.96 9.37
CA ASP D 456 44.69 36.62 8.13
C ASP D 456 45.56 37.80 7.64
N PRO D 457 46.88 37.58 7.46
CA PRO D 457 47.77 38.62 6.97
C PRO D 457 47.45 39.10 5.56
N GLU D 458 46.71 38.35 4.75
CA GLU D 458 46.26 38.88 3.46
C GLU D 458 45.23 40.01 3.63
N TRP D 459 44.49 40.05 4.75
CA TRP D 459 43.43 41.06 4.96
C TRP D 459 43.66 42.01 6.13
N ASN D 460 44.43 41.61 7.13
CA ASN D 460 44.82 42.46 8.24
C ASN D 460 46.31 42.73 8.16
N THR D 461 46.65 43.97 7.87
CA THR D 461 48.02 44.44 7.81
C THR D 461 48.19 45.66 8.70
N SER D 462 47.49 45.69 9.81
CA SER D 462 47.46 46.84 10.67
C SER D 462 48.38 46.65 11.85
N GLY D 463 48.78 45.44 12.14
CA GLY D 463 49.60 45.20 13.32
C GLY D 463 48.77 44.94 14.55
N VAL D 464 47.45 44.98 14.40
CA VAL D 464 46.59 44.98 15.59
C VAL D 464 45.83 43.66 15.62
N PRO D 465 45.91 42.92 16.74
CA PRO D 465 45.36 41.59 16.77
C PRO D 465 43.82 41.58 16.89
N TRP D 466 43.20 40.52 16.36
CA TRP D 466 41.76 40.31 16.48
C TRP D 466 41.28 40.54 17.90
N HIS D 467 42.04 40.10 18.90
CA HIS D 467 41.52 40.14 20.27
C HIS D 467 41.40 41.55 20.79
N THR D 468 42.31 42.43 20.40
CA THR D 468 42.12 43.87 20.61
C THR D 468 40.94 44.50 19.82
N ILE D 469 40.72 44.02 18.60
CA ILE D 469 39.61 44.53 17.82
C ILE D 469 38.28 44.16 18.48
N TYR D 470 38.19 42.95 19.00
CA TYR D 470 36.97 42.50 19.67
C TYR D 470 36.80 42.88 21.13
N TYR D 471 37.86 42.82 21.91
CA TYR D 471 37.75 42.93 23.36
C TYR D 471 38.45 44.16 23.97
N GLY D 472 39.15 44.95 23.18
CA GLY D 472 39.81 46.13 23.68
C GLY D 472 40.63 45.83 24.91
N ASP D 473 40.56 46.69 25.91
CA ASP D 473 41.28 46.52 27.18
C ASP D 473 40.71 45.45 28.05
N ASN D 474 39.63 44.80 27.64
CA ASN D 474 39.09 43.76 28.53
C ASN D 474 39.81 42.42 28.32
N TYR D 475 40.60 42.32 27.26
CA TYR D 475 41.16 41.00 26.95
C TYR D 475 42.07 40.41 28.02
N PRO D 476 42.97 41.21 28.64
CA PRO D 476 43.84 40.65 29.72
C PRO D 476 43.07 40.04 30.85
N ARG D 477 41.98 40.65 31.27
CA ARG D 477 41.20 40.06 32.35
C ARG D 477 40.43 38.83 31.92
N LEU D 478 39.88 38.82 30.72
CA LEU D 478 39.27 37.59 30.16
C LEU D 478 40.32 36.47 30.11
N GLN D 479 41.52 36.77 29.67
CA GLN D 479 42.53 35.72 29.65
C GLN D 479 42.79 35.13 31.05
N GLU D 480 42.82 35.97 32.04
CA GLU D 480 43.16 35.54 33.38
C GLU D 480 42.03 34.65 33.92
N ILE D 481 40.78 35.01 33.63
CA ILE D 481 39.62 34.25 34.09
C ILE D 481 39.58 32.93 33.34
N LYS D 482 39.89 32.99 32.06
CA LYS D 482 39.89 31.77 31.25
C LYS D 482 40.80 30.71 31.87
N SER D 483 41.99 31.17 32.27
CA SER D 483 43.01 30.27 32.77
C SER D 483 42.58 29.71 34.12
N ARG D 484 41.76 30.44 34.87
CA ARG D 484 41.27 29.92 36.16
C ARG D 484 40.10 28.98 35.98
N TRP D 485 39.20 29.26 35.04
CA TRP D 485 37.94 28.49 34.94
C TRP D 485 37.88 27.36 33.90
N ASP D 486 38.83 27.34 32.98
CA ASP D 486 38.94 26.31 31.97
C ASP D 486 40.44 26.10 31.79
N PRO D 487 41.11 25.57 32.84
CA PRO D 487 42.56 25.39 32.79
C PRO D 487 42.97 24.36 31.77
N ARG D 488 42.08 23.43 31.47
CA ARG D 488 42.36 22.45 30.43
C ARG D 488 42.15 23.00 28.98
N ASN D 489 41.67 24.25 28.83
CA ASN D 489 41.28 24.74 27.50
C ASN D 489 40.45 23.69 26.69
N VAL D 490 39.46 23.12 27.36
CA VAL D 490 38.47 22.24 26.76
C VAL D 490 37.57 22.95 25.74
N PHE D 491 37.21 24.19 26.03
CA PHE D 491 36.30 24.97 25.22
C PHE D 491 37.13 25.92 24.40
N ARG D 492 37.28 25.59 23.12
CA ARG D 492 38.06 26.47 22.30
C ARG D 492 37.54 26.55 20.88
N HIS D 493 37.99 27.57 20.16
CA HIS D 493 37.78 27.67 18.73
C HIS D 493 38.72 28.72 18.22
N ALA D 494 38.60 29.08 16.95
CA ALA D 494 39.57 29.99 16.35
C ALA D 494 39.74 31.31 17.09
N PHE D 495 38.66 31.91 17.53
CA PHE D 495 38.71 33.15 18.31
C PHE D 495 38.40 32.94 19.79
N SER D 496 38.68 31.79 20.36
CA SER D 496 38.46 31.64 21.79
C SER D 496 39.55 32.40 22.59
N ILE D 497 39.17 32.84 23.77
CA ILE D 497 40.08 33.55 24.65
C ILE D 497 41.21 32.55 24.96
N ARG D 498 42.46 32.96 24.77
CA ARG D 498 43.62 32.09 25.08
C ARG D 498 44.09 32.37 26.51
N PRO D 499 44.22 31.33 27.35
CA PRO D 499 44.67 31.58 28.72
C PRO D 499 45.98 32.36 28.83
N ARG D 500 46.19 32.98 29.98
CA ARG D 500 47.04 34.19 30.14
C ARG D 500 48.48 34.06 29.63
PA FAD E . -0.84 -43.18 -22.74
O1A FAD E . -0.18 -43.87 -21.58
O2A FAD E . -0.18 -41.90 -23.12
O5B FAD E . -0.88 -44.20 -23.95
C5B FAD E . -1.46 -45.51 -23.92
C4B FAD E . -0.90 -46.31 -25.09
O4B FAD E . -1.37 -45.68 -26.33
C3B FAD E . 0.62 -46.28 -25.12
O3B FAD E . 1.12 -47.46 -25.70
C2B FAD E . 0.90 -45.12 -26.08
O2B FAD E . 2.12 -45.24 -26.75
C1B FAD E . -0.26 -45.17 -27.03
N9A FAD E . -0.62 -43.83 -27.48
C8A FAD E . -0.98 -42.75 -26.75
N7A FAD E . -1.13 -41.72 -27.60
C5A FAD E . -0.97 -42.18 -28.85
C6A FAD E . -1.07 -41.62 -30.21
N6A FAD E . -1.40 -40.35 -30.34
N1A FAD E . -0.83 -42.39 -31.28
C2A FAD E . -0.47 -43.67 -31.09
N3A FAD E . -0.36 -44.23 -29.88
C4A FAD E . -0.62 -43.54 -28.77
N1 FAD E . -10.65 -46.92 -20.32
C2 FAD E . -11.97 -47.03 -20.71
O2 FAD E . -12.22 -47.54 -21.82
N3 FAD E . -12.97 -46.60 -19.93
C4 FAD E . -12.74 -46.02 -18.75
O4 FAD E . -13.69 -45.61 -18.05
C4X FAD E . -11.38 -45.88 -18.26
N5 FAD E . -11.08 -45.32 -17.05
C5X FAD E . -9.80 -45.02 -16.75
C6 FAD E . -9.49 -44.25 -15.63
C7 FAD E . -8.20 -43.89 -15.26
C7M FAD E . -7.89 -43.04 -14.00
C8 FAD E . -7.11 -44.40 -16.17
C8M FAD E . -5.70 -44.10 -15.85
C9 FAD E . -7.38 -45.18 -17.28
C9A FAD E . -8.69 -45.52 -17.60
N10 FAD E . -9.01 -46.27 -18.74
C10 FAD E . -10.33 -46.37 -19.14
C1' FAD E . -8.02 -46.98 -19.52
C2' FAD E . -7.55 -46.05 -20.64
O2' FAD E . -8.51 -46.08 -21.70
C3' FAD E . -6.17 -46.46 -21.12
O3' FAD E . -5.28 -46.26 -20.02
C4' FAD E . -5.68 -45.65 -22.33
O4' FAD E . -4.78 -46.51 -23.06
C5' FAD E . -5.00 -44.35 -21.90
O5' FAD E . -4.77 -43.51 -23.04
P FAD E . -3.68 -42.38 -22.82
O1P FAD E . -4.02 -41.65 -21.59
O2P FAD E . -3.43 -41.63 -24.10
O3P FAD E . -2.34 -43.07 -22.24
CAC 67L F . -5.71 -47.02 -14.46
CAB 67L F . -4.58 -47.30 -15.23
CAA 67L F . -4.68 -48.08 -16.36
CAF 67L F . -5.93 -48.61 -16.72
NAE 67L F . -7.09 -48.32 -15.91
CAD 67L F . -6.96 -47.55 -14.80
CAG 67L F . -8.10 -47.28 -14.06
NAL 67L F . -9.30 -47.70 -14.55
CAH 67L F . -8.03 -46.59 -12.85
CAI 67L F . -9.20 -46.36 -12.18
OAM 67L F . -9.08 -45.71 -11.01
CAJ 67L F . -10.45 -46.80 -12.68
CAK 67L F . -10.47 -47.48 -13.90
CAN 67L F . -11.66 -47.96 -14.48
OAO 67L F . -11.77 -47.52 -15.86
PA FAD G . -16.90 -17.20 -10.69
O1A FAD G . -17.88 -17.78 -9.77
O2A FAD G . -17.02 -17.38 -12.18
O5B FAD G . -16.80 -15.60 -10.45
C5B FAD G . -16.33 -15.02 -9.21
C4B FAD G . -16.67 -13.55 -9.21
O4B FAD G . -15.94 -12.93 -10.26
C3B FAD G . -18.12 -13.24 -9.54
O3B FAD G . -18.47 -11.97 -9.04
C2B FAD G . -18.14 -13.07 -11.04
O2B FAD G . -19.23 -12.32 -11.58
C1B FAD G . -16.81 -12.37 -11.23
N9A FAD G . -16.22 -12.72 -12.52
C8A FAD G . -15.94 -13.96 -12.93
N7A FAD G . -15.37 -13.91 -14.13
C5A FAD G . -15.26 -12.63 -14.49
C6A FAD G . -14.76 -11.89 -15.65
N6A FAD G . -14.20 -12.48 -16.70
N1A FAD G . -14.86 -10.55 -15.60
C2A FAD G . -15.38 -9.93 -14.55
N3A FAD G . -15.86 -10.52 -13.46
C4A FAD G . -15.82 -11.86 -13.40
N1 FAD G . -8.51 -18.41 -4.09
C2 FAD G . -7.16 -18.24 -3.93
O2 FAD G . -6.67 -17.11 -4.01
N3 FAD G . -6.30 -19.25 -3.74
C4 FAD G . -6.75 -20.52 -3.68
O4 FAD G . -6.03 -21.48 -3.51
C4X FAD G . -8.17 -20.78 -3.82
N5 FAD G . -8.64 -22.05 -3.75
C5X FAD G . -9.90 -22.29 -4.12
C6 FAD G . -10.29 -23.59 -4.24
C7 FAD G . -11.58 -23.90 -4.62
C7M FAD G . -12.01 -25.36 -4.77
C8 FAD G . -12.51 -22.81 -4.86
C8M FAD G . -13.92 -23.12 -5.23
C9 FAD G . -12.14 -21.50 -4.71
C9A FAD G . -10.86 -21.19 -4.35
N10 FAD G . -10.42 -19.89 -4.16
C10 FAD G . -9.05 -19.64 -4.03
C1' FAD G . -11.32 -18.76 -4.25
C2' FAD G . -11.37 -18.31 -5.70
O2' FAD G . -10.22 -17.52 -6.01
C3' FAD G . -12.59 -17.47 -5.89
O3' FAD G . -13.63 -18.33 -5.57
C4' FAD G . -12.64 -16.94 -7.34
O4' FAD G . -13.39 -15.76 -7.31
C5' FAD G . -13.31 -17.90 -8.30
O5' FAD G . -13.19 -17.30 -9.57
P FAD G . -14.09 -17.96 -10.70
O1P FAD G . -13.88 -19.43 -10.59
O2P FAD G . -13.90 -17.17 -12.02
O3P FAD G . -15.56 -17.82 -10.07
CAC 67L H . -14.85 -22.91 -2.21
CAB 67L H . -15.71 -21.93 -2.66
CAA 67L H . -15.38 -20.57 -2.59
CAF 67L H . -14.14 -20.19 -2.07
NAE 67L H . -13.28 -21.21 -1.62
CAD 67L H . -13.61 -22.53 -1.68
CAG 67L H . -12.67 -23.46 -1.25
NAL 67L H . -11.48 -22.99 -0.87
CAH 67L H . -12.92 -24.83 -1.25
CAI 67L H . -11.93 -25.68 -0.81
OAM 67L H . -12.19 -27.01 -0.81
CAJ 67L H . -10.69 -25.17 -0.39
CAK 67L H . -10.48 -23.79 -0.44
CAN 67L H . -9.28 -23.21 -0.05
OAO 67L H . -9.05 -22.03 -0.88
PA FAD I . -7.41 31.64 15.47
O1A FAD I . -7.56 32.83 14.65
O2A FAD I . -6.86 31.71 16.90
O5B FAD I . -8.70 30.72 15.55
C5B FAD I . -9.42 30.43 14.37
C4B FAD I . -10.78 29.88 14.70
O4B FAD I . -10.58 28.75 15.58
C3B FAD I . -11.64 30.86 15.42
O3B FAD I . -13.02 30.64 15.09
C2B FAD I . -11.33 30.46 16.88
O2B FAD I . -12.22 31.03 17.84
C1B FAD I . -11.20 28.97 16.81
N9A FAD I . -10.24 28.51 17.83
C8A FAD I . -8.95 28.87 18.01
N7A FAD I . -8.45 28.24 19.12
C5A FAD I . -9.43 27.49 19.60
C6A FAD I . -9.54 26.58 20.73
N6A FAD I . -8.49 26.40 21.53
N1A FAD I . -10.70 25.96 20.92
C2A FAD I . -11.73 26.18 20.10
N3A FAD I . -11.68 27.00 19.03
C4A FAD I . -10.57 27.65 18.78
N1 FAD I . -4.17 25.83 7.10
C2 FAD I . -3.81 24.58 6.74
O2 FAD I . -4.64 23.63 6.98
N3 FAD I . -2.62 24.33 6.12
C4 FAD I . -1.73 25.33 5.85
O4 FAD I . -0.62 25.11 5.32
C4X FAD I . -2.06 26.70 6.27
N5 FAD I . -1.25 27.75 6.02
C5X FAD I . -1.50 28.93 6.66
C6 FAD I . -0.56 29.95 6.64
C7 FAD I . -0.74 31.14 7.29
C7M FAD I . 0.34 32.21 7.23
C8 FAD I . -2.04 31.34 7.96
C8M FAD I . -2.37 32.62 8.66
C9 FAD I . -3.02 30.36 7.96
C9A FAD I . -2.79 29.17 7.32
N10 FAD I . -3.73 28.15 7.30
C10 FAD I . -3.35 26.89 6.89
C1' FAD I . -5.06 28.38 7.81
C2' FAD I . -5.14 28.02 9.28
O2' FAD I . -5.28 26.60 9.38
C3' FAD I . -6.35 28.67 9.92
O3' FAD I . -6.24 30.09 9.84
C4' FAD I . -6.51 28.22 11.38
O4' FAD I . -7.85 28.37 11.76
C5' FAD I . -5.76 29.09 12.35
O5' FAD I . -5.96 28.61 13.68
P FAD I . -5.37 29.60 14.80
O1P FAD I . -4.07 30.05 14.35
O2P FAD I . -5.50 28.88 16.17
O3P FAD I . -6.34 30.85 14.57
CAC 67L J . -3.86 33.28 5.96
CAB 67L J . -4.97 33.58 6.75
CAA 67L J . -6.05 32.70 6.85
CAF 67L J . -6.01 31.54 6.14
NAE 67L J . -4.88 31.25 5.34
CAD 67L J . -3.83 32.09 5.24
CAG 67L J . -2.76 31.75 4.44
NAL 67L J . -2.72 30.50 3.87
CAH 67L J . -1.73 32.67 4.18
CAI 67L J . -0.69 32.26 3.36
OAM 67L J . 0.28 33.14 3.12
CAJ 67L J . -0.65 30.97 2.80
CAK 67L J . -1.71 30.09 3.06
CAN 67L J . -1.73 28.79 2.53
OAO 67L J . -2.24 27.91 3.53
PA FAD K . 25.54 29.16 18.07
O1A FAD K . 26.07 29.12 16.69
O2A FAD K . 24.71 28.02 18.62
O5B FAD K . 26.68 29.57 19.08
C5B FAD K . 27.51 30.70 18.88
C4B FAD K . 28.78 30.56 19.71
O4B FAD K . 28.44 30.48 21.08
C3B FAD K . 29.53 29.27 19.41
O3B FAD K . 30.94 29.37 19.70
C2B FAD K . 28.99 28.31 20.43
O2B FAD K . 29.94 27.28 20.71
C1B FAD K . 28.76 29.23 21.62
N9A FAD K . 27.65 28.75 22.42
C8A FAD K . 26.39 28.46 22.04
N7A FAD K . 25.64 28.03 23.10
C5A FAD K . 26.47 28.06 24.14
C6A FAD K . 26.40 27.72 25.53
N6A FAD K . 25.27 27.32 26.06
N1A FAD K . 27.45 27.91 26.30
C2A FAD K . 28.58 28.36 25.83
N3A FAD K . 28.74 28.66 24.56
C4A FAD K . 27.75 28.54 23.71
N1 FAD K . 23.46 39.72 17.39
C2 FAD K . 23.00 40.79 18.07
O2 FAD K . 23.59 41.15 19.12
N3 FAD K . 21.91 41.52 17.65
C4 FAD K . 21.24 41.21 16.53
O4 FAD K . 20.24 41.84 16.12
C4X FAD K . 21.68 40.02 15.76
N5 FAD K . 21.04 39.64 14.63
C5X FAD K . 21.31 38.40 14.12
C6 FAD K . 20.49 37.84 13.15
C7 FAD K . 20.72 36.60 12.55
C7M FAD K . 19.78 36.05 11.48
C8 FAD K . 21.90 35.86 13.02
C8M FAD K . 22.22 34.53 12.40
C9 FAD K . 22.76 36.37 14.00
C9A FAD K . 22.50 37.63 14.54
N10 FAD K . 23.32 38.20 15.53
C10 FAD K . 22.86 39.32 16.25
C1' FAD K . 24.52 37.53 15.98
C2' FAD K . 24.18 36.51 17.05
O2' FAD K . 24.14 37.27 18.22
C3' FAD K . 25.31 35.52 17.21
O3' FAD K . 25.40 34.85 15.98
C4' FAD K . 25.22 34.55 18.40
O4' FAD K . 26.52 34.15 18.81
C5' FAD K . 24.53 33.26 18.03
O5' FAD K . 24.17 32.58 19.21
P FAD K . 23.60 31.14 19.00
O1P FAD K . 22.47 31.22 17.99
O2P FAD K . 23.43 30.39 20.29
O3P FAD K . 24.66 30.48 18.01
CAC 67K L . 24.15 36.31 10.37
CAB 67K L . 25.13 35.43 10.84
CAA 67K L . 25.99 35.72 11.90
CAN 67K L . 21.80 41.84 11.58
CAG 67K L . 23.01 38.51 10.54
CAK 67K L . 21.92 40.63 10.88
CAH 67K L . 22.14 38.24 9.47
OAO 67K L . 22.56 42.14 12.50
NAL 67K L . 22.85 39.69 11.21
CAJ 67K L . 21.06 40.38 9.81
CAI 67K L . 21.16 39.18 9.09
OAM 67K L . 20.32 38.91 8.04
CAD 67K L . 24.00 37.58 10.96
NAE 67K L . 24.83 37.88 11.99
CAF 67K L . 25.83 36.96 12.48
#